data_6AE3
#
_entry.id   6AE3
#
_cell.length_a   67.588
_cell.length_b   134.360
_cell.length_c   100.393
_cell.angle_alpha   90.00
_cell.angle_beta   103.80
_cell.angle_gamma   90.00
#
_symmetry.space_group_name_H-M   'P 1 21 1'
#
loop_
_entity.id
_entity.type
_entity.pdbx_description
1 polymer 'Glycogen synthase kinase-3 beta'
2 non-polymer 2-[2,4-bis(oxidanyl)phenyl]-3,5,7-tris(oxidanyl)chromen-4-one
3 non-polymer GLYCEROL
4 water water
#
_entity_poly.entity_id   1
_entity_poly.type   'polypeptide(L)'
_entity_poly.pdbx_seq_one_letter_code
;MSGRPRTTSFAESCKPVQQPSAFGSMKVSRDKDGSKVTTVVATPGQGPDRPQEVSYTDTKVIGNGSFGVVYQAKLCDSGE
LVAIKKVLQDKRFKNRELQIMRKLDHCNIVRLRYFFYSSGEKKDEVYLNLVLDYVPETVYRVARHYSRAKQTLPVIYVKL
YMYQLFRSLAYIHSFGICHRDIKPQNLLLDPDTAVLKLCDFGSAKQLVRGEPNVS(PTR)ICSRYYRAPELIFGATDYTS
SIDVWSAGCVLAELLLGQPIFPGDSGVDQLVEIIKVLGTPTREQIREMNPNYTEFKFPQIKAHPWTKVFRPRTPPEAIAL
CSRLLEYTPTARLTPLEACAHSFFDELRDPNVKLPNGRDTPALFNFTTQELSSNPPLATILIPPHARIQAAASPPANATA
ASDTNAGDRGQTNNAASASASNST
;
_entity_poly.pdbx_strand_id   A,B,C,D
#
loop_
_chem_comp.id
_chem_comp.type
_chem_comp.name
_chem_comp.formula
GOL non-polymer GLYCEROL 'C3 H8 O3'
MRI non-polymer 2-[2,4-bis(oxidanyl)phenyl]-3,5,7-tris(oxidanyl)chromen-4-one 'C15 H10 O7'
#
# COMPACT_ATOMS: atom_id res chain seq x y z
N LYS A 36 15.61 54.67 18.14
CA LYS A 36 17.08 54.55 17.90
C LYS A 36 17.37 54.72 16.41
N VAL A 37 18.22 55.71 16.07
CA VAL A 37 18.58 56.02 14.68
C VAL A 37 20.05 55.64 14.44
N THR A 38 20.28 54.98 13.29
CA THR A 38 21.57 54.58 12.81
C THR A 38 21.88 55.32 11.52
N THR A 39 23.12 55.80 11.35
CA THR A 39 23.51 56.53 10.18
C THR A 39 24.78 55.89 9.65
N VAL A 40 24.82 55.61 8.34
CA VAL A 40 25.97 54.96 7.75
C VAL A 40 26.32 55.71 6.47
N VAL A 41 27.53 55.54 5.97
CA VAL A 41 27.80 56.00 4.66
C VAL A 41 27.48 54.85 3.68
N ALA A 42 26.62 55.10 2.71
CA ALA A 42 26.18 54.06 1.78
C ALA A 42 26.18 54.61 0.37
N THR A 43 26.31 53.69 -0.60
CA THR A 43 26.23 53.99 -2.02
C THR A 43 24.86 53.55 -2.56
N PRO A 44 24.16 54.39 -3.34
CA PRO A 44 22.88 54.01 -3.91
C PRO A 44 23.04 52.87 -4.92
N GLY A 45 22.06 51.96 -4.94
CA GLY A 45 22.11 50.74 -5.75
C GLY A 45 22.20 51.02 -7.22
N GLN A 46 21.51 52.09 -7.64
CA GLN A 46 21.45 52.59 -9.01
C GLN A 46 21.97 54.03 -9.04
N GLY A 47 22.26 54.55 -10.24
CA GLY A 47 22.67 55.94 -10.39
C GLY A 47 24.16 56.09 -10.08
N PRO A 48 24.62 57.30 -9.67
CA PRO A 48 26.05 57.57 -9.55
C PRO A 48 26.71 56.76 -8.43
N ASP A 49 27.91 56.23 -8.67
CA ASP A 49 28.64 55.46 -7.67
C ASP A 49 29.25 56.45 -6.66
N ARG A 50 28.39 57.18 -5.95
CA ARG A 50 28.81 58.25 -5.01
C ARG A 50 28.20 57.93 -3.65
N PRO A 51 28.99 57.74 -2.58
CA PRO A 51 28.43 57.49 -1.25
C PRO A 51 27.71 58.72 -0.67
N GLN A 52 26.73 58.50 0.22
CA GLN A 52 25.96 59.53 0.90
C GLN A 52 25.58 59.03 2.30
N GLU A 53 25.20 59.93 3.21
CA GLU A 53 24.69 59.55 4.52
C GLU A 53 23.27 59.00 4.35
N VAL A 54 22.96 57.86 4.97
CA VAL A 54 21.58 57.30 4.97
C VAL A 54 21.32 56.87 6.40
N SER A 55 20.13 57.18 6.89
CA SER A 55 19.78 56.90 8.30
C SER A 55 18.54 55.98 8.40
N TYR A 56 18.57 55.03 9.32
CA TYR A 56 17.45 54.11 9.46
C TYR A 56 17.17 53.80 10.95
N THR A 57 15.91 53.45 11.23
CA THR A 57 15.43 53.17 12.59
C THR A 57 14.52 51.92 12.59
N ASP A 58 14.02 51.58 13.78
CA ASP A 58 13.12 50.45 14.01
C ASP A 58 13.77 49.13 13.56
N THR A 59 15.08 49.02 13.79
CA THR A 59 15.87 47.87 13.37
C THR A 59 15.44 46.64 14.17
N LYS A 60 15.06 45.56 13.46
CA LYS A 60 14.62 44.27 14.03
C LYS A 60 15.12 43.13 13.13
N VAL A 61 15.72 42.09 13.71
CA VAL A 61 16.10 40.89 12.98
C VAL A 61 14.85 40.18 12.48
N ILE A 62 14.80 39.84 11.19
CA ILE A 62 13.69 39.03 10.63
C ILE A 62 14.21 37.66 10.18
N GLY A 63 15.49 37.40 10.34
CA GLY A 63 15.99 36.08 10.09
C GLY A 63 17.50 35.94 10.11
N ASN A 64 17.96 34.71 10.27
CA ASN A 64 19.33 34.31 10.17
C ASN A 64 19.50 33.41 8.94
N GLY A 65 20.73 33.29 8.45
CA GLY A 65 21.03 32.49 7.29
C GLY A 65 22.45 32.00 7.32
N SER A 66 22.81 31.20 6.32
CA SER A 66 24.17 30.71 6.21
C SER A 66 25.10 31.89 5.90
N PHE A 67 24.59 32.86 5.14
CA PHE A 67 25.35 34.04 4.74
C PHE A 67 25.51 35.04 5.90
N GLY A 68 24.62 34.98 6.90
CA GLY A 68 24.63 35.99 7.94
C GLY A 68 23.23 36.26 8.44
N VAL A 69 22.83 37.55 8.53
CA VAL A 69 21.57 37.94 9.16
C VAL A 69 20.80 38.90 8.26
N VAL A 70 19.48 38.95 8.41
CA VAL A 70 18.60 39.85 7.68
C VAL A 70 17.79 40.60 8.70
N TYR A 71 17.71 41.92 8.54
CA TYR A 71 16.97 42.80 9.44
C TYR A 71 15.89 43.49 8.64
N GLN A 72 14.91 44.04 9.36
CA GLN A 72 13.91 44.97 8.82
C GLN A 72 14.12 46.32 9.49
N ALA A 73 13.92 47.42 8.76
CA ALA A 73 14.19 48.72 9.32
C ALA A 73 13.42 49.76 8.52
N LYS A 74 13.36 50.98 9.05
CA LYS A 74 12.61 52.04 8.43
C LYS A 74 13.62 53.13 8.03
N LEU A 75 13.61 53.50 6.76
CA LEU A 75 14.42 54.62 6.30
C LEU A 75 13.83 55.90 6.92
N CYS A 76 14.66 56.74 7.53
CA CYS A 76 14.15 57.94 8.21
C CYS A 76 13.59 58.98 7.22
N ASP A 77 14.28 59.16 6.08
CA ASP A 77 13.90 60.17 5.06
C ASP A 77 12.46 59.97 4.55
N SER A 78 12.16 58.76 4.04
CA SER A 78 10.90 58.46 3.38
C SER A 78 9.93 57.72 4.30
N GLY A 79 10.45 57.09 5.36
CA GLY A 79 9.64 56.27 6.22
C GLY A 79 9.41 54.85 5.70
N GLU A 80 9.82 54.55 4.45
CA GLU A 80 9.56 53.24 3.81
C GLU A 80 10.28 52.11 4.54
N LEU A 81 9.66 50.92 4.58
CA LEU A 81 10.27 49.72 5.16
C LEU A 81 11.29 49.14 4.17
N VAL A 82 12.39 48.59 4.71
CA VAL A 82 13.42 47.98 3.92
C VAL A 82 13.90 46.74 4.67
N ALA A 83 14.53 45.83 3.95
CA ALA A 83 15.24 44.73 4.56
C ALA A 83 16.73 45.06 4.44
N ILE A 84 17.53 44.60 5.38
CA ILE A 84 18.92 44.82 5.31
C ILE A 84 19.55 43.45 5.43
N LYS A 85 20.15 42.95 4.35
CA LYS A 85 20.76 41.69 4.34
C LYS A 85 22.24 41.93 4.62
N LYS A 86 22.74 41.35 5.70
CA LYS A 86 24.08 41.52 6.13
C LYS A 86 24.85 40.24 5.87
N VAL A 87 25.84 40.29 4.96
CA VAL A 87 26.54 39.12 4.45
C VAL A 87 28.01 39.23 4.80
N LEU A 88 28.58 38.16 5.36
CA LEU A 88 30.02 38.13 5.67
C LEU A 88 30.78 37.98 4.35
N GLN A 89 31.86 38.74 4.17
CA GLN A 89 32.51 38.78 2.85
C GLN A 89 33.26 37.48 2.53
N ARG A 92 39.36 37.62 -0.08
CA ARG A 92 40.08 37.18 -1.28
C ARG A 92 39.39 37.57 -2.61
N PHE A 93 38.05 37.63 -2.67
CA PHE A 93 37.34 37.85 -3.95
C PHE A 93 36.31 38.98 -3.77
N LYS A 94 35.95 39.67 -4.87
CA LYS A 94 34.81 40.62 -4.90
C LYS A 94 33.48 39.86 -4.74
N ASN A 95 32.47 40.51 -4.15
CA ASN A 95 31.16 39.89 -3.90
C ASN A 95 30.36 39.86 -5.23
N ARG A 96 30.09 38.64 -5.71
CA ARG A 96 29.35 38.43 -6.94
C ARG A 96 27.92 38.92 -6.79
N GLU A 97 27.29 38.71 -5.63
CA GLU A 97 25.89 39.12 -5.40
C GLU A 97 25.77 40.63 -5.57
N LEU A 98 26.74 41.39 -5.04
CA LEU A 98 26.71 42.86 -5.16
C LEU A 98 26.89 43.31 -6.63
N GLN A 99 27.82 42.70 -7.36
CA GLN A 99 28.10 43.08 -8.74
C GLN A 99 26.83 42.83 -9.57
N ILE A 100 26.20 41.68 -9.37
CA ILE A 100 24.96 41.37 -10.09
C ILE A 100 23.86 42.36 -9.70
N MET A 101 23.71 42.63 -8.42
CA MET A 101 22.55 43.41 -8.00
C MET A 101 22.66 44.87 -8.46
N ARG A 102 23.87 45.41 -8.57
CA ARG A 102 24.03 46.81 -8.95
C ARG A 102 23.59 47.06 -10.41
N LYS A 103 23.47 46.01 -11.23
CA LYS A 103 23.09 46.11 -12.60
C LYS A 103 21.58 46.03 -12.79
N LEU A 104 20.81 45.64 -11.77
CA LEU A 104 19.42 45.24 -12.02
C LEU A 104 18.49 46.33 -11.49
N ASP A 105 17.46 46.66 -12.27
CA ASP A 105 16.37 47.57 -11.84
C ASP A 105 15.11 47.18 -12.62
N HIS A 106 14.21 46.44 -12.00
CA HIS A 106 13.00 45.94 -12.66
C HIS A 106 11.88 45.80 -11.62
N CYS A 107 10.65 46.01 -12.07
CA CYS A 107 9.47 45.99 -11.17
C CYS A 107 9.27 44.58 -10.55
N ASN A 108 9.78 43.50 -11.16
CA ASN A 108 9.56 42.17 -10.62
C ASN A 108 10.83 41.59 -9.98
N ILE A 109 11.79 42.44 -9.62
CA ILE A 109 12.96 42.06 -8.86
C ILE A 109 13.11 42.97 -7.63
N VAL A 110 13.45 42.40 -6.49
CA VAL A 110 13.72 43.22 -5.30
C VAL A 110 14.83 44.21 -5.65
N ARG A 111 14.63 45.50 -5.39
CA ARG A 111 15.58 46.54 -5.75
C ARG A 111 16.60 46.75 -4.63
N LEU A 112 17.87 46.73 -4.98
CA LEU A 112 18.92 47.13 -4.06
C LEU A 112 18.92 48.67 -3.91
N ARG A 113 18.52 49.16 -2.75
CA ARG A 113 18.38 50.61 -2.53
C ARG A 113 19.74 51.24 -2.25
N TYR A 114 20.52 50.62 -1.37
CA TYR A 114 21.85 51.05 -0.94
C TYR A 114 22.68 49.84 -0.56
N PHE A 115 24.00 50.01 -0.52
CA PHE A 115 24.90 49.06 0.07
C PHE A 115 25.95 49.84 0.86
N PHE A 116 26.52 49.18 1.89
CA PHE A 116 27.54 49.77 2.72
C PHE A 116 28.27 48.67 3.45
N TYR A 117 29.47 48.96 3.95
CA TYR A 117 30.29 47.99 4.62
C TYR A 117 30.31 48.27 6.12
N SER A 118 30.50 47.21 6.92
CA SER A 118 30.58 47.29 8.39
C SER A 118 31.51 46.18 8.88
N SER A 119 31.90 46.21 10.16
CA SER A 119 32.89 45.23 10.65
C SER A 119 32.28 44.42 11.79
N GLY A 120 32.79 43.19 11.96
CA GLY A 120 32.32 42.22 12.97
C GLY A 120 33.37 42.00 14.05
N LYS A 122 34.61 40.19 14.67
CA LYS A 122 36.01 39.89 15.00
C LYS A 122 36.96 40.71 14.11
N LYS A 123 38.27 40.52 14.32
CA LYS A 123 39.32 41.22 13.54
C LYS A 123 39.37 40.65 12.12
N ASP A 124 39.42 41.55 11.14
CA ASP A 124 39.51 41.25 9.68
C ASP A 124 38.15 40.75 9.13
N GLU A 125 37.10 40.69 9.96
CA GLU A 125 35.78 40.32 9.45
C GLU A 125 35.10 41.58 8.90
N VAL A 126 34.70 41.53 7.63
CA VAL A 126 34.00 42.63 6.98
C VAL A 126 32.64 42.13 6.51
N TYR A 127 31.61 42.95 6.71
CA TYR A 127 30.25 42.63 6.31
C TYR A 127 29.78 43.60 5.21
N LEU A 128 29.17 43.03 4.17
CA LEU A 128 28.44 43.76 3.19
C LEU A 128 26.97 43.81 3.61
N ASN A 129 26.38 44.99 3.55
CA ASN A 129 25.04 45.23 3.96
C ASN A 129 24.23 45.65 2.74
N LEU A 130 23.21 44.88 2.37
CA LEU A 130 22.38 45.20 1.24
C LEU A 130 21.06 45.74 1.75
N VAL A 131 20.73 46.98 1.39
CA VAL A 131 19.48 47.55 1.73
C VAL A 131 18.52 47.33 0.57
N LEU A 132 17.47 46.54 0.81
CA LEU A 132 16.56 46.08 -0.23
C LEU A 132 15.12 46.45 0.08
N ASP A 133 14.28 46.45 -0.97
CA ASP A 133 12.83 46.62 -0.83
C ASP A 133 12.32 45.57 0.16
N TYR A 134 11.39 45.95 1.02
CA TYR A 134 10.77 45.04 1.94
C TYR A 134 9.49 44.52 1.31
N VAL A 135 9.29 43.20 1.38
CA VAL A 135 8.11 42.58 0.81
C VAL A 135 7.63 41.56 1.84
N PRO A 136 6.36 41.61 2.26
CA PRO A 136 5.92 40.86 3.45
C PRO A 136 5.75 39.36 3.25
N GLU A 137 5.34 38.90 2.08
CA GLU A 137 4.94 37.50 1.92
C GLU A 137 5.73 36.80 0.79
N THR A 138 5.56 35.47 0.67
CA THR A 138 6.22 34.65 -0.34
C THR A 138 5.20 33.73 -0.97
N VAL A 139 5.55 33.23 -2.16
CA VAL A 139 4.75 32.27 -2.87
C VAL A 139 4.71 31.01 -2.02
N TYR A 140 5.82 30.66 -1.35
CA TYR A 140 5.84 29.46 -0.47
C TYR A 140 4.72 29.50 0.61
N ARG A 141 4.57 30.62 1.32
CA ARG A 141 3.58 30.79 2.38
C ARG A 141 2.16 30.80 1.79
N VAL A 142 1.93 31.46 0.66
CA VAL A 142 0.62 31.44 0.03
C VAL A 142 0.28 30.00 -0.39
N ALA A 143 1.21 29.28 -1.03
CA ALA A 143 0.93 27.90 -1.41
C ALA A 143 0.61 27.01 -0.19
N ARG A 144 1.39 27.16 0.89
CA ARG A 144 1.22 26.40 2.12
C ARG A 144 -0.17 26.72 2.73
N HIS A 145 -0.58 27.98 2.75
CA HIS A 145 -1.92 28.36 3.20
C HIS A 145 -2.99 27.55 2.44
N TYR A 146 -2.92 27.53 1.11
CA TYR A 146 -3.89 26.81 0.32
C TYR A 146 -3.82 25.30 0.58
N SER A 147 -2.61 24.73 0.68
CA SER A 147 -2.45 23.31 0.89
C SER A 147 -3.09 22.89 2.22
N ARG A 148 -2.86 23.65 3.29
CA ARG A 148 -3.37 23.34 4.58
C ARG A 148 -4.91 23.40 4.58
N ALA A 149 -5.51 24.32 3.82
CA ALA A 149 -6.95 24.41 3.66
C ALA A 149 -7.50 23.37 2.67
N LYS A 150 -6.65 22.49 2.12
CA LYS A 150 -7.04 21.45 1.17
C LYS A 150 -7.68 22.06 -0.09
N GLN A 151 -7.16 23.22 -0.55
CA GLN A 151 -7.66 23.88 -1.78
C GLN A 151 -6.47 24.20 -2.68
N THR A 152 -6.66 24.20 -4.01
CA THR A 152 -5.61 24.73 -4.89
C THR A 152 -5.79 26.23 -5.07
N LEU A 153 -4.67 26.90 -5.31
CA LEU A 153 -4.65 28.33 -5.63
C LEU A 153 -5.48 28.55 -6.89
N PRO A 154 -6.42 29.50 -6.90
CA PRO A 154 -7.16 29.82 -8.12
C PRO A 154 -6.17 30.11 -9.26
N VAL A 155 -6.50 29.64 -10.45
CA VAL A 155 -5.58 29.66 -11.56
C VAL A 155 -5.20 31.11 -11.89
N ILE A 156 -6.06 32.09 -11.62
CA ILE A 156 -5.76 33.48 -11.94
C ILE A 156 -4.51 33.94 -11.18
N TYR A 157 -4.33 33.52 -9.94
CA TYR A 157 -3.17 33.84 -9.15
C TYR A 157 -1.93 33.10 -9.69
N VAL A 158 -2.12 31.85 -10.13
CA VAL A 158 -1.07 31.06 -10.70
C VAL A 158 -0.57 31.78 -11.96
N LYS A 159 -1.49 32.30 -12.77
CA LYS A 159 -1.12 33.02 -13.99
C LYS A 159 -0.34 34.27 -13.60
N LEU A 160 -0.88 35.04 -12.66
CA LEU A 160 -0.27 36.30 -12.26
C LEU A 160 1.15 36.10 -11.73
N TYR A 161 1.35 35.16 -10.80
CA TYR A 161 2.62 34.92 -10.21
C TYR A 161 3.62 34.43 -11.26
N MET A 162 3.27 33.41 -12.05
CA MET A 162 4.17 32.84 -12.98
C MET A 162 4.57 33.89 -14.04
N TYR A 163 3.63 34.71 -14.48
CA TYR A 163 3.88 35.67 -15.53
C TYR A 163 4.96 36.65 -15.05
N GLN A 164 4.81 37.18 -13.85
CA GLN A 164 5.74 38.09 -13.26
C GLN A 164 7.12 37.42 -13.10
N LEU A 165 7.17 36.16 -12.71
CA LEU A 165 8.42 35.43 -12.58
C LEU A 165 9.10 35.35 -13.96
N PHE A 166 8.35 35.04 -15.03
CA PHE A 166 8.91 34.97 -16.35
C PHE A 166 9.47 36.32 -16.79
N ARG A 167 8.79 37.43 -16.46
CA ARG A 167 9.29 38.76 -16.76
C ARG A 167 10.61 38.99 -16.06
N SER A 168 10.72 38.57 -14.80
CA SER A 168 11.92 38.75 -14.07
C SER A 168 13.04 37.92 -14.72
N LEU A 169 12.77 36.69 -15.16
CA LEU A 169 13.78 35.84 -15.77
C LEU A 169 14.23 36.43 -17.13
N ALA A 170 13.29 36.94 -17.93
CA ALA A 170 13.60 37.54 -19.20
C ALA A 170 14.57 38.71 -18.98
N TYR A 171 14.31 39.52 -17.94
CA TYR A 171 15.13 40.65 -17.61
C TYR A 171 16.56 40.21 -17.24
N ILE A 172 16.73 39.33 -16.26
CA ILE A 172 18.05 38.94 -15.81
C ILE A 172 18.81 38.16 -16.90
N HIS A 173 18.13 37.29 -17.65
CA HIS A 173 18.78 36.50 -18.68
C HIS A 173 19.40 37.39 -19.78
N SER A 174 18.84 38.58 -20.02
CA SER A 174 19.34 39.53 -21.03
C SER A 174 20.76 39.98 -20.67
N PHE A 175 21.13 39.94 -19.39
CA PHE A 175 22.47 40.29 -18.98
C PHE A 175 23.40 39.07 -18.99
N GLY A 176 22.90 37.88 -19.37
CA GLY A 176 23.63 36.63 -19.25
C GLY A 176 23.60 36.06 -17.82
N ILE A 177 22.85 36.68 -16.90
CA ILE A 177 22.76 36.28 -15.49
C ILE A 177 21.70 35.21 -15.31
N CYS A 178 22.13 34.08 -14.72
CA CYS A 178 21.29 32.96 -14.37
C CYS A 178 21.14 32.98 -12.84
N HIS A 179 19.90 32.85 -12.35
CA HIS A 179 19.59 32.99 -10.95
C HIS A 179 20.12 31.80 -10.13
N ARG A 180 19.81 30.59 -10.59
CA ARG A 180 20.28 29.30 -10.05
C ARG A 180 19.66 28.97 -8.69
N ASP A 181 18.61 29.69 -8.26
CA ASP A 181 17.90 29.29 -7.01
C ASP A 181 16.41 29.67 -7.13
N ILE A 182 15.78 29.41 -8.27
CA ILE A 182 14.38 29.69 -8.42
C ILE A 182 13.59 28.64 -7.61
N LYS A 183 12.81 29.13 -6.65
CA LYS A 183 11.92 28.28 -5.82
C LYS A 183 10.90 29.18 -5.12
N PRO A 184 9.79 28.62 -4.57
CA PRO A 184 8.72 29.45 -3.98
C PRO A 184 9.19 30.39 -2.86
N GLN A 185 10.20 29.98 -2.13
CA GLN A 185 10.82 30.75 -1.00
C GLN A 185 11.44 32.07 -1.52
N ASN A 186 11.84 32.11 -2.78
CA ASN A 186 12.55 33.25 -3.28
C ASN A 186 11.64 34.12 -4.12
N LEU A 187 10.34 33.86 -4.14
CA LEU A 187 9.41 34.70 -4.86
C LEU A 187 8.60 35.48 -3.84
N LEU A 188 8.96 36.76 -3.61
CA LEU A 188 8.31 37.57 -2.63
C LEU A 188 7.00 38.12 -3.21
N LEU A 189 5.98 38.25 -2.34
CA LEU A 189 4.66 38.75 -2.78
C LEU A 189 4.15 39.87 -1.88
N ASP A 190 3.54 40.89 -2.49
CA ASP A 190 2.79 41.83 -1.69
C ASP A 190 1.33 41.40 -1.78
N PRO A 191 0.71 40.96 -0.66
CA PRO A 191 -0.65 40.40 -0.66
C PRO A 191 -1.70 41.27 -1.34
N ASP A 192 -1.69 42.57 -1.04
CA ASP A 192 -2.72 43.49 -1.50
C ASP A 192 -2.65 43.64 -3.03
N THR A 193 -1.44 43.94 -3.54
CA THR A 193 -1.28 44.31 -4.96
C THR A 193 -1.00 43.12 -5.90
N ALA A 194 -0.64 41.97 -5.33
CA ALA A 194 -0.32 40.75 -6.07
C ALA A 194 0.98 40.93 -6.91
N VAL A 195 1.79 41.96 -6.62
CA VAL A 195 3.11 42.14 -7.21
C VAL A 195 4.04 41.03 -6.69
N LEU A 196 4.73 40.36 -7.59
CA LEU A 196 5.72 39.38 -7.20
C LEU A 196 7.11 39.96 -7.47
N LYS A 197 8.05 39.79 -6.56
CA LYS A 197 9.43 40.20 -6.84
C LYS A 197 10.40 39.06 -6.52
N LEU A 198 11.25 38.75 -7.48
CA LEU A 198 12.32 37.76 -7.32
C LEU A 198 13.37 38.33 -6.37
N CYS A 199 13.87 37.49 -5.43
CA CYS A 199 14.89 37.91 -4.53
C CYS A 199 15.94 36.79 -4.42
N ASP A 200 17.00 37.07 -3.63
CA ASP A 200 18.16 36.19 -3.26
C ASP A 200 19.11 35.81 -4.43
N PHE A 201 19.96 36.78 -4.81
CA PHE A 201 20.92 36.64 -5.88
C PHE A 201 22.25 36.07 -5.38
N GLY A 202 22.20 35.43 -4.23
CA GLY A 202 23.36 34.78 -3.63
C GLY A 202 23.91 33.60 -4.40
N SER A 203 23.08 32.94 -5.22
CA SER A 203 23.54 31.84 -6.06
C SER A 203 23.80 32.28 -7.50
N ALA A 204 23.42 33.52 -7.84
CA ALA A 204 23.37 33.99 -9.24
C ALA A 204 24.78 34.11 -9.81
N LYS A 205 24.90 33.92 -11.14
CA LYS A 205 26.18 34.03 -11.81
C LYS A 205 25.96 34.37 -13.28
N GLN A 206 26.83 35.20 -13.83
CA GLN A 206 26.85 35.42 -15.27
C GLN A 206 27.50 34.22 -15.95
N LEU A 207 26.71 33.45 -16.71
CA LEU A 207 27.18 32.26 -17.37
C LEU A 207 27.89 32.67 -18.67
N VAL A 208 29.16 32.28 -18.83
CA VAL A 208 29.98 32.59 -20.03
C VAL A 208 30.30 31.27 -20.74
N ARG A 209 29.95 31.15 -22.02
CA ARG A 209 30.11 29.91 -22.74
C ARG A 209 31.61 29.57 -22.78
N GLY A 210 31.94 28.33 -22.42
CA GLY A 210 33.32 27.81 -22.33
C GLY A 210 33.97 27.93 -20.95
N GLU A 211 33.31 28.62 -20.00
CA GLU A 211 33.77 28.76 -18.63
C GLU A 211 32.93 27.84 -17.76
N PRO A 212 33.49 26.76 -17.19
CA PRO A 212 32.64 25.72 -16.61
C PRO A 212 32.00 26.22 -15.31
N ASN A 213 30.84 25.65 -14.95
CA ASN A 213 30.13 26.03 -13.70
C ASN A 213 29.78 24.79 -12.87
N VAL A 214 29.54 25.00 -11.58
CA VAL A 214 29.24 23.88 -10.63
C VAL A 214 27.88 23.27 -10.96
N SER A 215 27.80 21.94 -10.90
CA SER A 215 26.59 21.21 -11.21
C SER A 215 25.63 21.10 -10.02
N PTR A 216 26.14 20.98 -8.80
CA PTR A 216 25.30 20.88 -7.61
C PTR A 216 24.95 22.27 -7.18
O PTR A 216 25.63 22.85 -6.37
CB PTR A 216 26.10 20.11 -6.54
CG PTR A 216 25.21 19.56 -5.44
CD1 PTR A 216 25.13 20.24 -4.20
CD2 PTR A 216 24.40 18.44 -5.64
CE1 PTR A 216 24.27 19.76 -3.19
CE2 PTR A 216 23.54 17.99 -4.63
CZ PTR A 216 23.49 18.65 -3.40
OH PTR A 216 22.72 18.16 -2.40
P PTR A 216 21.16 18.50 -2.18
O1P PTR A 216 21.03 19.98 -2.31
O2P PTR A 216 20.92 18.00 -0.79
O3P PTR A 216 20.45 17.71 -3.22
N ILE A 217 23.85 22.82 -7.71
CA ILE A 217 23.62 24.24 -7.54
C ILE A 217 22.17 24.60 -7.20
N CYS A 218 21.13 24.12 -7.84
CA CYS A 218 19.79 24.82 -7.40
C CYS A 218 19.23 24.14 -6.14
N SER A 219 18.02 24.49 -5.71
CA SER A 219 17.38 23.75 -4.66
C SER A 219 16.88 22.45 -5.30
N ARG A 220 17.10 21.33 -4.61
CA ARG A 220 17.01 19.98 -5.17
C ARG A 220 15.69 19.69 -5.90
N TYR A 221 14.52 20.00 -5.33
CA TYR A 221 13.27 19.66 -6.01
C TYR A 221 13.14 20.45 -7.31
N TYR A 222 13.84 21.57 -7.42
CA TYR A 222 13.71 22.48 -8.60
C TYR A 222 14.94 22.36 -9.54
N ARG A 223 15.82 21.38 -9.29
CA ARG A 223 17.11 21.26 -10.00
C ARG A 223 16.89 20.62 -11.37
N ALA A 224 17.32 21.32 -12.42
CA ALA A 224 17.24 20.87 -13.79
C ALA A 224 18.00 19.57 -14.01
N PRO A 225 17.48 18.68 -14.87
CA PRO A 225 18.07 17.35 -15.06
C PRO A 225 19.53 17.41 -15.56
N GLU A 226 19.90 18.39 -16.37
CA GLU A 226 21.31 18.50 -16.85
C GLU A 226 22.25 18.59 -15.63
N LEU A 227 21.81 19.29 -14.58
CA LEU A 227 22.59 19.46 -13.37
C LEU A 227 22.74 18.12 -12.63
N ILE A 228 21.69 17.32 -12.60
CA ILE A 228 21.71 16.01 -11.93
C ILE A 228 22.68 15.08 -12.71
N PHE A 229 22.75 15.25 -14.03
CA PHE A 229 23.64 14.49 -14.91
C PHE A 229 25.07 15.07 -14.90
N GLY A 230 25.33 16.11 -14.11
CA GLY A 230 26.68 16.61 -13.86
C GLY A 230 27.18 17.57 -14.94
N ALA A 231 26.28 18.17 -15.72
CA ALA A 231 26.66 19.20 -16.72
C ALA A 231 27.35 20.39 -16.04
N THR A 232 28.44 20.89 -16.65
CA THR A 232 29.12 22.06 -16.21
C THR A 232 29.05 23.19 -17.26
N ASP A 233 28.49 22.90 -18.43
CA ASP A 233 28.34 23.81 -19.57
C ASP A 233 26.86 24.24 -19.75
N TYR A 234 26.09 24.24 -18.66
CA TYR A 234 24.66 24.51 -18.69
C TYR A 234 24.42 26.01 -18.95
N THR A 235 23.18 26.32 -19.32
CA THR A 235 22.79 27.67 -19.69
C THR A 235 21.72 28.15 -18.71
N SER A 236 21.20 29.36 -18.95
CA SER A 236 20.15 30.02 -18.18
C SER A 236 18.84 29.23 -18.24
N SER A 237 18.73 28.28 -19.15
CA SER A 237 17.56 27.47 -19.30
C SER A 237 17.32 26.57 -18.06
N ILE A 238 18.30 26.47 -17.17
CA ILE A 238 18.11 25.82 -15.91
C ILE A 238 17.06 26.59 -15.11
N ASP A 239 17.02 27.93 -15.23
CA ASP A 239 16.01 28.70 -14.50
C ASP A 239 14.60 28.37 -15.00
N VAL A 240 14.44 28.10 -16.30
CA VAL A 240 13.18 27.83 -16.90
C VAL A 240 12.65 26.50 -16.37
N TRP A 241 13.54 25.51 -16.22
CA TRP A 241 13.11 24.26 -15.62
C TRP A 241 12.57 24.51 -14.20
N SER A 242 13.34 25.25 -13.40
CA SER A 242 12.94 25.62 -12.07
C SER A 242 11.56 26.29 -12.09
N ALA A 243 11.34 27.25 -12.99
CA ALA A 243 10.11 27.95 -13.10
C ALA A 243 8.96 26.96 -13.38
N GLY A 244 9.20 25.97 -14.26
CA GLY A 244 8.27 24.90 -14.58
C GLY A 244 7.89 24.09 -13.34
N CYS A 245 8.86 23.78 -12.51
CA CYS A 245 8.61 23.09 -11.26
C CYS A 245 7.68 23.94 -10.35
N VAL A 246 7.89 25.27 -10.29
CA VAL A 246 7.07 26.17 -9.47
C VAL A 246 5.63 26.10 -10.01
N LEU A 247 5.46 26.24 -11.32
CA LEU A 247 4.16 26.18 -11.96
C LEU A 247 3.44 24.88 -11.59
N ALA A 248 4.10 23.76 -11.78
CA ALA A 248 3.52 22.47 -11.54
C ALA A 248 3.10 22.37 -10.07
N GLU A 249 3.96 22.88 -9.17
CA GLU A 249 3.69 22.87 -7.76
C GLU A 249 2.42 23.64 -7.43
N LEU A 250 2.20 24.80 -8.05
CA LEU A 250 1.09 25.66 -7.77
C LEU A 250 -0.19 24.99 -8.30
N LEU A 251 -0.10 24.23 -9.39
CA LEU A 251 -1.24 23.42 -9.92
C LEU A 251 -1.54 22.18 -9.08
N LEU A 252 -0.52 21.45 -8.62
CA LEU A 252 -0.68 20.20 -7.88
C LEU A 252 -1.04 20.40 -6.41
N GLY A 253 -0.61 21.52 -5.80
CA GLY A 253 -0.76 21.75 -4.35
C GLY A 253 0.41 21.21 -3.54
N GLN A 254 1.46 20.71 -4.22
CA GLN A 254 2.70 20.23 -3.53
C GLN A 254 3.81 20.10 -4.58
N PRO A 255 5.09 20.00 -4.19
CA PRO A 255 6.20 19.86 -5.14
C PRO A 255 6.04 18.64 -6.04
N ILE A 256 6.26 18.85 -7.34
CA ILE A 256 6.02 17.80 -8.32
C ILE A 256 7.15 16.74 -8.25
N PHE A 257 8.40 17.11 -7.93
CA PHE A 257 9.47 16.13 -7.88
C PHE A 257 10.16 16.11 -6.53
N PRO A 258 9.55 15.56 -5.44
CA PRO A 258 10.11 15.64 -4.09
C PRO A 258 11.14 14.53 -3.85
N GLY A 259 12.28 14.69 -4.51
CA GLY A 259 13.34 13.72 -4.48
C GLY A 259 14.13 13.73 -3.19
N ASP A 260 14.58 12.53 -2.81
CA ASP A 260 15.50 12.26 -1.74
C ASP A 260 16.89 12.55 -2.30
N SER A 261 17.89 12.33 -1.47
CA SER A 261 19.28 12.44 -1.91
C SER A 261 19.58 11.34 -2.95
N GLY A 262 20.70 11.46 -3.65
CA GLY A 262 21.06 10.44 -4.63
C GLY A 262 20.27 10.54 -5.92
N VAL A 263 20.18 9.41 -6.64
CA VAL A 263 19.53 9.33 -7.96
C VAL A 263 18.00 9.44 -7.82
N ASP A 264 17.49 9.44 -6.59
CA ASP A 264 16.06 9.41 -6.34
C ASP A 264 15.41 10.67 -6.91
N GLN A 265 16.11 11.81 -6.91
CA GLN A 265 15.56 13.03 -7.53
C GLN A 265 15.32 12.74 -9.00
N LEU A 266 16.31 12.16 -9.68
CA LEU A 266 16.14 11.83 -11.11
C LEU A 266 15.04 10.79 -11.29
N VAL A 267 14.93 9.81 -10.38
CA VAL A 267 13.86 8.82 -10.47
C VAL A 267 12.49 9.50 -10.44
N GLU A 268 12.34 10.49 -9.56
CA GLU A 268 11.05 11.18 -9.44
C GLU A 268 10.72 11.83 -10.80
N ILE A 269 11.72 12.43 -11.45
CA ILE A 269 11.49 13.11 -12.74
C ILE A 269 11.09 12.07 -13.79
N ILE A 270 11.82 10.97 -13.85
CA ILE A 270 11.55 9.86 -14.81
C ILE A 270 10.10 9.34 -14.63
N LYS A 271 9.60 9.33 -13.39
CA LYS A 271 8.25 8.85 -13.13
C LYS A 271 7.20 9.70 -13.84
N VAL A 272 7.54 10.90 -14.32
CA VAL A 272 6.58 11.72 -15.08
C VAL A 272 6.98 11.83 -16.55
N LEU A 273 8.19 12.34 -16.81
CA LEU A 273 8.68 12.56 -18.15
C LEU A 273 9.07 11.24 -18.85
N GLY A 274 9.30 10.17 -18.09
CA GLY A 274 9.83 8.92 -18.62
C GLY A 274 11.35 8.98 -18.70
N THR A 275 11.98 7.86 -19.05
CA THR A 275 13.43 7.77 -19.13
C THR A 275 13.94 8.63 -20.28
N PRO A 276 15.00 9.43 -20.09
CA PRO A 276 15.56 10.23 -21.19
C PRO A 276 16.22 9.33 -22.26
N THR A 277 16.07 9.67 -23.55
CA THR A 277 16.78 8.97 -24.63
C THR A 277 18.27 9.30 -24.56
N ARG A 278 19.10 8.54 -25.30
CA ARG A 278 20.53 8.80 -25.33
C ARG A 278 20.79 10.20 -25.92
N GLU A 279 20.00 10.60 -26.92
CA GLU A 279 20.09 11.94 -27.53
C GLU A 279 19.85 13.05 -26.46
N GLN A 280 18.77 12.91 -25.69
CA GLN A 280 18.41 13.87 -24.63
C GLN A 280 19.56 13.92 -23.62
N ILE A 281 20.13 12.77 -23.29
CA ILE A 281 21.26 12.74 -22.34
C ILE A 281 22.43 13.54 -22.88
N ARG A 282 22.71 13.40 -24.19
CA ARG A 282 23.84 14.04 -24.85
C ARG A 282 23.68 15.55 -24.76
N GLU A 283 22.48 16.03 -25.11
CA GLU A 283 22.12 17.44 -25.05
C GLU A 283 22.20 18.00 -23.63
N MET A 284 21.86 17.19 -22.60
CA MET A 284 21.91 17.62 -21.20
C MET A 284 23.37 17.71 -20.76
N ASN A 285 24.13 16.65 -21.06
CA ASN A 285 25.53 16.59 -20.71
C ASN A 285 26.24 15.74 -21.77
N PRO A 286 27.02 16.39 -22.67
CA PRO A 286 27.79 15.69 -23.70
C PRO A 286 28.94 14.86 -23.10
N ASN A 287 29.30 15.14 -21.85
CA ASN A 287 30.31 14.42 -21.16
C ASN A 287 29.72 13.39 -20.20
N TYR A 288 28.48 12.94 -20.43
CA TYR A 288 27.84 12.10 -19.42
C TYR A 288 28.58 10.78 -19.16
N THR A 289 28.99 10.65 -17.88
CA THR A 289 29.59 9.47 -17.30
C THR A 289 28.48 8.50 -16.93
N GLU A 290 28.31 7.44 -17.75
CA GLU A 290 27.25 6.40 -17.68
C GLU A 290 26.77 6.17 -16.23
N LYS A 292 22.93 4.98 -14.48
CA LYS A 292 22.21 3.86 -13.85
C LYS A 292 20.90 4.34 -13.22
N PHE A 293 19.84 4.40 -14.05
CA PHE A 293 18.47 4.79 -13.67
C PHE A 293 17.51 3.81 -14.32
N PRO A 294 16.24 3.72 -13.84
CA PRO A 294 15.30 2.74 -14.39
C PRO A 294 14.72 3.16 -15.75
N GLN A 295 14.29 2.19 -16.56
CA GLN A 295 13.68 2.41 -17.87
C GLN A 295 12.14 2.38 -17.74
N ILE A 296 11.49 3.53 -18.01
CA ILE A 296 10.06 3.76 -17.76
C ILE A 296 9.53 4.61 -18.91
N LYS A 297 8.24 4.48 -19.22
CA LYS A 297 7.62 5.28 -20.29
C LYS A 297 7.01 6.52 -19.62
N ALA A 298 6.87 7.62 -20.36
CA ALA A 298 6.34 8.86 -19.79
C ALA A 298 4.86 8.67 -19.38
N HIS A 299 4.50 9.23 -18.23
CA HIS A 299 3.13 9.34 -17.80
C HIS A 299 2.53 10.55 -18.50
N PRO A 300 1.33 10.44 -19.12
CA PRO A 300 0.72 11.58 -19.79
C PRO A 300 0.54 12.78 -18.85
N TRP A 301 0.88 13.97 -19.35
CA TRP A 301 0.84 15.21 -18.58
C TRP A 301 -0.56 15.46 -18.00
N THR A 302 -1.60 15.19 -18.80
CA THR A 302 -2.98 15.41 -18.37
C THR A 302 -3.31 14.58 -17.12
N LYS A 303 -2.77 13.36 -17.03
CA LYS A 303 -3.06 12.48 -15.90
C LYS A 303 -2.30 12.96 -14.64
N VAL A 304 -1.24 13.78 -14.79
CA VAL A 304 -0.44 14.24 -13.65
C VAL A 304 -1.28 15.14 -12.75
N PHE A 305 -2.03 16.07 -13.36
CA PHE A 305 -2.78 17.12 -12.64
C PHE A 305 -4.23 16.67 -12.38
N ARG A 306 -4.94 17.48 -11.59
CA ARG A 306 -6.33 17.25 -11.19
C ARG A 306 -7.23 17.40 -12.43
N PRO A 307 -8.36 16.67 -12.49
CA PRO A 307 -9.19 16.60 -13.70
C PRO A 307 -9.57 17.92 -14.37
N ARG A 308 -9.90 18.95 -13.59
CA ARG A 308 -10.36 20.21 -14.19
C ARG A 308 -9.19 21.18 -14.52
N THR A 309 -7.93 20.76 -14.40
CA THR A 309 -6.80 21.67 -14.67
C THR A 309 -6.89 22.16 -16.11
N PRO A 310 -6.85 23.48 -16.35
CA PRO A 310 -7.00 24.03 -17.70
C PRO A 310 -5.97 23.46 -18.64
N PRO A 311 -6.35 23.11 -19.88
CA PRO A 311 -5.42 22.48 -20.80
C PRO A 311 -4.22 23.40 -21.14
N GLU A 312 -4.40 24.71 -21.20
CA GLU A 312 -3.25 25.63 -21.47
C GLU A 312 -2.17 25.52 -20.37
N ALA A 313 -2.55 25.31 -19.11
CA ALA A 313 -1.60 25.17 -18.03
C ALA A 313 -0.73 23.92 -18.23
N ILE A 314 -1.35 22.80 -18.57
CA ILE A 314 -0.64 21.58 -18.83
C ILE A 314 0.27 21.78 -20.05
N ALA A 315 -0.23 22.47 -21.07
CA ALA A 315 0.60 22.67 -22.28
C ALA A 315 1.85 23.48 -21.93
N LEU A 316 1.70 24.55 -21.12
CA LEU A 316 2.82 25.37 -20.71
C LEU A 316 3.85 24.53 -19.93
N CYS A 317 3.40 23.72 -18.96
CA CYS A 317 4.26 22.86 -18.19
C CYS A 317 5.09 21.96 -19.11
N SER A 318 4.45 21.39 -20.13
CA SER A 318 5.10 20.42 -20.98
C SER A 318 6.20 21.09 -21.81
N ARG A 319 6.09 22.40 -22.04
CA ARG A 319 7.09 23.12 -22.78
C ARG A 319 8.17 23.70 -21.87
N LEU A 320 8.00 23.67 -20.54
CA LEU A 320 9.01 24.16 -19.62
C LEU A 320 9.82 22.97 -19.11
N LEU A 321 9.13 21.88 -18.79
CA LEU A 321 9.76 20.71 -18.22
C LEU A 321 10.16 19.69 -19.32
N GLU A 322 11.13 20.06 -20.16
CA GLU A 322 11.72 19.25 -21.20
C GLU A 322 13.14 18.86 -20.78
N TYR A 323 13.54 17.60 -21.06
CA TYR A 323 14.92 17.18 -20.80
C TYR A 323 15.89 18.02 -21.62
N THR A 324 15.59 18.27 -22.91
CA THR A 324 16.54 18.97 -23.80
C THR A 324 16.56 20.46 -23.52
N PRO A 325 17.65 21.01 -22.95
CA PRO A 325 17.64 22.37 -22.43
C PRO A 325 17.17 23.37 -23.50
N THR A 326 17.60 23.18 -24.75
CA THR A 326 17.30 24.10 -25.91
C THR A 326 15.86 23.97 -26.38
N ALA A 327 15.16 22.88 -26.02
CA ALA A 327 13.77 22.70 -26.38
C ALA A 327 12.86 23.55 -25.48
N ARG A 328 13.31 23.92 -24.28
CA ARG A 328 12.47 24.66 -23.34
C ARG A 328 12.13 26.05 -23.90
N LEU A 329 10.96 26.56 -23.55
CA LEU A 329 10.60 27.91 -23.90
C LEU A 329 11.58 28.87 -23.21
N THR A 330 11.86 29.98 -23.88
CA THR A 330 12.56 31.10 -23.26
C THR A 330 11.55 31.81 -22.37
N PRO A 331 11.98 32.60 -21.38
CA PRO A 331 11.05 33.31 -20.52
C PRO A 331 10.09 34.23 -21.26
N LEU A 332 10.58 35.03 -22.22
CA LEU A 332 9.69 35.90 -23.01
C LEU A 332 8.68 35.08 -23.83
N GLU A 333 9.07 33.94 -24.40
CA GLU A 333 8.12 33.06 -25.09
C GLU A 333 7.08 32.54 -24.08
N ALA A 334 7.50 32.22 -22.84
CA ALA A 334 6.57 31.76 -21.84
C ALA A 334 5.52 32.83 -21.56
N CYS A 335 5.94 34.09 -21.43
CA CYS A 335 5.03 35.17 -21.13
C CYS A 335 3.94 35.26 -22.20
N ALA A 336 4.32 34.92 -23.45
CA ALA A 336 3.47 35.09 -24.62
C ALA A 336 2.56 33.88 -24.81
N HIS A 337 2.74 32.84 -23.98
CA HIS A 337 1.96 31.59 -24.09
C HIS A 337 0.47 31.84 -23.79
N SER A 338 -0.39 31.03 -24.40
CA SER A 338 -1.87 31.19 -24.29
C SER A 338 -2.35 30.98 -22.85
N PHE A 339 -1.57 30.29 -22.00
CA PHE A 339 -1.95 30.17 -20.59
C PHE A 339 -2.11 31.56 -19.96
N PHE A 340 -1.44 32.56 -20.52
CA PHE A 340 -1.49 33.92 -19.94
C PHE A 340 -2.50 34.80 -20.70
N ASP A 341 -3.32 34.23 -21.58
CA ASP A 341 -4.31 35.01 -22.39
C ASP A 341 -5.28 35.78 -21.49
N GLU A 342 -5.69 35.20 -20.37
CA GLU A 342 -6.61 35.89 -19.49
C GLU A 342 -6.02 37.21 -18.98
N LEU A 343 -4.71 37.26 -18.67
CA LEU A 343 -4.09 38.49 -18.17
C LEU A 343 -4.11 39.59 -19.25
N ARG A 344 -4.20 39.23 -20.52
CA ARG A 344 -4.23 40.22 -21.62
C ARG A 344 -5.66 40.67 -22.00
N ASP A 345 -6.66 40.09 -21.33
CA ASP A 345 -8.06 40.45 -21.56
C ASP A 345 -8.28 41.81 -20.91
N PRO A 346 -8.88 42.79 -21.60
CA PRO A 346 -9.08 44.09 -20.99
C PRO A 346 -10.03 44.08 -19.78
N ASN A 347 -10.85 43.04 -19.62
CA ASN A 347 -11.91 43.02 -18.59
C ASN A 347 -11.46 42.33 -17.29
N VAL A 348 -10.16 42.17 -17.10
CA VAL A 348 -9.64 41.25 -16.07
C VAL A 348 -9.51 42.02 -14.76
N LYS A 349 -9.99 41.40 -13.69
CA LYS A 349 -9.87 41.98 -12.37
C LYS A 349 -9.45 40.87 -11.40
N LEU A 350 -8.80 41.26 -10.31
CA LEU A 350 -8.41 40.35 -9.29
C LEU A 350 -9.65 40.02 -8.47
N PRO A 351 -9.69 38.84 -7.79
CA PRO A 351 -10.83 38.45 -6.97
C PRO A 351 -11.26 39.45 -5.89
N ASN A 352 -10.33 40.24 -5.34
CA ASN A 352 -10.60 41.22 -4.30
C ASN A 352 -11.12 42.53 -4.93
N GLY A 353 -11.30 42.55 -6.25
CA GLY A 353 -11.76 43.75 -6.95
C GLY A 353 -10.68 44.81 -7.19
N ARG A 354 -9.49 44.63 -6.61
CA ARG A 354 -8.41 45.59 -6.75
C ARG A 354 -7.79 45.46 -8.15
N ASP A 355 -7.00 46.46 -8.52
CA ASP A 355 -6.49 46.57 -9.90
C ASP A 355 -5.37 45.54 -10.07
N THR A 356 -5.25 45.01 -11.28
CA THR A 356 -4.17 44.16 -11.67
C THR A 356 -2.88 44.95 -11.46
N PRO A 357 -1.77 44.28 -11.06
CA PRO A 357 -0.47 44.95 -10.97
C PRO A 357 0.07 45.18 -12.40
N ALA A 358 1.10 46.01 -12.56
CA ALA A 358 1.63 46.33 -13.92
C ALA A 358 2.11 45.05 -14.62
N LEU A 359 1.65 44.82 -15.84
CA LEU A 359 1.98 43.63 -16.59
C LEU A 359 2.53 43.97 -17.98
N PHE A 360 2.41 45.22 -18.43
CA PHE A 360 2.70 45.55 -19.80
C PHE A 360 3.75 46.66 -19.90
N ASN A 361 4.39 47.04 -18.79
CA ASN A 361 5.44 48.08 -18.80
C ASN A 361 6.78 47.39 -19.12
N PHE A 362 6.88 46.78 -20.31
CA PHE A 362 8.02 45.98 -20.68
C PHE A 362 9.27 46.85 -20.85
N THR A 363 10.42 46.30 -20.47
CA THR A 363 11.69 46.92 -20.68
C THR A 363 12.35 46.38 -21.94
N THR A 364 13.29 47.16 -22.47
CA THR A 364 14.04 46.75 -23.67
C THR A 364 14.89 45.50 -23.33
N GLN A 365 15.33 45.34 -22.06
CA GLN A 365 16.08 44.13 -21.66
C GLN A 365 15.24 42.89 -21.90
N GLU A 366 13.99 42.90 -21.45
CA GLU A 366 13.06 41.76 -21.57
C GLU A 366 12.72 41.49 -23.05
N LEU A 367 12.51 42.56 -23.84
CA LEU A 367 12.03 42.40 -25.19
C LEU A 367 13.19 42.09 -26.15
N SER A 368 14.44 42.24 -25.70
CA SER A 368 15.60 42.20 -26.59
C SER A 368 15.75 40.86 -27.32
N SER A 369 15.37 39.73 -26.71
CA SER A 369 15.50 38.42 -27.41
C SER A 369 14.50 38.28 -28.55
N ASN A 370 13.38 39.05 -28.58
CA ASN A 370 12.35 38.93 -29.67
C ASN A 370 11.39 40.10 -29.70
N PRO A 371 11.83 41.29 -30.16
CA PRO A 371 11.00 42.49 -30.06
C PRO A 371 9.63 42.41 -30.73
N PRO A 372 9.48 41.70 -31.86
CA PRO A 372 8.18 41.62 -32.54
C PRO A 372 7.08 40.93 -31.71
N LEU A 373 7.47 40.09 -30.75
CA LEU A 373 6.53 39.47 -29.81
C LEU A 373 5.80 40.50 -28.96
N ALA A 374 6.26 41.75 -28.92
CA ALA A 374 5.55 42.80 -28.18
C ALA A 374 4.11 43.01 -28.69
N THR A 375 3.81 42.71 -29.95
CA THR A 375 2.43 42.81 -30.44
C THR A 375 1.52 41.77 -29.77
N ILE A 376 2.02 40.56 -29.48
CA ILE A 376 1.27 39.59 -28.64
C ILE A 376 1.20 40.05 -27.17
N LEU A 377 2.35 40.39 -26.58
CA LEU A 377 2.46 40.64 -25.18
C LEU A 377 1.67 41.87 -24.77
N ILE A 378 1.72 42.93 -25.58
CA ILE A 378 1.03 44.16 -25.20
C ILE A 378 -0.16 44.38 -26.13
N PRO A 379 -1.37 44.03 -25.67
CA PRO A 379 -2.55 44.18 -26.53
C PRO A 379 -2.91 45.67 -26.67
N PRO A 380 -3.77 46.03 -27.64
CA PRO A 380 -4.05 47.43 -27.94
C PRO A 380 -4.45 48.29 -26.76
N HIS A 381 -5.27 47.77 -25.85
CA HIS A 381 -5.69 48.55 -24.69
C HIS A 381 -4.53 48.93 -23.75
N ALA A 382 -3.43 48.17 -23.71
CA ALA A 382 -2.31 48.48 -22.80
C ALA A 382 -1.21 49.32 -23.49
N ARG A 383 -1.33 49.56 -24.80
CA ARG A 383 -0.24 50.19 -25.57
C ARG A 383 -0.12 51.68 -25.22
N ILE A 384 1.11 52.11 -24.95
CA ILE A 384 1.37 53.51 -24.71
C ILE A 384 1.12 54.20 -26.05
N GLN A 385 0.47 55.37 -26.01
CA GLN A 385 0.02 55.99 -27.24
C GLN A 385 0.93 57.16 -27.57
N ALA A 386 0.95 57.54 -28.86
CA ALA A 386 1.84 58.53 -29.40
C ALA A 386 1.59 59.92 -28.81
N ALA A 387 0.33 60.27 -28.53
CA ALA A 387 -0.05 61.59 -27.95
C ALA A 387 0.53 62.75 -28.77
N LYS B 36 36.15 -5.99 -12.94
CA LYS B 36 36.96 -4.74 -12.78
C LYS B 36 37.30 -4.56 -11.30
N VAL B 37 38.55 -4.78 -10.90
CA VAL B 37 38.91 -4.75 -9.49
C VAL B 37 39.76 -3.51 -9.21
N THR B 38 39.34 -2.72 -8.20
CA THR B 38 40.11 -1.57 -7.72
C THR B 38 40.85 -2.03 -6.46
N THR B 39 42.10 -1.59 -6.27
CA THR B 39 42.84 -1.92 -5.07
C THR B 39 43.44 -0.64 -4.51
N VAL B 40 43.24 -0.40 -3.22
CA VAL B 40 43.66 0.85 -2.61
C VAL B 40 44.35 0.46 -1.32
N VAL B 41 45.08 1.41 -0.74
CA VAL B 41 45.66 1.15 0.52
C VAL B 41 44.83 1.95 1.52
N ALA B 42 44.24 1.25 2.50
CA ALA B 42 43.33 1.94 3.42
C ALA B 42 43.66 1.56 4.87
N THR B 43 43.41 2.51 5.77
CA THR B 43 43.46 2.32 7.20
C THR B 43 42.10 1.85 7.73
N PRO B 44 42.05 0.88 8.66
CA PRO B 44 40.80 0.46 9.29
C PRO B 44 40.26 1.63 10.14
N GLY B 45 38.93 1.84 10.08
CA GLY B 45 38.27 2.91 10.81
C GLY B 45 38.54 2.84 12.30
N GLN B 46 38.44 1.63 12.84
CA GLN B 46 38.79 1.37 14.22
C GLN B 46 39.89 0.32 14.20
N GLY B 47 40.69 0.30 15.26
CA GLY B 47 41.79 -0.62 15.38
C GLY B 47 43.10 0.13 15.28
N PRO B 48 44.24 -0.59 15.22
CA PRO B 48 45.55 0.06 15.17
C PRO B 48 45.63 0.76 13.80
N ASP B 49 46.20 1.96 13.76
CA ASP B 49 46.26 2.73 12.53
C ASP B 49 47.29 2.11 11.57
N ARG B 50 47.04 0.91 11.05
CA ARG B 50 48.03 0.27 10.19
C ARG B 50 47.46 0.10 8.79
N PRO B 51 48.00 0.83 7.78
CA PRO B 51 47.48 0.76 6.41
C PRO B 51 47.54 -0.66 5.88
N GLN B 52 46.57 -1.05 5.06
CA GLN B 52 46.53 -2.37 4.44
C GLN B 52 45.85 -2.24 3.08
N GLU B 53 45.86 -3.31 2.28
CA GLU B 53 45.29 -3.30 0.96
C GLU B 53 43.84 -3.78 1.04
N VAL B 54 42.95 -3.09 0.32
CA VAL B 54 41.55 -3.41 0.22
C VAL B 54 41.18 -3.41 -1.26
N SER B 55 40.41 -4.39 -1.69
CA SER B 55 40.06 -4.52 -3.08
C SER B 55 38.53 -4.51 -3.21
N TYR B 56 38.00 -3.86 -4.25
CA TYR B 56 36.57 -3.86 -4.43
C TYR B 56 36.23 -3.81 -5.91
N THR B 57 35.02 -4.27 -6.23
CA THR B 57 34.46 -4.33 -7.59
C THR B 57 33.05 -3.72 -7.59
N ASP B 58 32.43 -3.71 -8.79
CA ASP B 58 31.04 -3.30 -9.01
C ASP B 58 30.79 -1.85 -8.56
N THR B 59 31.77 -0.96 -8.75
CA THR B 59 31.61 0.40 -8.31
C THR B 59 30.55 1.11 -9.15
N LYS B 60 29.52 1.65 -8.50
CA LYS B 60 28.47 2.45 -9.14
C LYS B 60 28.28 3.74 -8.33
N VAL B 61 28.17 4.89 -9.00
CA VAL B 61 27.85 6.14 -8.32
C VAL B 61 26.42 6.03 -7.80
N ILE B 62 26.17 6.40 -6.54
CA ILE B 62 24.78 6.47 -6.12
C ILE B 62 24.41 7.92 -5.77
N GLY B 63 25.36 8.85 -5.72
CA GLY B 63 24.99 10.22 -5.40
C GLY B 63 26.11 11.22 -5.57
N ASN B 64 25.76 12.45 -5.97
CA ASN B 64 26.63 13.61 -5.97
C ASN B 64 26.02 14.63 -5.02
N GLY B 65 26.83 15.10 -4.06
CA GLY B 65 26.45 16.10 -3.03
C GLY B 65 27.39 17.28 -3.00
N SER B 66 27.19 18.17 -2.01
CA SER B 66 28.01 19.39 -1.88
C SER B 66 29.45 19.02 -1.49
N PHE B 67 29.58 17.94 -0.71
CA PHE B 67 30.87 17.41 -0.22
C PHE B 67 31.66 16.69 -1.32
N GLY B 68 30.97 16.15 -2.34
CA GLY B 68 31.59 15.31 -3.38
C GLY B 68 30.64 14.22 -3.83
N VAL B 69 31.13 12.98 -3.99
CA VAL B 69 30.40 11.87 -4.60
C VAL B 69 30.27 10.75 -3.58
N VAL B 70 29.21 9.96 -3.68
CA VAL B 70 29.07 8.73 -2.91
C VAL B 70 28.92 7.55 -3.89
N TYR B 71 29.69 6.48 -3.66
CA TYR B 71 29.59 5.28 -4.51
C TYR B 71 29.11 4.10 -3.67
N GLN B 72 28.56 3.09 -4.35
CA GLN B 72 28.36 1.75 -3.81
C GLN B 72 29.38 0.81 -4.46
N ALA B 73 29.94 -0.12 -3.68
CA ALA B 73 30.87 -1.13 -4.22
C ALA B 73 30.77 -2.43 -3.42
N LYS B 74 31.38 -3.49 -3.96
CA LYS B 74 31.42 -4.82 -3.36
C LYS B 74 32.87 -5.19 -2.97
N LEU B 75 33.13 -5.40 -1.68
CA LEU B 75 34.41 -5.88 -1.21
C LEU B 75 34.69 -7.26 -1.83
N CYS B 76 35.91 -7.43 -2.37
CA CYS B 76 36.27 -8.65 -3.15
C CYS B 76 36.27 -9.94 -2.33
N ASP B 77 37.02 -10.00 -1.24
CA ASP B 77 37.19 -11.29 -0.57
C ASP B 77 35.90 -11.75 0.12
N SER B 78 35.16 -10.83 0.75
CA SER B 78 33.98 -11.14 1.56
C SER B 78 32.68 -10.99 0.76
N GLY B 79 32.68 -10.20 -0.32
CA GLY B 79 31.46 -9.99 -1.17
C GLY B 79 30.46 -8.96 -0.61
N GLU B 80 30.79 -8.34 0.53
CA GLU B 80 29.89 -7.43 1.23
C GLU B 80 29.70 -6.13 0.42
N LEU B 81 28.45 -5.65 0.30
CA LEU B 81 28.18 -4.33 -0.26
C LEU B 81 28.59 -3.28 0.77
N VAL B 82 29.27 -2.24 0.28
CA VAL B 82 29.69 -1.12 1.07
C VAL B 82 29.40 0.15 0.27
N ALA B 83 29.42 1.28 0.98
CA ALA B 83 29.31 2.58 0.38
C ALA B 83 30.68 3.26 0.46
N ILE B 84 31.00 4.10 -0.52
CA ILE B 84 32.23 4.85 -0.45
C ILE B 84 31.88 6.31 -0.66
N LYS B 85 32.12 7.10 0.38
CA LYS B 85 31.78 8.52 0.41
C LYS B 85 33.08 9.31 0.23
N LYS B 86 33.20 9.99 -0.90
CA LYS B 86 34.39 10.71 -1.28
C LYS B 86 34.19 12.20 -1.01
N VAL B 87 34.99 12.74 -0.10
CA VAL B 87 34.81 14.11 0.36
C VAL B 87 36.05 14.91 -0.01
N LEU B 88 35.86 16.09 -0.58
CA LEU B 88 36.98 16.96 -0.88
C LEU B 88 37.57 17.45 0.44
N GLN B 89 38.88 17.27 0.64
CA GLN B 89 39.55 17.64 1.92
C GLN B 89 40.63 18.71 1.68
N ASP B 90 41.16 19.26 2.79
CA ASP B 90 42.18 20.31 2.82
C ASP B 90 43.17 20.02 3.96
N PHE B 93 44.29 21.23 7.52
CA PHE B 93 43.21 21.12 8.51
C PHE B 93 42.68 19.67 8.50
N LYS B 94 42.64 19.01 9.66
CA LYS B 94 42.20 17.58 9.80
C LYS B 94 40.68 17.49 9.51
N ASN B 95 40.22 16.35 8.99
CA ASN B 95 38.79 16.21 8.68
C ASN B 95 38.04 15.86 9.97
N ARG B 96 37.10 16.74 10.38
CA ARG B 96 36.27 16.52 11.57
C ARG B 96 35.48 15.21 11.48
N GLU B 97 34.85 14.96 10.33
CA GLU B 97 33.95 13.81 10.17
C GLU B 97 34.74 12.51 10.34
N LEU B 98 35.96 12.44 9.78
CA LEU B 98 36.84 11.28 9.96
C LEU B 98 37.18 11.09 11.44
N GLN B 99 37.61 12.15 12.11
CA GLN B 99 38.03 12.11 13.49
C GLN B 99 36.88 11.54 14.35
N ILE B 100 35.64 11.95 14.05
CA ILE B 100 34.46 11.51 14.80
C ILE B 100 34.17 10.04 14.49
N MET B 101 34.13 9.67 13.22
CA MET B 101 33.73 8.32 12.84
C MET B 101 34.72 7.28 13.36
N ARG B 102 35.99 7.65 13.49
CA ARG B 102 37.01 6.71 13.98
C ARG B 102 36.74 6.27 15.42
N LYS B 103 36.00 7.06 16.21
CA LYS B 103 35.67 6.67 17.59
C LYS B 103 34.44 5.78 17.69
N LEU B 104 33.68 5.53 16.61
CA LEU B 104 32.31 4.99 16.76
C LEU B 104 32.23 3.53 16.33
N ASP B 105 31.55 2.74 17.14
CA ASP B 105 31.22 1.37 16.79
C ASP B 105 29.91 0.96 17.48
N HIS B 106 28.79 1.06 16.76
CA HIS B 106 27.43 0.82 17.30
C HIS B 106 26.56 0.27 16.17
N CYS B 107 25.70 -0.68 16.53
CA CYS B 107 24.77 -1.33 15.61
C CYS B 107 23.78 -0.36 14.95
N ASN B 108 23.49 0.80 15.52
CA ASN B 108 22.53 1.70 14.88
C ASN B 108 23.24 2.92 14.26
N ILE B 109 24.52 2.79 13.93
CA ILE B 109 25.28 3.86 13.29
C ILE B 109 26.13 3.26 12.17
N VAL B 110 26.11 3.88 10.99
CA VAL B 110 26.85 3.39 9.84
C VAL B 110 28.32 3.28 10.23
N ARG B 111 28.91 2.10 10.11
CA ARG B 111 30.28 1.96 10.65
C ARG B 111 31.30 2.36 9.60
N LEU B 112 32.33 3.11 10.01
CA LEU B 112 33.45 3.37 9.13
C LEU B 112 34.37 2.14 9.12
N ARG B 113 34.40 1.41 8.01
CA ARG B 113 35.24 0.23 7.92
C ARG B 113 36.69 0.64 7.67
N TYR B 114 36.92 1.49 6.66
CA TYR B 114 38.26 1.94 6.24
C TYR B 114 38.20 3.36 5.71
N PHE B 115 39.35 4.05 5.69
CA PHE B 115 39.44 5.29 4.97
C PHE B 115 40.75 5.31 4.17
N PHE B 116 40.72 5.96 3.01
CA PHE B 116 41.91 6.16 2.18
C PHE B 116 41.81 7.50 1.43
N TYR B 117 42.94 7.94 0.87
CA TYR B 117 43.03 9.18 0.12
C TYR B 117 43.24 8.88 -1.36
N SER B 118 42.82 9.82 -2.22
CA SER B 118 42.81 9.68 -3.68
C SER B 118 42.81 11.08 -4.29
N SER B 119 42.40 11.20 -5.56
CA SER B 119 42.44 12.49 -6.28
C SER B 119 41.24 12.63 -7.22
N GLU B 121 38.70 14.32 -9.04
CA GLU B 121 38.04 15.33 -9.88
C GLU B 121 38.85 16.64 -9.85
N LYS B 122 38.91 17.30 -8.69
CA LYS B 122 39.65 18.58 -8.56
C LYS B 122 41.14 18.35 -8.81
N LYS B 123 41.76 19.28 -9.56
CA LYS B 123 43.12 19.18 -10.11
C LYS B 123 44.18 19.00 -9.00
N ASP B 124 44.30 19.98 -8.09
CA ASP B 124 45.34 19.90 -7.05
C ASP B 124 44.76 19.35 -5.75
N GLU B 125 43.55 18.77 -5.81
CA GLU B 125 42.76 18.54 -4.60
C GLU B 125 42.81 17.05 -4.18
N VAL B 126 42.93 16.85 -2.86
CA VAL B 126 42.92 15.53 -2.23
C VAL B 126 41.52 15.23 -1.69
N TYR B 127 41.05 14.00 -1.94
CA TYR B 127 39.79 13.53 -1.49
C TYR B 127 39.93 12.44 -0.43
N LEU B 128 39.24 12.62 0.69
CA LEU B 128 39.09 11.58 1.69
C LEU B 128 37.99 10.61 1.24
N ASN B 129 38.24 9.31 1.34
CA ASN B 129 37.32 8.31 0.97
C ASN B 129 36.97 7.52 2.24
N LEU B 130 35.68 7.45 2.59
CA LEU B 130 35.27 6.68 3.75
C LEU B 130 34.54 5.44 3.26
N VAL B 131 35.03 4.27 3.66
CA VAL B 131 34.35 3.04 3.32
C VAL B 131 33.38 2.75 4.47
N LEU B 132 32.09 2.64 4.13
CA LEU B 132 31.02 2.63 5.14
C LEU B 132 30.09 1.45 4.89
N ASP B 133 29.39 1.01 5.96
CA ASP B 133 28.23 0.12 5.81
C ASP B 133 27.28 0.66 4.74
N TYR B 134 26.73 -0.22 3.91
CA TYR B 134 25.77 0.12 2.94
C TYR B 134 24.39 -0.30 3.45
N VAL B 135 23.42 0.62 3.37
CA VAL B 135 22.06 0.36 3.75
C VAL B 135 21.20 0.87 2.60
N PRO B 136 20.22 0.09 2.09
CA PRO B 136 19.49 0.46 0.88
C PRO B 136 18.42 1.53 1.05
N GLU B 137 17.75 1.62 2.20
CA GLU B 137 16.58 2.53 2.24
C GLU B 137 16.81 3.66 3.26
N THR B 138 15.91 4.65 3.23
CA THR B 138 15.89 5.72 4.19
C THR B 138 14.48 5.89 4.78
N VAL B 139 14.43 6.53 5.96
CA VAL B 139 13.18 6.86 6.58
C VAL B 139 12.43 7.81 5.66
N TYR B 140 13.13 8.73 5.00
CA TYR B 140 12.48 9.67 4.09
C TYR B 140 11.64 8.92 3.03
N ARG B 141 12.24 7.91 2.41
CA ARG B 141 11.64 7.21 1.29
C ARG B 141 10.49 6.35 1.83
N VAL B 142 10.69 5.65 2.94
CA VAL B 142 9.60 4.88 3.50
C VAL B 142 8.43 5.81 3.89
N ALA B 143 8.68 6.90 4.62
CA ALA B 143 7.58 7.79 4.96
C ALA B 143 6.87 8.30 3.69
N ARG B 144 7.61 8.66 2.60
CA ARG B 144 6.98 9.20 1.42
C ARG B 144 6.04 8.12 0.83
N HIS B 145 6.48 6.85 0.85
CA HIS B 145 5.73 5.72 0.33
C HIS B 145 4.36 5.65 1.02
N TYR B 146 4.37 5.70 2.35
CA TYR B 146 3.13 5.59 3.11
C TYR B 146 2.27 6.82 2.82
N SER B 147 2.88 8.00 2.76
CA SER B 147 2.16 9.25 2.47
C SER B 147 1.43 9.17 1.11
N ARG B 148 2.10 8.67 0.07
CA ARG B 148 1.50 8.61 -1.25
C ARG B 148 0.36 7.59 -1.23
N ALA B 149 0.38 6.63 -0.29
CA ALA B 149 -0.69 5.64 -0.15
C ALA B 149 -1.82 6.17 0.76
N LYS B 150 -1.70 7.40 1.25
CA LYS B 150 -2.66 7.93 2.23
C LYS B 150 -2.77 6.93 3.39
N GLN B 151 -1.61 6.49 3.92
CA GLN B 151 -1.49 5.72 5.13
C GLN B 151 -0.35 6.29 6.01
N THR B 152 -0.34 5.95 7.29
CA THR B 152 0.81 6.25 8.14
C THR B 152 1.54 4.96 8.46
N LEU B 153 2.82 5.09 8.77
CA LEU B 153 3.66 3.98 9.13
C LEU B 153 3.01 3.23 10.28
N PRO B 154 2.93 1.88 10.24
CA PRO B 154 2.37 1.11 11.34
C PRO B 154 3.15 1.39 12.63
N VAL B 155 2.44 1.43 13.76
CA VAL B 155 2.95 1.85 15.03
C VAL B 155 4.19 1.05 15.48
N ILE B 156 4.24 -0.24 15.22
CA ILE B 156 5.34 -1.05 15.63
C ILE B 156 6.64 -0.52 14.98
N TYR B 157 6.56 -0.05 13.72
CA TYR B 157 7.73 0.40 13.00
C TYR B 157 8.13 1.78 13.57
N VAL B 158 7.14 2.60 13.93
CA VAL B 158 7.42 3.86 14.58
C VAL B 158 8.22 3.59 15.84
N LYS B 159 7.81 2.57 16.60
CA LYS B 159 8.50 2.19 17.81
C LYS B 159 9.92 1.71 17.50
N LEU B 160 10.07 0.82 16.51
CA LEU B 160 11.36 0.25 16.22
C LEU B 160 12.32 1.33 15.71
N TYR B 161 11.90 2.14 14.73
CA TYR B 161 12.80 3.14 14.16
C TYR B 161 13.17 4.19 15.22
N MET B 162 12.19 4.73 15.96
CA MET B 162 12.49 5.78 16.94
C MET B 162 13.38 5.24 18.05
N TYR B 163 13.15 3.98 18.50
CA TYR B 163 14.02 3.37 19.52
C TYR B 163 15.47 3.30 19.01
N GLN B 164 15.65 2.89 17.77
CA GLN B 164 17.01 2.70 17.23
C GLN B 164 17.67 4.06 17.08
N LEU B 165 16.91 5.09 16.74
CA LEU B 165 17.43 6.43 16.64
C LEU B 165 17.90 6.86 18.03
N PHE B 166 17.10 6.59 19.09
CA PHE B 166 17.46 7.07 20.41
C PHE B 166 18.72 6.40 20.90
N ARG B 167 18.89 5.12 20.60
CA ARG B 167 20.11 4.38 20.99
C ARG B 167 21.33 4.99 20.30
N SER B 168 21.20 5.29 19.00
CA SER B 168 22.29 5.92 18.25
C SER B 168 22.67 7.27 18.85
N LEU B 169 21.68 8.06 19.25
CA LEU B 169 21.90 9.35 19.85
C LEU B 169 22.53 9.17 21.23
N ALA B 170 22.10 8.18 22.01
CA ALA B 170 22.70 7.93 23.33
C ALA B 170 24.20 7.58 23.18
N TYR B 171 24.53 6.75 22.21
CA TYR B 171 25.91 6.36 22.02
C TYR B 171 26.78 7.57 21.68
N ILE B 172 26.40 8.38 20.70
CA ILE B 172 27.26 9.50 20.28
C ILE B 172 27.30 10.57 21.37
N HIS B 173 26.17 10.84 22.04
CA HIS B 173 26.15 11.86 23.08
C HIS B 173 27.08 11.49 24.24
N SER B 174 27.27 10.20 24.50
CA SER B 174 28.12 9.73 25.57
C SER B 174 29.59 10.11 25.31
N PHE B 175 29.97 10.40 24.05
CA PHE B 175 31.29 10.91 23.73
C PHE B 175 31.26 12.43 23.67
N GLY B 176 30.12 13.06 23.96
CA GLY B 176 30.02 14.46 23.79
C GLY B 176 29.81 14.90 22.34
N ILE B 177 29.58 13.95 21.41
CA ILE B 177 29.38 14.26 20.01
C ILE B 177 27.89 14.56 19.73
N CYS B 178 27.62 15.70 19.09
CA CYS B 178 26.30 16.10 18.66
C CYS B 178 26.21 15.94 17.13
N HIS B 179 25.16 15.28 16.63
CA HIS B 179 25.04 14.98 15.23
C HIS B 179 24.79 16.25 14.41
N ARG B 180 23.78 17.03 14.83
CA ARG B 180 23.45 18.32 14.25
C ARG B 180 22.80 18.23 12.85
N ASP B 181 22.33 17.06 12.41
CA ASP B 181 21.60 16.99 11.15
C ASP B 181 20.65 15.78 11.15
N ILE B 182 19.92 15.58 12.26
CA ILE B 182 18.98 14.49 12.38
C ILE B 182 17.78 14.90 11.54
N LYS B 183 17.45 14.06 10.55
CA LYS B 183 16.31 14.26 9.64
C LYS B 183 16.07 12.93 8.93
N PRO B 184 14.88 12.70 8.36
CA PRO B 184 14.55 11.43 7.73
C PRO B 184 15.59 10.96 6.70
N GLN B 185 16.21 11.87 5.95
CA GLN B 185 17.17 11.54 4.89
C GLN B 185 18.40 10.82 5.47
N ASN B 186 18.79 11.13 6.71
CA ASN B 186 20.02 10.65 7.32
C ASN B 186 19.76 9.40 8.15
N LEU B 187 18.56 8.84 8.09
CA LEU B 187 18.26 7.59 8.86
C LEU B 187 18.09 6.44 7.88
N LEU B 188 19.12 5.60 7.77
CA LEU B 188 19.11 4.52 6.77
C LEU B 188 18.35 3.33 7.36
N LEU B 189 17.63 2.62 6.49
CA LEU B 189 16.82 1.53 6.90
C LEU B 189 17.15 0.28 6.08
N ASP B 190 17.28 -0.86 6.75
CA ASP B 190 17.25 -2.14 6.09
C ASP B 190 15.84 -2.69 6.26
N PRO B 191 15.05 -2.69 5.19
CA PRO B 191 13.64 -3.07 5.28
C PRO B 191 13.39 -4.54 5.70
N ASP B 192 14.26 -5.47 5.32
CA ASP B 192 14.06 -6.87 5.66
C ASP B 192 14.27 -7.10 7.16
N THR B 193 15.27 -6.48 7.78
CA THR B 193 15.58 -6.73 9.18
C THR B 193 14.96 -5.66 10.11
N ALA B 194 14.43 -4.58 9.52
CA ALA B 194 13.98 -3.37 10.25
C ALA B 194 15.13 -2.71 11.04
N VAL B 195 16.40 -2.87 10.64
CA VAL B 195 17.49 -2.23 11.34
C VAL B 195 17.57 -0.78 10.86
N LEU B 196 17.78 0.15 11.79
CA LEU B 196 17.99 1.54 11.43
C LEU B 196 19.43 1.93 11.73
N LYS B 197 20.03 2.72 10.85
CA LYS B 197 21.38 3.20 11.10
C LYS B 197 21.47 4.68 10.80
N LEU B 198 22.01 5.44 11.75
CA LEU B 198 22.23 6.85 11.56
C LEU B 198 23.48 7.05 10.66
N CYS B 199 23.40 8.01 9.72
CA CYS B 199 24.53 8.29 8.80
C CYS B 199 24.78 9.80 8.71
N ASP B 200 25.78 10.18 7.91
CA ASP B 200 26.14 11.58 7.54
C ASP B 200 26.59 12.42 8.74
N PHE B 201 27.83 12.15 9.16
CA PHE B 201 28.47 12.87 10.28
C PHE B 201 29.16 14.14 9.80
N GLY B 202 28.71 14.66 8.66
CA GLY B 202 29.24 15.86 8.01
C GLY B 202 29.03 17.15 8.80
N SER B 203 27.98 17.23 9.64
CA SER B 203 27.72 18.38 10.45
C SER B 203 28.10 18.13 11.90
N ALA B 204 28.51 16.90 12.22
CA ALA B 204 28.72 16.54 13.61
C ALA B 204 29.93 17.28 14.20
N LYS B 205 29.85 17.53 15.51
CA LYS B 205 30.90 18.21 16.27
C LYS B 205 30.83 17.76 17.74
N GLN B 206 32.02 17.64 18.35
CA GLN B 206 32.14 17.52 19.77
C GLN B 206 31.82 18.87 20.41
N LEU B 207 30.73 18.94 21.17
CA LEU B 207 30.37 20.16 21.82
C LEU B 207 31.18 20.29 23.12
N VAL B 208 31.73 21.48 23.38
CA VAL B 208 32.55 21.75 24.56
C VAL B 208 32.00 23.04 25.17
N ARG B 209 31.61 22.97 26.45
CA ARG B 209 31.00 24.12 27.11
C ARG B 209 32.00 25.27 27.11
N GLY B 210 31.53 26.48 26.81
CA GLY B 210 32.33 27.67 26.74
C GLY B 210 32.95 27.90 25.37
N GLU B 211 32.97 26.87 24.50
CA GLU B 211 33.47 27.02 23.12
C GLU B 211 32.30 27.22 22.17
N PRO B 212 32.15 28.40 21.53
CA PRO B 212 30.97 28.69 20.70
C PRO B 212 30.76 27.81 19.44
N ASN B 213 29.49 27.60 19.06
CA ASN B 213 29.12 26.79 17.92
C ASN B 213 28.21 27.61 17.02
N VAL B 214 28.19 27.30 15.73
CA VAL B 214 27.36 28.02 14.78
C VAL B 214 25.87 27.79 15.09
N SER B 215 25.09 28.85 14.94
CA SER B 215 23.65 28.87 15.11
C SER B 215 22.91 28.20 13.97
N PTR B 216 23.23 28.54 12.72
CA PTR B 216 22.46 28.01 11.60
C PTR B 216 22.99 26.63 11.21
O PTR B 216 23.86 26.61 10.38
CB PTR B 216 22.60 29.14 10.52
CG PTR B 216 21.64 29.02 9.35
CD1 PTR B 216 20.32 29.48 9.49
CD2 PTR B 216 22.07 28.38 8.17
CE1 PTR B 216 19.44 29.35 8.42
CE2 PTR B 216 21.17 28.21 7.12
CZ PTR B 216 19.87 28.70 7.28
OH PTR B 216 19.06 28.59 6.23
P PTR B 216 17.92 27.52 6.08
O1P PTR B 216 16.80 27.89 7.06
O2P PTR B 216 17.50 27.68 4.71
O3P PTR B 216 18.63 26.25 6.36
N ILE B 217 22.49 25.51 11.78
CA ILE B 217 23.13 24.18 11.47
C ILE B 217 22.20 23.04 11.08
N CYS B 218 21.06 22.87 11.66
CA CYS B 218 20.35 21.56 11.26
C CYS B 218 19.53 21.84 10.01
N SER B 219 18.87 20.82 9.48
CA SER B 219 17.89 21.09 8.45
C SER B 219 16.71 21.84 9.10
N ARG B 220 16.24 22.90 8.42
CA ARG B 220 15.32 23.90 8.93
C ARG B 220 14.06 23.33 9.64
N TYR B 221 13.38 22.35 9.04
CA TYR B 221 12.17 21.74 9.62
C TYR B 221 12.46 21.00 10.94
N TYR B 222 13.71 20.57 11.16
CA TYR B 222 14.10 19.76 12.30
C TYR B 222 14.93 20.60 13.27
N ARG B 223 15.03 21.91 13.03
CA ARG B 223 15.99 22.80 13.75
C ARG B 223 15.40 23.26 15.11
N ALA B 224 16.14 22.99 16.17
CA ALA B 224 15.69 23.31 17.54
C ALA B 224 15.51 24.82 17.73
N PRO B 225 14.54 25.23 18.57
CA PRO B 225 14.16 26.63 18.70
C PRO B 225 15.29 27.51 19.29
N GLU B 226 16.17 26.96 20.13
CA GLU B 226 17.31 27.72 20.61
C GLU B 226 18.22 28.11 19.43
N LEU B 227 18.31 27.26 18.39
CA LEU B 227 19.12 27.56 17.23
C LEU B 227 18.49 28.71 16.47
N ILE B 228 17.17 28.70 16.38
CA ILE B 228 16.46 29.76 15.67
C ILE B 228 16.71 31.10 16.38
N PHE B 229 16.84 31.07 17.72
CA PHE B 229 17.09 32.22 18.55
C PHE B 229 18.59 32.55 18.63
N GLY B 230 19.43 31.95 17.78
CA GLY B 230 20.84 32.30 17.61
C GLY B 230 21.77 31.85 18.74
N ALA B 231 21.41 30.78 19.46
CA ALA B 231 22.23 30.31 20.54
C ALA B 231 23.54 29.78 19.97
N THR B 232 24.62 29.96 20.75
CA THR B 232 25.94 29.51 20.37
C THR B 232 26.42 28.59 21.48
N ASP B 233 25.77 28.63 22.65
CA ASP B 233 26.12 27.73 23.78
C ASP B 233 25.13 26.55 23.94
N TYR B 234 24.61 26.03 22.83
CA TYR B 234 23.64 24.94 22.87
C TYR B 234 24.36 23.63 23.21
N THR B 235 23.55 22.60 23.47
CA THR B 235 24.00 21.30 23.88
C THR B 235 23.43 20.23 22.96
N SER B 236 23.76 18.98 23.27
CA SER B 236 23.33 17.82 22.52
C SER B 236 21.80 17.68 22.41
N SER B 237 21.04 18.37 23.26
CA SER B 237 19.58 18.30 23.23
C SER B 237 18.99 18.81 21.93
N ILE B 238 19.75 19.53 21.08
CA ILE B 238 19.21 19.97 19.77
C ILE B 238 18.90 18.71 18.92
N ASP B 239 19.61 17.60 19.12
CA ASP B 239 19.40 16.36 18.37
C ASP B 239 18.08 15.74 18.82
N VAL B 240 17.73 15.92 20.09
CA VAL B 240 16.51 15.34 20.66
C VAL B 240 15.31 16.09 20.11
N TRP B 241 15.42 17.40 19.97
CA TRP B 241 14.36 18.17 19.33
C TRP B 241 14.12 17.59 17.92
N SER B 242 15.21 17.41 17.16
CA SER B 242 15.14 16.92 15.78
C SER B 242 14.46 15.56 15.73
N ALA B 243 14.81 14.71 16.68
CA ALA B 243 14.22 13.38 16.80
C ALA B 243 12.72 13.50 17.05
N GLY B 244 12.31 14.45 17.89
CA GLY B 244 10.91 14.71 18.14
C GLY B 244 10.17 15.12 16.88
N CYS B 245 10.81 15.93 16.04
CA CYS B 245 10.22 16.31 14.75
C CYS B 245 10.05 15.08 13.85
N VAL B 246 11.00 14.14 13.92
CA VAL B 246 10.92 12.94 13.09
C VAL B 246 9.71 12.11 13.55
N LEU B 247 9.61 11.88 14.86
CA LEU B 247 8.48 11.12 15.43
C LEU B 247 7.16 11.79 15.02
N ALA B 248 7.06 13.12 15.19
CA ALA B 248 5.84 13.81 14.88
C ALA B 248 5.50 13.61 13.42
N GLU B 249 6.50 13.63 12.55
CA GLU B 249 6.30 13.46 11.13
C GLU B 249 5.79 12.03 10.82
N LEU B 250 6.33 11.00 11.45
CA LEU B 250 5.89 9.64 11.22
C LEU B 250 4.43 9.47 11.67
N LEU B 251 4.03 10.15 12.74
CA LEU B 251 2.61 10.12 13.25
C LEU B 251 1.69 10.96 12.36
N LEU B 252 2.17 12.10 11.84
CA LEU B 252 1.36 12.99 11.08
C LEU B 252 1.26 12.59 9.60
N GLY B 253 2.34 12.03 9.06
CA GLY B 253 2.41 11.74 7.64
C GLY B 253 3.01 12.91 6.87
N GLN B 254 3.44 13.96 7.57
CA GLN B 254 4.17 15.08 6.95
C GLN B 254 4.97 15.83 8.02
N PRO B 255 5.93 16.70 7.63
CA PRO B 255 6.68 17.49 8.61
C PRO B 255 5.74 18.34 9.49
N ILE B 256 6.01 18.34 10.78
CA ILE B 256 5.19 19.03 11.72
C ILE B 256 5.42 20.55 11.59
N PHE B 257 6.65 21.03 11.30
CA PHE B 257 6.91 22.49 11.25
C PHE B 257 7.57 22.86 9.91
N PRO B 258 6.81 22.94 8.80
CA PRO B 258 7.39 23.23 7.49
C PRO B 258 7.54 24.73 7.32
N GLY B 259 8.51 25.28 8.03
CA GLY B 259 8.68 26.73 8.02
C GLY B 259 9.30 27.26 6.73
N ASP B 260 8.94 28.49 6.39
CA ASP B 260 9.61 29.29 5.34
C ASP B 260 10.96 29.76 5.92
N SER B 261 11.71 30.55 5.17
CA SER B 261 12.95 31.07 5.69
C SER B 261 12.67 32.11 6.77
N GLY B 262 13.68 32.38 7.62
CA GLY B 262 13.55 33.43 8.65
C GLY B 262 12.71 33.00 9.84
N VAL B 263 11.98 33.97 10.42
CA VAL B 263 11.22 33.77 11.65
C VAL B 263 9.96 32.93 11.43
N ASP B 264 9.52 32.73 10.18
CA ASP B 264 8.39 31.90 9.95
C ASP B 264 8.59 30.48 10.55
N GLN B 265 9.81 29.94 10.64
CA GLN B 265 10.00 28.63 11.27
C GLN B 265 9.59 28.66 12.75
N LEU B 266 9.95 29.72 13.48
CA LEU B 266 9.54 29.86 14.87
C LEU B 266 8.02 30.01 14.95
N VAL B 267 7.41 30.75 14.02
CA VAL B 267 5.97 30.91 13.98
C VAL B 267 5.30 29.56 13.82
N GLU B 268 5.87 28.67 13.00
CA GLU B 268 5.32 27.35 12.87
C GLU B 268 5.30 26.61 14.21
N ILE B 269 6.41 26.68 14.96
CA ILE B 269 6.52 25.98 16.19
C ILE B 269 5.49 26.55 17.22
N ILE B 270 5.39 27.87 17.26
CA ILE B 270 4.53 28.62 18.17
C ILE B 270 3.07 28.28 17.92
N LYS B 271 2.69 27.99 16.68
CA LYS B 271 1.36 27.58 16.35
C LYS B 271 1.00 26.24 17.03
N VAL B 272 1.98 25.50 17.57
CA VAL B 272 1.69 24.27 18.28
C VAL B 272 2.03 24.41 19.77
N LEU B 273 3.27 24.74 20.11
CA LEU B 273 3.73 24.80 21.49
C LEU B 273 3.20 26.04 22.21
N GLY B 274 2.68 27.04 21.47
CA GLY B 274 2.32 28.33 22.01
C GLY B 274 3.54 29.18 22.20
N THR B 275 3.35 30.45 22.53
CA THR B 275 4.44 31.40 22.65
C THR B 275 5.35 31.01 23.79
N PRO B 276 6.70 31.07 23.64
CA PRO B 276 7.58 30.79 24.75
C PRO B 276 7.59 31.94 25.76
N THR B 277 7.72 31.59 27.04
CA THR B 277 7.77 32.54 28.12
C THR B 277 9.16 33.15 28.15
N ARG B 278 9.29 34.26 28.87
CA ARG B 278 10.56 34.92 29.10
C ARG B 278 11.58 33.90 29.62
N GLU B 279 11.18 33.09 30.61
CA GLU B 279 12.06 32.11 31.21
C GLU B 279 12.50 31.09 30.16
N GLN B 280 11.54 30.63 29.33
CA GLN B 280 11.84 29.66 28.30
C GLN B 280 12.83 30.27 27.29
N ILE B 281 12.63 31.54 26.94
CA ILE B 281 13.58 32.20 26.05
C ILE B 281 14.97 32.29 26.70
N ARG B 282 15.03 32.64 27.99
CA ARG B 282 16.31 32.78 28.67
C ARG B 282 17.01 31.43 28.67
N GLU B 283 16.21 30.34 28.83
CA GLU B 283 16.78 28.98 28.89
C GLU B 283 17.38 28.60 27.51
N MET B 284 16.73 29.02 26.43
CA MET B 284 17.15 28.67 25.11
C MET B 284 18.42 29.46 24.77
N ASN B 285 18.42 30.74 25.15
CA ASN B 285 19.56 31.61 24.94
C ASN B 285 19.53 32.74 25.96
N PRO B 286 20.46 32.72 26.95
CA PRO B 286 20.51 33.75 27.99
C PRO B 286 21.07 35.08 27.45
N ASN B 287 21.42 35.14 26.16
CA ASN B 287 21.77 36.40 25.51
C ASN B 287 20.58 36.80 24.62
N TYR B 288 20.37 38.13 24.43
CA TYR B 288 19.26 38.72 23.62
C TYR B 288 17.92 38.05 23.94
N PHE B 291 12.97 39.51 17.82
CA PHE B 291 11.99 38.88 16.93
C PHE B 291 10.57 39.39 17.22
N LYS B 292 9.74 39.44 16.18
CA LYS B 292 8.30 39.71 16.32
C LYS B 292 7.54 38.39 16.09
N PHE B 293 7.00 37.81 17.18
CA PHE B 293 6.18 36.59 17.12
C PHE B 293 4.90 36.82 17.93
N PRO B 294 3.73 36.28 17.50
CA PRO B 294 2.45 36.64 18.10
C PRO B 294 2.22 35.87 19.41
N GLN B 295 1.39 36.41 20.33
CA GLN B 295 1.13 35.76 21.62
C GLN B 295 -0.07 34.80 21.52
N ILE B 296 0.22 33.55 21.13
CA ILE B 296 -0.76 32.49 20.82
C ILE B 296 -0.75 31.44 21.94
N LYS B 297 -1.91 30.86 22.25
CA LYS B 297 -2.00 29.82 23.31
C LYS B 297 -1.52 28.49 22.68
N ALA B 298 -0.96 27.59 23.50
CA ALA B 298 -0.47 26.30 23.01
C ALA B 298 -1.65 25.48 22.48
N HIS B 299 -1.43 24.76 21.37
CA HIS B 299 -2.41 23.82 20.85
C HIS B 299 -2.23 22.48 21.56
N PRO B 300 -3.30 21.86 22.13
CA PRO B 300 -3.15 20.58 22.82
C PRO B 300 -2.65 19.46 21.89
N TRP B 301 -1.67 18.69 22.38
CA TRP B 301 -0.96 17.66 21.58
C TRP B 301 -1.94 16.63 21.02
N THR B 302 -2.97 16.28 21.78
CA THR B 302 -3.90 15.26 21.33
C THR B 302 -4.66 15.73 20.08
N LYS B 303 -4.94 17.04 19.97
CA LYS B 303 -5.58 17.63 18.79
C LYS B 303 -4.62 17.73 17.58
N VAL B 304 -3.30 17.73 17.80
CA VAL B 304 -2.33 17.92 16.68
C VAL B 304 -2.37 16.69 15.75
N PHE B 305 -2.46 15.50 16.33
CA PHE B 305 -2.40 14.26 15.59
C PHE B 305 -3.80 13.73 15.32
N ARG B 306 -3.89 12.72 14.46
CA ARG B 306 -5.12 12.09 14.02
C ARG B 306 -5.74 11.31 15.20
N PRO B 307 -7.07 11.12 15.18
CA PRO B 307 -7.79 10.68 16.38
C PRO B 307 -7.30 9.33 16.95
N ARG B 308 -6.87 8.37 16.16
CA ARG B 308 -6.50 7.13 16.88
C ARG B 308 -4.96 7.03 17.09
N THR B 309 -4.27 8.17 17.20
CA THR B 309 -2.85 8.16 17.44
C THR B 309 -2.61 7.62 18.84
N PRO B 310 -1.72 6.62 19.05
CA PRO B 310 -1.54 6.05 20.39
C PRO B 310 -1.10 7.10 21.40
N PRO B 311 -1.78 7.19 22.54
CA PRO B 311 -1.49 8.20 23.54
C PRO B 311 -0.03 8.18 24.04
N GLU B 312 0.61 7.01 24.15
CA GLU B 312 2.01 6.97 24.60
C GLU B 312 2.93 7.64 23.54
N ALA B 313 2.60 7.54 22.27
CA ALA B 313 3.36 8.26 21.21
C ALA B 313 3.28 9.79 21.41
N ILE B 314 2.07 10.27 21.72
CA ILE B 314 1.88 11.69 21.95
C ILE B 314 2.60 12.13 23.23
N ALA B 315 2.55 11.32 24.27
CA ALA B 315 3.22 11.65 25.49
C ALA B 315 4.73 11.72 25.24
N LEU B 316 5.28 10.79 24.46
CA LEU B 316 6.75 10.81 24.16
C LEU B 316 7.09 12.08 23.40
N CYS B 317 6.29 12.38 22.37
CA CYS B 317 6.52 13.54 21.52
C CYS B 317 6.45 14.83 22.36
N SER B 318 5.53 14.92 23.32
CA SER B 318 5.41 16.14 24.13
C SER B 318 6.62 16.34 25.04
N ARG B 319 7.41 15.30 25.28
CA ARG B 319 8.55 15.36 26.16
C ARG B 319 9.85 15.54 25.35
N LEU B 320 9.75 15.54 24.02
CA LEU B 320 10.89 15.78 23.16
C LEU B 320 10.82 17.20 22.60
N LEU B 321 9.62 17.61 22.15
CA LEU B 321 9.38 18.92 21.61
C LEU B 321 9.02 19.94 22.71
N GLU B 322 9.98 20.29 23.55
CA GLU B 322 9.80 21.27 24.61
C GLU B 322 10.77 22.42 24.35
N TYR B 323 10.33 23.64 24.64
CA TYR B 323 11.14 24.83 24.47
C TYR B 323 12.43 24.75 25.28
N THR B 324 12.32 24.42 26.57
CA THR B 324 13.46 24.41 27.49
C THR B 324 14.32 23.20 27.23
N PRO B 325 15.59 23.35 26.81
CA PRO B 325 16.41 22.21 26.39
C PRO B 325 16.58 21.15 27.48
N THR B 326 16.74 21.55 28.75
CA THR B 326 16.90 20.62 29.87
C THR B 326 15.61 19.83 30.14
N ALA B 327 14.45 20.37 29.75
CA ALA B 327 13.16 19.71 30.02
C ALA B 327 12.96 18.53 29.07
N ARG B 328 13.65 18.51 27.92
CA ARG B 328 13.57 17.42 26.95
C ARG B 328 14.16 16.16 27.58
N LEU B 329 13.58 15.00 27.24
CA LEU B 329 14.19 13.72 27.59
C LEU B 329 15.62 13.70 26.99
N THR B 330 16.57 13.09 27.70
CA THR B 330 17.82 12.71 27.10
C THR B 330 17.58 11.47 26.23
N PRO B 331 18.46 11.13 25.28
CA PRO B 331 18.24 9.93 24.48
C PRO B 331 18.10 8.63 25.28
N LEU B 332 18.95 8.42 26.29
CA LEU B 332 18.81 7.18 27.07
C LEU B 332 17.44 7.12 27.75
N GLU B 333 16.97 8.26 28.32
CA GLU B 333 15.65 8.39 28.93
C GLU B 333 14.56 8.05 27.92
N ALA B 334 14.74 8.48 26.66
CA ALA B 334 13.78 8.24 25.60
C ALA B 334 13.68 6.74 25.32
N CYS B 335 14.81 6.05 25.17
CA CYS B 335 14.85 4.60 24.95
C CYS B 335 14.05 3.86 26.02
N ALA B 336 14.09 4.36 27.27
CA ALA B 336 13.44 3.75 28.42
C ALA B 336 11.98 4.21 28.58
N HIS B 337 11.49 5.09 27.72
CA HIS B 337 10.12 5.59 27.80
C HIS B 337 9.14 4.44 27.54
N SER B 338 7.97 4.54 28.17
CA SER B 338 6.91 3.50 28.17
C SER B 338 6.34 3.25 26.77
N PHE B 339 6.43 4.22 25.86
CA PHE B 339 6.07 3.97 24.47
C PHE B 339 6.87 2.81 23.87
N PHE B 340 8.07 2.52 24.40
CA PHE B 340 8.90 1.40 23.89
C PHE B 340 8.68 0.11 24.72
N ASP B 341 7.65 0.07 25.58
CA ASP B 341 7.38 -1.09 26.45
C ASP B 341 7.14 -2.33 25.57
N GLU B 342 6.42 -2.19 24.47
CA GLU B 342 6.08 -3.33 23.63
C GLU B 342 7.35 -4.00 23.10
N LEU B 343 8.40 -3.22 22.81
CA LEU B 343 9.66 -3.77 22.26
C LEU B 343 10.36 -4.66 23.28
N ARG B 344 10.16 -4.41 24.57
CA ARG B 344 10.80 -5.20 25.66
C ARG B 344 9.96 -6.45 26.05
N ASP B 345 8.80 -6.62 25.43
CA ASP B 345 7.98 -7.81 25.63
C ASP B 345 8.70 -8.99 24.98
N PRO B 346 8.91 -10.13 25.67
CA PRO B 346 9.56 -11.29 25.08
C PRO B 346 8.81 -11.92 23.89
N ASN B 347 7.51 -11.66 23.77
CA ASN B 347 6.73 -12.20 22.68
C ASN B 347 6.69 -11.24 21.48
N VAL B 348 7.37 -10.08 21.55
CA VAL B 348 7.27 -9.12 20.45
C VAL B 348 7.84 -9.78 19.19
N LYS B 349 7.22 -9.53 18.05
CA LYS B 349 7.66 -10.02 16.77
C LYS B 349 7.36 -8.96 15.71
N LEU B 350 8.20 -8.88 14.68
CA LEU B 350 7.90 -8.04 13.53
C LEU B 350 6.67 -8.56 12.81
N PRO B 351 5.96 -7.72 12.03
CA PRO B 351 4.76 -8.14 11.32
C PRO B 351 5.03 -9.19 10.24
N ASN B 352 6.26 -9.29 9.74
CA ASN B 352 6.58 -10.34 8.74
C ASN B 352 6.87 -11.65 9.48
N GLY B 353 6.75 -11.63 10.81
CA GLY B 353 6.94 -12.79 11.65
C GLY B 353 8.39 -12.93 12.11
N ARG B 354 9.31 -12.21 11.46
CA ARG B 354 10.73 -12.32 11.77
C ARG B 354 10.97 -11.80 13.18
N ASP B 355 12.11 -12.18 13.76
CA ASP B 355 12.51 -11.67 15.05
C ASP B 355 12.96 -10.22 14.85
N THR B 356 12.79 -9.43 15.91
CA THR B 356 13.21 -8.05 15.90
C THR B 356 14.73 -8.04 15.90
N PRO B 357 15.36 -6.95 15.42
CA PRO B 357 16.81 -6.83 15.49
C PRO B 357 17.28 -6.67 16.94
N ALA B 358 18.60 -6.70 17.14
CA ALA B 358 19.25 -6.49 18.43
C ALA B 358 18.78 -5.15 19.02
N LEU B 359 18.24 -5.20 20.23
CA LEU B 359 17.71 -4.00 20.85
C LEU B 359 18.31 -3.79 22.23
N PHE B 360 18.90 -4.83 22.82
CA PHE B 360 19.20 -4.79 24.21
C PHE B 360 20.69 -4.95 24.49
N ASN B 361 21.52 -4.97 23.44
CA ASN B 361 22.95 -5.20 23.63
C ASN B 361 23.62 -3.89 24.04
N PHE B 362 23.20 -3.30 25.17
CA PHE B 362 23.73 -2.01 25.66
C PHE B 362 25.12 -2.21 26.24
N THR B 363 26.05 -1.28 25.95
CA THR B 363 27.37 -1.31 26.54
C THR B 363 27.44 -0.26 27.65
N THR B 364 28.47 -0.36 28.50
CA THR B 364 28.80 0.64 29.52
C THR B 364 28.88 2.04 28.93
N GLN B 365 29.49 2.21 27.77
CA GLN B 365 29.57 3.50 27.16
C GLN B 365 28.15 4.09 26.94
N GLU B 366 27.27 3.27 26.36
CA GLU B 366 25.96 3.66 25.93
C GLU B 366 25.09 4.05 27.15
N LEU B 367 25.26 3.33 28.28
CA LEU B 367 24.49 3.49 29.54
C LEU B 367 25.04 4.59 30.44
N SER B 368 26.18 5.17 30.08
CA SER B 368 26.95 6.00 31.00
C SER B 368 26.23 7.28 31.48
N SER B 369 25.27 7.85 30.76
CA SER B 369 24.55 9.07 31.24
C SER B 369 23.68 8.77 32.47
N ASN B 370 23.17 7.52 32.58
CA ASN B 370 22.29 7.08 33.69
C ASN B 370 22.35 5.56 33.76
N PRO B 371 23.46 5.00 34.28
CA PRO B 371 23.65 3.54 34.31
C PRO B 371 22.52 2.74 34.97
N PRO B 372 21.88 3.24 36.05
CA PRO B 372 20.75 2.51 36.65
C PRO B 372 19.60 2.18 35.70
N LEU B 373 19.41 2.97 34.62
CA LEU B 373 18.32 2.75 33.63
C LEU B 373 18.40 1.41 32.91
N ALA B 374 19.54 0.71 33.01
CA ALA B 374 19.72 -0.63 32.44
C ALA B 374 18.70 -1.64 32.97
N THR B 375 18.17 -1.45 34.17
CA THR B 375 17.14 -2.36 34.70
C THR B 375 15.85 -2.29 33.84
N ILE B 376 15.61 -1.16 33.18
CA ILE B 376 14.54 -1.05 32.23
C ILE B 376 15.04 -1.46 30.85
N LEU B 377 16.20 -0.92 30.45
CA LEU B 377 16.64 -1.04 29.06
C LEU B 377 17.03 -2.47 28.71
N ILE B 378 17.62 -3.22 29.65
CA ILE B 378 17.91 -4.63 29.42
C ILE B 378 16.85 -5.46 30.14
N PRO B 379 15.80 -5.96 29.47
CA PRO B 379 14.76 -6.71 30.15
C PRO B 379 15.31 -8.04 30.67
N PRO B 380 14.70 -8.61 31.73
CA PRO B 380 15.18 -9.87 32.33
C PRO B 380 15.44 -10.98 31.29
N HIS B 381 14.55 -11.17 30.32
CA HIS B 381 14.73 -12.22 29.32
C HIS B 381 15.97 -12.00 28.43
N ALA B 382 16.54 -10.79 28.41
CA ALA B 382 17.71 -10.52 27.57
C ALA B 382 18.99 -10.56 28.42
N ARG B 383 18.88 -10.78 29.71
CA ARG B 383 20.06 -10.77 30.57
C ARG B 383 20.68 -12.18 30.55
N ILE B 384 21.93 -12.28 30.99
CA ILE B 384 22.67 -13.56 31.13
C ILE B 384 22.29 -14.21 32.47
N VAL C 37 -35.47 -20.79 26.75
CA VAL C 37 -35.17 -19.35 27.09
C VAL C 37 -33.74 -19.24 27.66
N THR C 38 -32.88 -18.54 26.93
CA THR C 38 -31.47 -18.45 27.26
C THR C 38 -31.15 -17.07 27.82
N THR C 39 -30.28 -17.03 28.83
CA THR C 39 -29.91 -15.78 29.40
C THR C 39 -28.38 -15.73 29.46
N VAL C 40 -27.80 -14.61 29.02
CA VAL C 40 -26.36 -14.50 28.89
C VAL C 40 -25.94 -13.08 29.27
N VAL C 41 -24.70 -12.93 29.73
CA VAL C 41 -24.14 -11.64 29.98
C VAL C 41 -23.42 -11.20 28.69
N ALA C 42 -23.89 -10.13 28.06
CA ALA C 42 -23.31 -9.70 26.79
C ALA C 42 -23.02 -8.21 26.83
N THR C 43 -22.15 -7.78 25.91
CA THR C 43 -21.72 -6.41 25.80
C THR C 43 -22.32 -5.82 24.54
N PRO C 44 -22.91 -4.62 24.58
CA PRO C 44 -23.42 -4.00 23.38
C PRO C 44 -22.23 -3.66 22.47
N GLY C 45 -22.46 -3.73 21.16
CA GLY C 45 -21.41 -3.57 20.17
C GLY C 45 -20.94 -2.13 20.07
N GLN C 46 -21.82 -1.18 20.41
CA GLN C 46 -21.47 0.24 20.37
C GLN C 46 -21.52 0.79 21.80
N PRO C 48 -19.03 2.17 25.16
CA PRO C 48 -19.59 1.95 26.49
C PRO C 48 -19.56 0.46 26.88
N ASP C 49 -18.37 -0.03 27.20
CA ASP C 49 -18.12 -1.46 27.37
C ASP C 49 -18.74 -1.93 28.69
N ARG C 50 -20.07 -1.88 28.81
CA ARG C 50 -20.71 -2.27 30.08
C ARG C 50 -21.62 -3.48 29.85
N PRO C 51 -21.31 -4.63 30.45
CA PRO C 51 -22.08 -5.85 30.21
C PRO C 51 -23.48 -5.73 30.78
N GLN C 52 -24.40 -6.57 30.30
CA GLN C 52 -25.80 -6.56 30.78
C GLN C 52 -26.42 -7.92 30.46
N GLU C 53 -27.46 -8.28 31.22
CA GLU C 53 -28.17 -9.50 31.01
C GLU C 53 -28.98 -9.34 29.72
N VAL C 54 -28.88 -10.32 28.82
CA VAL C 54 -29.68 -10.34 27.61
C VAL C 54 -30.28 -11.73 27.50
N SER C 55 -31.60 -11.81 27.26
CA SER C 55 -32.24 -13.11 27.13
C SER C 55 -32.88 -13.24 25.74
N TYR C 56 -32.82 -14.44 25.16
CA TYR C 56 -33.37 -14.72 23.83
C TYR C 56 -33.99 -16.12 23.76
N THR C 57 -34.86 -16.34 22.77
CA THR C 57 -35.54 -17.64 22.61
C THR C 57 -35.92 -17.84 21.13
N ASP C 58 -36.56 -18.99 20.83
CA ASP C 58 -36.97 -19.41 19.47
C ASP C 58 -35.73 -19.63 18.60
N THR C 59 -34.72 -20.29 19.15
CA THR C 59 -33.43 -20.46 18.51
C THR C 59 -33.45 -21.62 17.51
N LYS C 60 -32.99 -21.37 16.28
CA LYS C 60 -32.83 -22.41 15.24
C LYS C 60 -31.56 -22.14 14.41
N VAL C 61 -30.90 -23.21 13.95
CA VAL C 61 -29.73 -23.07 13.09
C VAL C 61 -30.20 -22.62 11.69
N ILE C 62 -29.53 -21.60 11.14
CA ILE C 62 -29.84 -21.11 9.81
C ILE C 62 -28.59 -21.09 8.94
N GLY C 63 -27.42 -21.43 9.48
CA GLY C 63 -26.17 -21.22 8.75
C GLY C 63 -25.05 -22.08 9.28
N ASN C 64 -23.97 -22.19 8.50
CA ASN C 64 -22.88 -23.14 8.65
C ASN C 64 -21.64 -22.52 8.01
N GLY C 65 -20.46 -22.86 8.51
CA GLY C 65 -19.22 -22.32 7.94
C GLY C 65 -18.02 -22.92 8.65
N SER C 66 -16.80 -22.61 8.19
CA SER C 66 -15.63 -23.14 8.90
C SER C 66 -15.60 -22.53 10.30
N PHE C 67 -16.09 -21.30 10.43
CA PHE C 67 -16.14 -20.52 11.71
C PHE C 67 -17.00 -21.20 12.80
N GLY C 68 -18.15 -21.76 12.41
CA GLY C 68 -19.10 -22.38 13.33
C GLY C 68 -20.50 -22.35 12.75
N VAL C 69 -21.46 -21.81 13.51
CA VAL C 69 -22.87 -21.91 13.21
C VAL C 69 -23.52 -20.53 13.34
N VAL C 70 -24.57 -20.29 12.57
CA VAL C 70 -25.37 -19.09 12.63
C VAL C 70 -26.78 -19.48 13.06
N TYR C 71 -27.34 -18.76 14.03
CA TYR C 71 -28.66 -19.07 14.50
C TYR C 71 -29.57 -17.87 14.23
N GLN C 72 -30.88 -18.12 14.22
CA GLN C 72 -31.88 -17.09 14.27
C GLN C 72 -32.50 -17.15 15.66
N ALA C 73 -32.81 -16.00 16.27
CA ALA C 73 -33.47 -15.96 17.59
C ALA C 73 -34.36 -14.73 17.70
N LYS C 74 -35.21 -14.70 18.74
CA LYS C 74 -36.02 -13.54 19.10
C LYS C 74 -35.53 -13.00 20.45
N LEU C 75 -35.20 -11.71 20.51
CA LEU C 75 -34.92 -11.04 21.77
C LEU C 75 -36.24 -10.94 22.56
N CYS C 76 -36.21 -11.35 23.84
CA CYS C 76 -37.42 -11.44 24.71
C CYS C 76 -38.05 -10.07 25.00
N ASP C 77 -37.23 -9.06 25.31
CA ASP C 77 -37.72 -7.71 25.69
C ASP C 77 -38.51 -7.06 24.55
N SER C 78 -37.81 -6.88 23.41
CA SER C 78 -38.29 -6.18 22.22
C SER C 78 -39.16 -7.12 21.37
N GLY C 79 -38.85 -8.41 21.39
CA GLY C 79 -39.50 -9.42 20.54
C GLY C 79 -38.88 -9.47 19.15
N GLU C 80 -37.77 -8.73 18.98
CA GLU C 80 -37.08 -8.52 17.71
C GLU C 80 -36.31 -9.79 17.31
N LEU C 81 -36.16 -9.96 15.99
CA LEU C 81 -35.49 -11.12 15.44
C LEU C 81 -34.02 -10.76 15.21
N VAL C 82 -33.12 -11.66 15.61
CA VAL C 82 -31.69 -11.42 15.47
C VAL C 82 -31.02 -12.70 14.96
N ALA C 83 -29.83 -12.54 14.39
CA ALA C 83 -29.00 -13.67 14.06
C ALA C 83 -27.86 -13.71 15.08
N ILE C 84 -27.42 -14.90 15.45
CA ILE C 84 -26.31 -15.07 16.34
C ILE C 84 -25.25 -15.90 15.60
N LYS C 85 -24.14 -15.27 15.24
CA LYS C 85 -23.02 -15.96 14.65
C LYS C 85 -22.05 -16.44 15.74
N LYS C 86 -21.89 -17.76 15.87
CA LYS C 86 -21.03 -18.35 16.89
C LYS C 86 -19.73 -18.78 16.23
N VAL C 87 -18.64 -18.09 16.55
CA VAL C 87 -17.33 -18.30 15.98
C VAL C 87 -16.38 -18.79 17.08
N LEU C 88 -15.59 -19.80 16.72
CA LEU C 88 -14.54 -20.30 17.55
C LEU C 88 -13.50 -19.20 17.81
N GLN C 89 -13.12 -19.01 19.07
CA GLN C 89 -12.11 -17.99 19.43
C GLN C 89 -10.72 -18.65 19.41
N ASP C 90 -9.74 -18.05 18.72
CA ASP C 90 -8.37 -18.60 18.65
C ASP C 90 -7.58 -18.13 19.88
N LYS C 91 -6.55 -18.91 20.23
CA LYS C 91 -5.78 -18.72 21.49
C LYS C 91 -4.88 -17.47 21.37
N ARG C 92 -4.18 -17.28 20.24
CA ARG C 92 -3.19 -16.16 20.06
C ARG C 92 -3.87 -14.80 20.27
N LYS C 94 -6.67 -12.29 19.89
CA LYS C 94 -7.86 -11.44 19.82
C LYS C 94 -8.50 -11.58 18.43
N ASN C 95 -9.84 -11.69 18.40
CA ASN C 95 -10.58 -12.04 17.19
C ASN C 95 -10.74 -10.78 16.32
N ARG C 96 -10.21 -10.87 15.09
CA ARG C 96 -10.19 -9.78 14.16
C ARG C 96 -11.60 -9.33 13.76
N GLU C 97 -12.54 -10.27 13.59
CA GLU C 97 -13.88 -9.95 13.14
C GLU C 97 -14.54 -9.00 14.13
N LEU C 98 -14.55 -9.37 15.41
CA LEU C 98 -15.15 -8.59 16.50
C LEU C 98 -14.53 -7.21 16.59
N GLN C 99 -13.21 -7.13 16.43
CA GLN C 99 -12.48 -5.85 16.51
C GLN C 99 -13.07 -4.89 15.47
N ILE C 100 -13.12 -5.33 14.21
CA ILE C 100 -13.64 -4.54 13.10
C ILE C 100 -15.12 -4.19 13.31
N MET C 101 -15.92 -5.17 13.74
CA MET C 101 -17.37 -5.00 13.92
C MET C 101 -17.68 -3.93 14.97
N ARG C 102 -16.84 -3.82 16.00
CA ARG C 102 -17.08 -2.86 17.08
C ARG C 102 -16.87 -1.44 16.57
N LYS C 103 -15.96 -1.23 15.62
CA LYS C 103 -15.71 0.12 15.10
C LYS C 103 -16.83 0.57 14.14
N LEU C 104 -17.50 -0.35 13.44
CA LEU C 104 -18.41 0.04 12.35
C LEU C 104 -19.76 0.49 12.89
N ASP C 105 -20.27 1.58 12.32
CA ASP C 105 -21.58 2.08 12.61
C ASP C 105 -22.07 2.88 11.40
N HIS C 106 -22.89 2.23 10.57
CA HIS C 106 -23.34 2.77 9.29
C HIS C 106 -24.68 2.13 8.89
N CYS C 107 -25.55 2.91 8.24
CA CYS C 107 -26.89 2.48 7.84
C CYS C 107 -26.84 1.31 6.81
N ASN C 108 -25.74 1.16 6.08
CA ASN C 108 -25.63 0.11 5.06
C ASN C 108 -24.69 -1.00 5.52
N ILE C 109 -24.53 -1.19 6.84
CA ILE C 109 -23.70 -2.27 7.35
C ILE C 109 -24.47 -2.95 8.49
N VAL C 110 -24.45 -4.28 8.52
CA VAL C 110 -25.18 -5.00 9.53
C VAL C 110 -24.66 -4.53 10.92
N ARG C 111 -25.58 -4.26 11.83
CA ARG C 111 -25.24 -3.73 13.15
C ARG C 111 -24.92 -4.86 14.13
N LEU C 112 -23.79 -4.75 14.84
CA LEU C 112 -23.50 -5.70 15.92
C LEU C 112 -24.21 -5.21 17.19
N ARG C 113 -25.28 -5.88 17.61
CA ARG C 113 -26.07 -5.42 18.73
C ARG C 113 -25.40 -5.81 20.05
N TYR C 114 -25.03 -7.08 20.20
CA TYR C 114 -24.34 -7.56 21.40
C TYR C 114 -23.24 -8.54 20.98
N PHE C 115 -22.25 -8.77 21.86
CA PHE C 115 -21.36 -9.91 21.75
C PHE C 115 -21.21 -10.55 23.11
N PHE C 116 -21.13 -11.88 23.13
CA PHE C 116 -20.96 -12.64 24.39
C PHE C 116 -20.11 -13.88 24.12
N TYR C 117 -19.72 -14.59 25.18
CA TYR C 117 -18.91 -15.78 25.07
C TYR C 117 -19.64 -16.98 25.67
N SER C 118 -19.29 -18.19 25.18
CA SER C 118 -19.89 -19.47 25.62
C SER C 118 -18.86 -20.60 25.49
N LYS C 123 -15.31 -30.45 24.96
CA LYS C 123 -14.45 -29.50 24.25
C LYS C 123 -14.03 -28.40 25.24
N ASP C 124 -12.85 -27.81 25.04
CA ASP C 124 -12.33 -26.85 26.02
C ASP C 124 -12.07 -25.48 25.38
N GLU C 125 -12.64 -25.24 24.20
CA GLU C 125 -12.40 -24.03 23.47
C GLU C 125 -13.51 -23.06 23.89
N VAL C 126 -13.33 -21.79 23.55
CA VAL C 126 -14.27 -20.75 23.84
C VAL C 126 -14.85 -20.22 22.54
N TYR C 127 -16.14 -19.88 22.54
CA TYR C 127 -16.80 -19.36 21.35
C TYR C 127 -17.20 -17.90 21.58
N LEU C 128 -16.97 -17.06 20.58
CA LEU C 128 -17.49 -15.72 20.53
C LEU C 128 -18.86 -15.76 19.84
N ASN C 129 -19.87 -15.09 20.38
CA ASN C 129 -21.18 -15.06 19.76
C ASN C 129 -21.51 -13.61 19.39
N LEU C 130 -21.67 -13.32 18.11
CA LEU C 130 -22.09 -12.01 17.66
C LEU C 130 -23.61 -12.03 17.41
N VAL C 131 -24.33 -11.14 18.10
CA VAL C 131 -25.75 -10.91 17.95
C VAL C 131 -25.92 -9.74 16.99
N LEU C 132 -26.58 -9.99 15.85
CA LEU C 132 -26.72 -9.03 14.74
C LEU C 132 -28.20 -8.92 14.33
N ASP C 133 -28.57 -7.81 13.71
CA ASP C 133 -29.94 -7.67 13.18
C ASP C 133 -30.14 -8.77 12.13
N TYR C 134 -31.31 -9.44 12.14
CA TYR C 134 -31.63 -10.52 11.21
C TYR C 134 -32.33 -9.93 9.98
N VAL C 135 -31.78 -10.19 8.80
CA VAL C 135 -32.32 -9.72 7.52
C VAL C 135 -32.29 -10.91 6.56
N PRO C 136 -33.42 -11.61 6.34
CA PRO C 136 -33.43 -12.87 5.60
C PRO C 136 -33.25 -12.75 4.08
N GLU C 137 -33.78 -11.68 3.46
CA GLU C 137 -33.64 -11.50 1.99
C GLU C 137 -32.20 -11.08 1.67
N THR C 138 -31.67 -11.54 0.54
CA THR C 138 -30.35 -11.15 0.08
C THR C 138 -30.45 -10.81 -1.40
N VAL C 139 -29.44 -10.11 -1.90
CA VAL C 139 -29.35 -9.80 -3.30
C VAL C 139 -29.28 -11.11 -4.07
N TYR C 140 -28.54 -12.09 -3.53
CA TYR C 140 -28.35 -13.35 -4.23
C TYR C 140 -29.72 -13.99 -4.53
N ARG C 141 -30.58 -14.08 -3.53
CA ARG C 141 -31.90 -14.69 -3.68
C ARG C 141 -32.75 -13.89 -4.67
N VAL C 142 -32.79 -12.56 -4.54
CA VAL C 142 -33.57 -11.76 -5.44
C VAL C 142 -33.09 -12.00 -6.89
N ALA C 143 -31.78 -11.94 -7.14
CA ALA C 143 -31.29 -12.03 -8.50
C ALA C 143 -31.66 -13.40 -9.10
N ARG C 144 -31.63 -14.44 -8.26
CA ARG C 144 -31.87 -15.79 -8.73
C ARG C 144 -33.33 -15.92 -9.18
N HIS C 145 -34.26 -15.38 -8.39
CA HIS C 145 -35.67 -15.35 -8.79
C HIS C 145 -35.79 -14.72 -10.18
N TYR C 146 -35.18 -13.55 -10.37
CA TYR C 146 -35.29 -12.89 -11.65
C TYR C 146 -34.74 -13.78 -12.77
N SER C 147 -33.56 -14.40 -12.59
CA SER C 147 -32.98 -15.23 -13.65
C SER C 147 -33.84 -16.49 -13.87
N ARG C 148 -34.39 -17.04 -12.77
CA ARG C 148 -35.21 -18.23 -12.84
C ARG C 148 -36.46 -17.97 -13.70
N ALA C 149 -37.02 -16.76 -13.63
CA ALA C 149 -38.16 -16.37 -14.49
C ALA C 149 -37.68 -15.80 -15.82
N LYS C 150 -36.38 -15.88 -16.11
CA LYS C 150 -35.77 -15.35 -17.35
C LYS C 150 -36.14 -13.87 -17.56
N GLN C 151 -36.04 -13.06 -16.50
CA GLN C 151 -36.28 -11.60 -16.54
C GLN C 151 -35.15 -10.87 -15.84
N THR C 152 -34.91 -9.60 -16.20
CA THR C 152 -33.83 -8.83 -15.59
C THR C 152 -34.42 -7.92 -14.51
N LEU C 153 -33.66 -7.73 -13.43
CA LEU C 153 -34.04 -6.87 -12.32
C LEU C 153 -34.21 -5.44 -12.86
N PRO C 154 -35.31 -4.72 -12.53
CA PRO C 154 -35.47 -3.35 -12.97
C PRO C 154 -34.23 -2.54 -12.59
N VAL C 155 -33.79 -1.67 -13.50
CA VAL C 155 -32.60 -0.89 -13.31
C VAL C 155 -32.69 -0.05 -12.04
N ILE C 156 -33.89 0.37 -11.62
CA ILE C 156 -33.98 1.25 -10.46
C ILE C 156 -33.41 0.52 -9.23
N TYR C 157 -33.69 -0.78 -9.09
CA TYR C 157 -33.18 -1.58 -8.00
C TYR C 157 -31.66 -1.75 -8.10
N VAL C 158 -31.14 -1.84 -9.33
CA VAL C 158 -29.70 -1.98 -9.55
C VAL C 158 -29.00 -0.72 -9.04
N LYS C 159 -29.58 0.45 -9.31
CA LYS C 159 -29.04 1.70 -8.86
C LYS C 159 -29.07 1.75 -7.33
N LEU C 160 -30.22 1.45 -6.72
CA LEU C 160 -30.36 1.56 -5.29
C LEU C 160 -29.40 0.60 -4.59
N TYR C 161 -29.35 -0.65 -5.02
CA TYR C 161 -28.52 -1.66 -4.36
C TYR C 161 -27.04 -1.31 -4.51
N MET C 162 -26.61 -1.06 -5.75
CA MET C 162 -25.25 -0.76 -6.04
C MET C 162 -24.82 0.51 -5.29
N TYR C 163 -25.63 1.59 -5.31
CA TYR C 163 -25.24 2.84 -4.64
C TYR C 163 -25.01 2.56 -3.15
N GLN C 164 -25.89 1.81 -2.51
CA GLN C 164 -25.78 1.49 -1.10
C GLN C 164 -24.54 0.62 -0.85
N LEU C 165 -24.21 -0.30 -1.76
CA LEU C 165 -22.99 -1.07 -1.62
C LEU C 165 -21.79 -0.12 -1.62
N PHE C 166 -21.72 0.79 -2.58
CA PHE C 166 -20.58 1.68 -2.69
C PHE C 166 -20.46 2.59 -1.46
N ARG C 167 -21.58 3.08 -0.92
CA ARG C 167 -21.54 3.88 0.31
C ARG C 167 -20.88 3.08 1.44
N SER C 168 -21.31 1.82 1.61
CA SER C 168 -20.78 0.94 2.63
C SER C 168 -19.28 0.71 2.40
N LEU C 169 -18.84 0.57 1.15
CA LEU C 169 -17.44 0.42 0.83
C LEU C 169 -16.69 1.71 1.16
N ALA C 170 -17.26 2.88 0.84
CA ALA C 170 -16.57 4.13 1.11
C ALA C 170 -16.30 4.26 2.62
N TYR C 171 -17.32 3.95 3.43
CA TYR C 171 -17.21 4.02 4.87
C TYR C 171 -16.10 3.09 5.39
N ILE C 172 -16.16 1.78 5.14
CA ILE C 172 -15.14 0.86 5.65
C ILE C 172 -13.76 1.17 5.04
N HIS C 173 -13.71 1.58 3.77
CA HIS C 173 -12.44 1.89 3.12
C HIS C 173 -11.76 3.06 3.87
N SER C 174 -12.59 3.95 4.45
CA SER C 174 -12.09 5.16 5.09
C SER C 174 -11.32 4.81 6.37
N PHE C 175 -11.54 3.63 6.97
CA PHE C 175 -10.71 3.17 8.11
C PHE C 175 -9.60 2.24 7.63
N GLY C 176 -9.35 2.19 6.33
CA GLY C 176 -8.39 1.24 5.75
C GLY C 176 -8.86 -0.21 5.67
N ILE C 177 -10.09 -0.52 6.11
CA ILE C 177 -10.62 -1.91 6.16
C ILE C 177 -11.08 -2.35 4.76
N CYS C 178 -10.66 -3.55 4.35
CA CYS C 178 -11.05 -4.22 3.14
C CYS C 178 -11.93 -5.41 3.50
N HIS C 179 -13.13 -5.49 2.91
CA HIS C 179 -14.10 -6.57 3.24
C HIS C 179 -13.54 -7.93 2.83
N ARG C 180 -13.04 -8.01 1.60
CA ARG C 180 -12.44 -9.18 0.98
C ARG C 180 -13.44 -10.32 0.71
N ASP C 181 -14.74 -10.13 0.96
CA ASP C 181 -15.74 -11.16 0.58
C ASP C 181 -17.02 -10.53 0.00
N ILE C 182 -16.87 -9.58 -0.91
CA ILE C 182 -17.99 -8.89 -1.50
C ILE C 182 -18.63 -9.88 -2.48
N LYS C 183 -19.87 -10.29 -2.19
CA LYS C 183 -20.63 -11.15 -3.09
C LYS C 183 -22.12 -10.98 -2.84
N PRO C 184 -22.99 -11.36 -3.80
CA PRO C 184 -24.43 -11.20 -3.69
C PRO C 184 -25.01 -11.75 -2.39
N GLN C 185 -24.52 -12.90 -1.93
CA GLN C 185 -25.04 -13.52 -0.69
C GLN C 185 -24.70 -12.67 0.56
N ASN C 186 -23.72 -11.78 0.47
CA ASN C 186 -23.34 -10.96 1.61
C ASN C 186 -24.01 -9.59 1.55
N LEU C 187 -24.98 -9.39 0.66
CA LEU C 187 -25.72 -8.14 0.57
C LEU C 187 -27.15 -8.36 1.01
N LEU C 188 -27.46 -7.95 2.24
CA LEU C 188 -28.77 -8.20 2.81
C LEU C 188 -29.73 -7.11 2.35
N LEU C 189 -31.02 -7.46 2.20
CA LEU C 189 -32.00 -6.55 1.67
C LEU C 189 -33.24 -6.56 2.53
N ASP C 190 -33.81 -5.38 2.73
CA ASP C 190 -35.13 -5.25 3.29
C ASP C 190 -36.07 -5.01 2.11
N PRO C 191 -37.05 -5.89 1.85
CA PRO C 191 -37.83 -5.81 0.62
C PRO C 191 -38.74 -4.58 0.49
N ASP C 192 -39.33 -4.13 1.60
CA ASP C 192 -40.26 -3.01 1.60
C ASP C 192 -39.53 -1.66 1.45
N THR C 193 -38.36 -1.48 2.08
CA THR C 193 -37.70 -0.16 2.14
C THR C 193 -36.55 -0.01 1.13
N ALA C 194 -36.13 -1.13 0.53
CA ALA C 194 -35.02 -1.20 -0.41
C ALA C 194 -33.67 -0.93 0.29
N VAL C 195 -33.60 -1.14 1.61
CA VAL C 195 -32.34 -0.90 2.32
C VAL C 195 -31.40 -2.10 2.11
N LEU C 196 -30.15 -1.83 1.73
CA LEU C 196 -29.12 -2.85 1.59
C LEU C 196 -28.09 -2.70 2.73
N LYS C 197 -27.73 -3.82 3.35
CA LYS C 197 -26.69 -3.87 4.37
C LYS C 197 -25.64 -4.92 4.02
N LEU C 198 -24.37 -4.52 4.07
CA LEU C 198 -23.23 -5.38 3.87
C LEU C 198 -23.03 -6.26 5.12
N CYS C 199 -22.77 -7.54 4.94
CA CYS C 199 -22.57 -8.40 6.11
C CYS C 199 -21.41 -9.35 5.83
N ASP C 200 -21.10 -10.16 6.85
CA ASP C 200 -20.08 -11.24 6.89
C ASP C 200 -18.63 -10.70 6.86
N PHE C 201 -18.25 -10.05 7.96
CA PHE C 201 -16.91 -9.43 8.09
C PHE C 201 -15.78 -10.42 8.48
N GLY C 202 -15.99 -11.71 8.19
CA GLY C 202 -15.10 -12.79 8.57
C GLY C 202 -13.77 -12.76 7.85
N SER C 203 -13.72 -12.19 6.65
CA SER C 203 -12.48 -12.15 5.86
C SER C 203 -11.89 -10.74 5.89
N ALA C 204 -12.53 -9.82 6.60
CA ALA C 204 -12.17 -8.40 6.47
C ALA C 204 -10.80 -8.16 7.15
N LYS C 205 -10.04 -7.19 6.64
CA LYS C 205 -8.77 -6.86 7.23
C LYS C 205 -8.35 -5.42 6.88
N GLN C 206 -7.79 -4.73 7.86
CA GLN C 206 -7.15 -3.48 7.61
C GLN C 206 -5.89 -3.78 6.81
N LEU C 207 -5.77 -3.26 5.59
CA LEU C 207 -4.63 -3.57 4.74
C LEU C 207 -3.58 -2.47 4.98
N VAL C 208 -2.33 -2.90 5.18
CA VAL C 208 -1.24 -1.94 5.47
C VAL C 208 -0.25 -2.03 4.30
N ARG C 209 0.11 -0.89 3.72
CA ARG C 209 1.11 -0.88 2.67
C ARG C 209 2.34 -1.68 3.13
N GLY C 210 2.89 -2.52 2.24
CA GLY C 210 4.12 -3.23 2.54
C GLY C 210 3.97 -4.45 3.45
N GLU C 211 2.84 -4.67 4.11
CA GLU C 211 2.64 -5.94 4.84
C GLU C 211 1.94 -6.90 3.88
N PRO C 212 2.40 -8.17 3.75
CA PRO C 212 1.85 -9.10 2.77
C PRO C 212 0.49 -9.65 3.21
N ASN C 213 -0.35 -10.06 2.25
CA ASN C 213 -1.69 -10.58 2.55
C ASN C 213 -1.91 -11.87 1.74
N VAL C 214 -2.81 -12.75 2.19
CA VAL C 214 -3.15 -14.03 1.46
C VAL C 214 -3.81 -13.66 0.14
N SER C 215 -3.52 -14.39 -0.95
CA SER C 215 -4.05 -14.03 -2.26
C SER C 215 -5.28 -14.87 -2.63
N PTR C 216 -5.49 -16.02 -1.99
CA PTR C 216 -6.68 -16.80 -2.20
C PTR C 216 -7.72 -16.42 -1.16
O PTR C 216 -7.75 -17.09 -0.13
CB PTR C 216 -6.27 -18.29 -2.09
CG PTR C 216 -7.32 -19.25 -2.67
CD1 PTR C 216 -8.21 -19.93 -1.82
CD2 PTR C 216 -7.41 -19.43 -4.04
CE1 PTR C 216 -9.18 -20.80 -2.35
CE2 PTR C 216 -8.37 -20.27 -4.59
CZ PTR C 216 -9.24 -20.94 -3.73
OH PTR C 216 -10.16 -21.78 -4.27
P PTR C 216 -11.62 -21.26 -4.70
O1P PTR C 216 -12.14 -20.39 -3.57
O2P PTR C 216 -12.33 -22.57 -4.56
O3P PTR C 216 -11.41 -20.63 -6.06
N ILE C 217 -8.53 -15.36 -1.39
CA ILE C 217 -9.52 -14.89 -0.37
C ILE C 217 -10.94 -14.67 -0.91
N CYS C 218 -11.15 -13.94 -2.00
CA CYS C 218 -12.57 -13.59 -2.27
C CYS C 218 -13.30 -14.81 -2.82
N SER C 219 -14.63 -14.75 -2.93
CA SER C 219 -15.38 -15.81 -3.65
C SER C 219 -14.96 -15.78 -5.11
N ARG C 220 -14.68 -16.96 -5.69
CA ARG C 220 -13.98 -17.11 -6.97
C ARG C 220 -14.54 -16.19 -8.07
N TYR C 221 -15.87 -16.20 -8.26
CA TYR C 221 -16.50 -15.45 -9.36
C TYR C 221 -16.20 -13.95 -9.22
N TYR C 222 -15.99 -13.49 -7.98
CA TYR C 222 -15.79 -12.09 -7.65
C TYR C 222 -14.32 -11.79 -7.35
N ARG C 223 -13.41 -12.76 -7.50
CA ARG C 223 -11.97 -12.60 -7.15
C ARG C 223 -11.27 -11.69 -8.18
N ALA C 224 -10.57 -10.67 -7.69
CA ALA C 224 -9.86 -9.72 -8.54
C ALA C 224 -8.65 -10.39 -9.21
N PRO C 225 -8.24 -9.89 -10.40
CA PRO C 225 -7.17 -10.50 -11.18
C PRO C 225 -5.83 -10.56 -10.44
N GLU C 226 -5.54 -9.52 -9.64
CA GLU C 226 -4.30 -9.47 -8.88
C GLU C 226 -4.25 -10.70 -7.97
N LEU C 227 -5.38 -11.12 -7.42
CA LEU C 227 -5.37 -12.24 -6.47
C LEU C 227 -5.08 -13.57 -7.18
N ILE C 228 -5.57 -13.78 -8.41
CA ILE C 228 -5.37 -15.07 -9.10
C ILE C 228 -3.91 -15.16 -9.56
N PHE C 229 -3.29 -14.00 -9.81
CA PHE C 229 -1.87 -13.83 -10.10
C PHE C 229 -1.02 -14.01 -8.82
N GLY C 230 -1.67 -14.38 -7.72
CA GLY C 230 -1.04 -14.64 -6.44
C GLY C 230 -0.47 -13.40 -5.75
N ALA C 231 -0.85 -12.20 -6.17
CA ALA C 231 -0.35 -10.96 -5.57
C ALA C 231 -0.70 -10.96 -4.08
N THR C 232 0.25 -10.46 -3.27
CA THR C 232 0.15 -10.39 -1.83
C THR C 232 0.25 -8.93 -1.39
N ASP C 233 0.55 -8.02 -2.33
CA ASP C 233 0.67 -6.57 -2.11
C ASP C 233 -0.54 -5.79 -2.65
N TYR C 234 -1.75 -6.37 -2.58
CA TYR C 234 -2.97 -5.76 -3.10
C TYR C 234 -3.58 -4.75 -2.10
N THR C 235 -4.50 -3.92 -2.59
CA THR C 235 -5.17 -2.88 -1.81
C THR C 235 -6.68 -3.15 -1.73
N SER C 236 -7.40 -2.19 -1.13
CA SER C 236 -8.85 -2.20 -0.97
C SER C 236 -9.60 -2.18 -2.32
N SER C 237 -8.89 -1.84 -3.41
CA SER C 237 -9.43 -1.75 -4.72
C SER C 237 -9.91 -3.13 -5.19
N ILE C 238 -9.51 -4.21 -4.51
CA ILE C 238 -10.04 -5.54 -4.80
C ILE C 238 -11.54 -5.58 -4.54
N ASP C 239 -12.03 -4.82 -3.53
CA ASP C 239 -13.44 -4.77 -3.21
C ASP C 239 -14.19 -4.06 -4.35
N VAL C 240 -13.59 -3.04 -4.93
CA VAL C 240 -14.23 -2.32 -6.02
C VAL C 240 -14.45 -3.28 -7.19
N TRP C 241 -13.45 -4.12 -7.49
CA TRP C 241 -13.55 -5.10 -8.52
C TRP C 241 -14.70 -6.05 -8.22
N SER C 242 -14.79 -6.53 -6.98
CA SER C 242 -15.88 -7.37 -6.58
C SER C 242 -17.23 -6.70 -6.86
N ALA C 243 -17.34 -5.40 -6.54
CA ALA C 243 -18.58 -4.63 -6.71
C ALA C 243 -18.97 -4.58 -8.19
N GLY C 244 -17.97 -4.35 -9.04
CA GLY C 244 -18.13 -4.35 -10.48
C GLY C 244 -18.71 -5.67 -10.96
N CYS C 245 -18.26 -6.77 -10.39
CA CYS C 245 -18.75 -8.11 -10.74
C CYS C 245 -20.23 -8.26 -10.33
N VAL C 246 -20.60 -7.76 -9.15
CA VAL C 246 -22.00 -7.79 -8.76
C VAL C 246 -22.85 -6.93 -9.71
N LEU C 247 -22.34 -5.76 -10.07
CA LEU C 247 -23.07 -4.86 -10.96
C LEU C 247 -23.35 -5.60 -12.27
N ALA C 248 -22.30 -6.16 -12.86
CA ALA C 248 -22.42 -6.88 -14.13
C ALA C 248 -23.45 -8.01 -14.03
N GLU C 249 -23.41 -8.78 -12.95
CA GLU C 249 -24.31 -9.90 -12.72
C GLU C 249 -25.78 -9.44 -12.61
N LEU C 250 -26.00 -8.28 -11.98
CA LEU C 250 -27.35 -7.74 -11.90
C LEU C 250 -27.86 -7.33 -13.29
N LEU C 251 -27.00 -6.81 -14.17
CA LEU C 251 -27.34 -6.50 -15.55
C LEU C 251 -27.47 -7.77 -16.41
N LEU C 252 -26.48 -8.67 -16.43
CA LEU C 252 -26.47 -9.86 -17.31
C LEU C 252 -27.52 -10.90 -16.90
N GLY C 253 -27.80 -11.04 -15.60
CA GLY C 253 -28.69 -12.09 -15.13
C GLY C 253 -27.92 -13.31 -14.68
N GLN C 254 -26.60 -13.26 -14.81
CA GLN C 254 -25.71 -14.36 -14.44
C GLN C 254 -24.32 -13.81 -14.16
N PRO C 255 -23.43 -14.54 -13.42
CA PRO C 255 -22.08 -14.03 -13.16
C PRO C 255 -21.37 -13.84 -14.49
N ILE C 256 -20.67 -12.72 -14.64
CA ILE C 256 -19.96 -12.42 -15.88
C ILE C 256 -18.69 -13.31 -16.02
N PHE C 257 -18.17 -13.85 -14.91
CA PHE C 257 -16.90 -14.62 -14.89
C PHE C 257 -17.06 -15.89 -14.04
N PRO C 258 -17.71 -16.95 -14.55
CA PRO C 258 -17.95 -18.15 -13.74
C PRO C 258 -16.91 -19.26 -13.92
N GLY C 259 -15.69 -19.06 -13.39
CA GLY C 259 -14.57 -20.01 -13.56
C GLY C 259 -14.79 -21.31 -12.81
N ASP C 260 -14.26 -22.41 -13.35
CA ASP C 260 -14.41 -23.78 -12.80
C ASP C 260 -13.40 -24.01 -11.68
N SER C 261 -12.43 -23.12 -11.50
CA SER C 261 -11.40 -23.26 -10.47
C SER C 261 -10.64 -21.93 -10.33
N GLY C 262 -9.68 -21.91 -9.39
CA GLY C 262 -8.85 -20.76 -9.11
C GLY C 262 -8.15 -20.20 -10.33
N VAL C 263 -7.66 -21.08 -11.21
CA VAL C 263 -6.92 -20.63 -12.42
C VAL C 263 -7.90 -20.46 -13.58
N ASP C 264 -8.93 -21.32 -13.65
CA ASP C 264 -9.94 -21.22 -14.69
C ASP C 264 -10.56 -19.82 -14.60
N GLN C 265 -10.62 -19.29 -13.36
CA GLN C 265 -11.22 -18.00 -13.10
C GLN C 265 -10.56 -16.94 -13.97
N LEU C 266 -9.23 -16.97 -14.05
CA LEU C 266 -8.53 -15.94 -14.77
C LEU C 266 -8.94 -16.02 -16.24
N VAL C 267 -9.21 -17.23 -16.75
CA VAL C 267 -9.49 -17.45 -18.19
C VAL C 267 -10.82 -16.75 -18.56
N GLU C 268 -11.83 -16.90 -17.71
CA GLU C 268 -13.14 -16.25 -17.90
C GLU C 268 -12.93 -14.74 -17.98
N ILE C 269 -12.07 -14.19 -17.10
CA ILE C 269 -11.79 -12.75 -17.13
C ILE C 269 -11.26 -12.38 -18.53
N ILE C 270 -10.33 -13.20 -19.02
CA ILE C 270 -9.55 -12.89 -20.22
C ILE C 270 -10.49 -12.88 -21.44
N LYS C 271 -11.51 -13.76 -21.42
CA LYS C 271 -12.53 -13.89 -22.47
C LYS C 271 -13.25 -12.55 -22.73
N VAL C 272 -13.42 -11.72 -21.70
CA VAL C 272 -14.10 -10.45 -21.86
C VAL C 272 -13.10 -9.29 -21.87
N LEU C 273 -12.28 -9.22 -20.80
CA LEU C 273 -11.31 -8.14 -20.60
C LEU C 273 -10.17 -8.26 -21.63
N GLY C 274 -9.91 -9.49 -22.10
CA GLY C 274 -8.79 -9.76 -23.01
C GLY C 274 -7.53 -10.01 -22.22
N THR C 275 -6.38 -10.11 -22.90
CA THR C 275 -5.12 -10.37 -22.23
C THR C 275 -4.61 -9.07 -21.63
N PRO C 276 -4.12 -9.10 -20.38
CA PRO C 276 -3.55 -7.92 -19.76
C PRO C 276 -2.27 -7.51 -20.50
N THR C 277 -2.07 -6.20 -20.67
CA THR C 277 -0.85 -5.67 -21.22
C THR C 277 0.32 -5.99 -20.28
N ARG C 278 1.54 -5.88 -20.81
CA ARG C 278 2.77 -6.18 -20.06
C ARG C 278 2.83 -5.33 -18.80
N GLU C 279 2.58 -4.02 -18.96
CA GLU C 279 2.57 -3.09 -17.84
C GLU C 279 1.44 -3.47 -16.88
N GLN C 280 0.30 -3.93 -17.41
CA GLN C 280 -0.85 -4.24 -16.58
C GLN C 280 -0.44 -5.31 -15.56
N ILE C 281 0.27 -6.35 -16.03
CA ILE C 281 0.66 -7.44 -15.13
C ILE C 281 1.55 -6.89 -14.02
N ARG C 282 2.50 -6.01 -14.38
CA ARG C 282 3.44 -5.43 -13.41
C ARG C 282 2.63 -4.63 -12.38
N GLU C 283 1.70 -3.81 -12.85
CA GLU C 283 0.81 -2.99 -12.00
C GLU C 283 -0.02 -3.90 -11.06
N MET C 284 -0.33 -5.12 -11.50
CA MET C 284 -1.07 -6.08 -10.68
C MET C 284 -0.15 -6.75 -9.66
N ASN C 285 1.15 -6.88 -9.98
CA ASN C 285 2.22 -7.40 -9.09
C ASN C 285 1.97 -8.88 -8.79
N GLN C 295 -2.55 -14.46 -26.37
CA GLN C 295 -2.65 -13.02 -26.15
C GLN C 295 -3.92 -12.47 -26.84
N ILE C 296 -5.06 -12.49 -26.13
CA ILE C 296 -6.40 -12.14 -26.68
C ILE C 296 -6.73 -10.65 -26.44
N LYS C 297 -7.44 -10.04 -27.40
CA LYS C 297 -7.97 -8.66 -27.26
C LYS C 297 -9.37 -8.74 -26.62
N ALA C 298 -9.87 -7.61 -26.14
CA ALA C 298 -11.15 -7.58 -25.41
C ALA C 298 -12.21 -6.89 -26.26
N HIS C 299 -13.34 -7.57 -26.50
CA HIS C 299 -14.48 -6.96 -27.20
C HIS C 299 -15.09 -5.88 -26.32
N PRO C 300 -15.68 -4.82 -26.89
CA PRO C 300 -16.20 -3.71 -26.10
C PRO C 300 -17.32 -4.20 -25.18
N TRP C 301 -17.58 -3.41 -24.12
CA TRP C 301 -18.58 -3.71 -23.10
C TRP C 301 -19.99 -3.67 -23.68
N THR C 302 -20.24 -2.69 -24.56
CA THR C 302 -21.57 -2.49 -25.12
C THR C 302 -22.09 -3.83 -25.64
N LYS C 303 -21.22 -4.56 -26.36
CA LYS C 303 -21.52 -5.88 -26.93
C LYS C 303 -21.82 -6.90 -25.82
N VAL C 304 -21.12 -6.80 -24.68
CA VAL C 304 -21.12 -7.82 -23.62
C VAL C 304 -22.51 -7.99 -22.99
N PHE C 305 -23.23 -6.90 -22.70
CA PHE C 305 -24.53 -7.01 -22.01
C PHE C 305 -25.65 -7.16 -23.04
N ARG C 306 -26.91 -7.06 -22.58
CA ARG C 306 -28.10 -6.94 -23.44
C ARG C 306 -28.04 -5.61 -24.17
N PRO C 307 -28.81 -5.45 -25.28
CA PRO C 307 -28.87 -4.20 -26.02
C PRO C 307 -29.62 -3.09 -25.26
N ARG C 308 -30.58 -3.50 -24.41
CA ARG C 308 -31.41 -2.55 -23.66
C ARG C 308 -30.65 -1.99 -22.43
N THR C 309 -29.40 -2.42 -22.20
CA THR C 309 -28.65 -2.04 -21.00
C THR C 309 -28.24 -0.57 -21.05
N PRO C 310 -28.57 0.24 -20.01
CA PRO C 310 -28.33 1.69 -20.04
C PRO C 310 -26.85 2.02 -20.21
N PRO C 311 -26.52 3.08 -20.98
CA PRO C 311 -25.14 3.45 -21.26
C PRO C 311 -24.33 3.82 -20.02
N GLU C 312 -24.91 4.58 -19.08
CA GLU C 312 -24.14 4.96 -17.91
C GLU C 312 -23.77 3.70 -17.10
N ALA C 313 -24.64 2.67 -17.11
CA ALA C 313 -24.38 1.41 -16.39
C ALA C 313 -23.12 0.72 -16.95
N ILE C 314 -23.07 0.55 -18.27
CA ILE C 314 -21.92 -0.08 -18.93
C ILE C 314 -20.69 0.81 -18.66
N ALA C 315 -20.91 2.14 -18.71
CA ALA C 315 -19.82 3.05 -18.46
C ALA C 315 -19.26 2.83 -17.05
N LEU C 316 -20.12 2.79 -16.03
CA LEU C 316 -19.66 2.63 -14.65
C LEU C 316 -18.89 1.30 -14.51
N CYS C 317 -19.49 0.25 -15.07
CA CYS C 317 -18.95 -1.11 -15.04
C CYS C 317 -17.53 -1.14 -15.59
N SER C 318 -17.31 -0.36 -16.66
CA SER C 318 -16.04 -0.31 -17.34
C SER C 318 -14.96 0.34 -16.46
N ARG C 319 -15.34 1.16 -15.48
CA ARG C 319 -14.38 1.87 -14.62
C ARG C 319 -14.15 1.11 -13.31
N LEU C 320 -14.90 0.03 -13.09
CA LEU C 320 -14.76 -0.81 -11.93
C LEU C 320 -13.94 -2.05 -12.27
N LEU C 321 -14.20 -2.67 -13.43
CA LEU C 321 -13.53 -3.92 -13.82
C LEU C 321 -12.31 -3.62 -14.70
N GLU C 322 -11.26 -3.09 -14.07
CA GLU C 322 -10.02 -2.73 -14.77
C GLU C 322 -8.88 -3.60 -14.23
N TYR C 323 -7.97 -3.99 -15.11
CA TYR C 323 -6.80 -4.80 -14.73
C TYR C 323 -5.97 -3.98 -13.73
N THR C 324 -5.73 -2.70 -14.06
CA THR C 324 -4.88 -1.86 -13.25
C THR C 324 -5.64 -1.36 -12.04
N PRO C 325 -5.31 -1.83 -10.82
CA PRO C 325 -6.11 -1.56 -9.63
C PRO C 325 -6.23 -0.06 -9.37
N THR C 326 -5.15 0.70 -9.60
CA THR C 326 -5.20 2.14 -9.29
C THR C 326 -6.16 2.83 -10.27
N ALA C 327 -6.43 2.17 -11.40
CA ALA C 327 -7.31 2.69 -12.45
C ALA C 327 -8.77 2.72 -11.98
N ARG C 328 -9.14 1.78 -11.10
CA ARG C 328 -10.52 1.59 -10.73
C ARG C 328 -10.99 2.80 -9.93
N LEU C 329 -12.31 3.05 -9.96
CA LEU C 329 -12.94 4.16 -9.24
C LEU C 329 -12.82 3.87 -7.74
N THR C 330 -12.78 4.91 -6.91
CA THR C 330 -13.00 4.70 -5.48
C THR C 330 -14.50 4.54 -5.25
N PRO C 331 -14.92 3.92 -4.13
CA PRO C 331 -16.33 3.82 -3.81
C PRO C 331 -17.08 5.16 -3.85
N LEU C 332 -16.48 6.22 -3.30
CA LEU C 332 -17.16 7.52 -3.29
C LEU C 332 -17.29 8.06 -4.71
N GLU C 333 -16.26 7.91 -5.54
CA GLU C 333 -16.33 8.33 -6.94
C GLU C 333 -17.43 7.53 -7.67
N ALA C 334 -17.57 6.25 -7.34
CA ALA C 334 -18.59 5.41 -7.95
C ALA C 334 -19.96 5.90 -7.50
N CYS C 335 -20.11 6.26 -6.22
CA CYS C 335 -21.36 6.84 -5.73
C CYS C 335 -21.76 8.10 -6.52
N ALA C 336 -20.78 8.92 -6.92
CA ALA C 336 -21.02 10.19 -7.60
C ALA C 336 -21.11 10.02 -9.13
N HIS C 337 -21.04 8.79 -9.62
CA HIS C 337 -21.14 8.50 -11.03
C HIS C 337 -22.54 8.87 -11.53
N SER C 338 -22.64 9.23 -12.82
CA SER C 338 -23.91 9.73 -13.39
C SER C 338 -24.94 8.59 -13.54
N PHE C 339 -24.51 7.34 -13.47
CA PHE C 339 -25.42 6.20 -13.49
C PHE C 339 -26.42 6.29 -12.32
N PHE C 340 -26.00 6.93 -11.23
CA PHE C 340 -26.80 7.07 -10.01
C PHE C 340 -27.54 8.42 -9.98
N ASP C 341 -27.60 9.13 -11.11
CA ASP C 341 -28.22 10.46 -11.16
C ASP C 341 -29.73 10.41 -10.84
N GLU C 342 -30.44 9.36 -11.25
CA GLU C 342 -31.87 9.25 -10.95
C GLU C 342 -32.09 9.25 -9.42
N LEU C 343 -31.16 8.70 -8.63
CA LEU C 343 -31.36 8.63 -7.18
C LEU C 343 -31.32 10.02 -6.54
N ARG C 344 -30.74 11.00 -7.22
CA ARG C 344 -30.57 12.34 -6.67
C ARG C 344 -31.71 13.26 -7.10
N ASP C 345 -32.72 12.71 -7.78
CA ASP C 345 -33.85 13.50 -8.23
C ASP C 345 -34.81 13.58 -7.07
N PRO C 346 -35.31 14.77 -6.69
CA PRO C 346 -36.22 14.89 -5.55
C PRO C 346 -37.54 14.14 -5.77
N ASN C 347 -37.90 13.87 -7.02
CA ASN C 347 -39.17 13.21 -7.30
C ASN C 347 -39.02 11.68 -7.33
N VAL C 348 -37.83 11.15 -7.07
CA VAL C 348 -37.54 9.71 -7.20
C VAL C 348 -38.38 8.97 -6.16
N LYS C 349 -38.97 7.83 -6.59
CA LYS C 349 -39.79 7.01 -5.72
C LYS C 349 -39.45 5.54 -5.98
N LEU C 350 -39.65 4.69 -4.98
CA LEU C 350 -39.54 3.25 -5.18
C LEU C 350 -40.69 2.78 -6.08
N PRO C 351 -40.58 1.59 -6.70
CA PRO C 351 -41.66 1.04 -7.50
C PRO C 351 -42.94 0.83 -6.72
N ASN C 352 -42.87 0.84 -5.39
CA ASN C 352 -44.06 0.62 -4.60
C ASN C 352 -44.68 1.96 -4.21
N GLY C 353 -44.15 3.08 -4.71
CA GLY C 353 -44.70 4.43 -4.45
C GLY C 353 -44.21 5.07 -3.15
N ARG C 354 -43.50 4.32 -2.30
CA ARG C 354 -42.95 4.90 -1.07
C ARG C 354 -41.68 5.70 -1.43
N ASP C 355 -41.24 6.55 -0.50
CA ASP C 355 -40.00 7.33 -0.65
C ASP C 355 -38.81 6.37 -0.64
N THR C 356 -37.70 6.78 -1.23
CA THR C 356 -36.49 6.00 -1.15
C THR C 356 -35.88 6.12 0.24
N PRO C 357 -34.92 5.24 0.61
CA PRO C 357 -34.23 5.32 1.88
C PRO C 357 -33.26 6.50 1.80
N ALA C 358 -32.79 6.96 2.97
CA ALA C 358 -31.94 8.15 3.02
C ALA C 358 -30.55 7.80 2.50
N LEU C 359 -30.23 8.33 1.31
CA LEU C 359 -29.01 8.05 0.59
C LEU C 359 -28.01 9.19 0.72
N PHE C 360 -28.41 10.31 1.33
CA PHE C 360 -27.60 11.52 1.20
C PHE C 360 -26.98 11.98 2.53
N ASN C 361 -27.27 11.28 3.63
CA ASN C 361 -26.89 11.74 4.96
C ASN C 361 -25.43 11.35 5.27
N PHE C 362 -24.49 11.76 4.41
CA PHE C 362 -23.08 11.41 4.52
C PHE C 362 -22.45 12.14 5.71
N THR C 363 -21.68 11.43 6.53
CA THR C 363 -20.87 12.06 7.57
C THR C 363 -19.54 12.51 6.97
N THR C 364 -18.77 13.25 7.79
CA THR C 364 -17.42 13.68 7.45
C THR C 364 -16.52 12.46 7.18
N GLN C 365 -16.66 11.41 8.00
CA GLN C 365 -15.86 10.21 7.84
C GLN C 365 -16.06 9.58 6.44
N GLU C 366 -17.31 9.48 5.98
CA GLU C 366 -17.57 8.84 4.67
C GLU C 366 -16.96 9.69 3.56
N LEU C 367 -17.01 11.03 3.72
CA LEU C 367 -16.57 11.98 2.68
C LEU C 367 -15.05 12.23 2.75
N SER C 368 -14.36 11.69 3.76
CA SER C 368 -12.97 12.09 4.08
C SER C 368 -12.03 11.80 2.90
N SER C 369 -12.31 10.79 2.10
CA SER C 369 -11.47 10.42 0.94
C SER C 369 -11.44 11.52 -0.14
N ASN C 370 -12.53 12.27 -0.29
CA ASN C 370 -12.62 13.34 -1.29
C ASN C 370 -13.78 14.26 -0.91
N PRO C 371 -13.63 15.12 0.13
CA PRO C 371 -14.75 15.89 0.66
C PRO C 371 -15.43 16.81 -0.34
N PRO C 372 -14.72 17.30 -1.37
CA PRO C 372 -15.33 18.09 -2.44
C PRO C 372 -16.50 17.41 -3.18
N LEU C 373 -16.51 16.08 -3.19
CA LEU C 373 -17.51 15.30 -3.93
C LEU C 373 -18.90 15.54 -3.37
N ALA C 374 -19.00 16.14 -2.17
CA ALA C 374 -20.25 16.42 -1.48
C ALA C 374 -21.16 17.29 -2.34
N THR C 375 -20.60 18.13 -3.21
CA THR C 375 -21.42 19.05 -4.00
C THR C 375 -22.22 18.23 -5.03
N ILE C 376 -21.72 17.06 -5.44
CA ILE C 376 -22.52 16.14 -6.29
C ILE C 376 -23.35 15.21 -5.41
N LEU C 377 -22.72 14.59 -4.41
CA LEU C 377 -23.34 13.50 -3.67
C LEU C 377 -24.55 13.97 -2.87
N ILE C 378 -24.47 15.15 -2.25
CA ILE C 378 -25.58 15.70 -1.48
C ILE C 378 -26.29 16.74 -2.33
N PRO C 379 -27.43 16.40 -2.97
CA PRO C 379 -28.20 17.37 -3.74
C PRO C 379 -28.80 18.43 -2.83
N PRO C 380 -29.14 19.60 -3.41
CA PRO C 380 -29.66 20.74 -2.65
C PRO C 380 -30.89 20.46 -1.78
N HIS C 381 -31.82 19.62 -2.23
CA HIS C 381 -33.01 19.30 -1.42
C HIS C 381 -32.66 18.35 -0.27
N ALA C 382 -31.45 17.79 -0.31
CA ALA C 382 -31.00 16.95 0.78
C ALA C 382 -30.19 17.78 1.79
N ARG C 383 -30.56 19.05 1.96
CA ARG C 383 -29.81 20.00 2.79
C ARG C 383 -30.82 20.99 3.40
N LYS D 36 16.32 -22.90 -17.18
CA LYS D 36 14.94 -23.50 -17.23
C LYS D 36 14.84 -24.63 -16.19
N VAL D 37 15.80 -25.57 -16.22
CA VAL D 37 15.82 -26.75 -15.35
C VAL D 37 16.02 -26.33 -13.90
N THR D 38 15.15 -26.83 -13.01
CA THR D 38 15.23 -26.64 -11.59
C THR D 38 15.68 -27.96 -10.97
N THR D 39 16.72 -27.93 -10.13
CA THR D 39 17.18 -29.14 -9.47
C THR D 39 16.84 -29.05 -7.99
N VAL D 40 16.30 -30.11 -7.41
CA VAL D 40 16.00 -30.10 -6.00
C VAL D 40 16.48 -31.41 -5.39
N VAL D 41 16.59 -31.44 -4.07
CA VAL D 41 16.93 -32.63 -3.38
C VAL D 41 15.65 -33.12 -2.74
N ALA D 42 15.16 -34.29 -3.19
CA ALA D 42 13.84 -34.78 -2.85
C ALA D 42 13.89 -36.19 -2.26
N THR D 43 12.92 -36.49 -1.41
CA THR D 43 12.75 -37.75 -0.77
C THR D 43 11.64 -38.55 -1.46
N PRO D 44 11.91 -39.82 -1.86
CA PRO D 44 10.91 -40.66 -2.52
C PRO D 44 9.75 -40.88 -1.57
N GLY D 45 8.51 -40.85 -2.07
CA GLY D 45 7.30 -40.91 -1.23
C GLY D 45 7.19 -42.24 -0.48
N GLN D 46 7.32 -43.33 -1.24
CA GLN D 46 7.38 -44.68 -0.70
C GLN D 46 8.84 -45.13 -0.66
N GLY D 47 9.33 -45.51 0.52
CA GLY D 47 10.65 -46.15 0.63
C GLY D 47 11.46 -45.67 1.82
N PRO D 48 12.79 -45.95 1.84
CA PRO D 48 13.66 -45.49 2.93
C PRO D 48 13.82 -43.97 2.78
N ASP D 49 14.02 -43.24 3.87
CA ASP D 49 14.11 -41.78 3.79
C ASP D 49 15.50 -41.36 3.28
N ARG D 50 15.78 -41.61 1.98
CA ARG D 50 17.10 -41.34 1.37
C ARG D 50 16.96 -40.33 0.22
N PRO D 51 17.23 -39.01 0.43
CA PRO D 51 17.01 -37.99 -0.59
C PRO D 51 17.89 -38.18 -1.82
N GLN D 52 17.43 -37.67 -2.96
CA GLN D 52 18.19 -37.72 -4.21
C GLN D 52 17.94 -36.43 -4.98
N GLU D 53 18.84 -36.12 -5.89
CA GLU D 53 18.76 -34.95 -6.72
C GLU D 53 17.76 -35.27 -7.84
N VAL D 54 16.69 -34.47 -7.93
CA VAL D 54 15.65 -34.62 -8.95
C VAL D 54 15.58 -33.34 -9.76
N SER D 55 15.64 -33.44 -11.08
CA SER D 55 15.56 -32.29 -11.94
C SER D 55 14.24 -32.29 -12.73
N TYR D 56 13.63 -31.11 -12.90
CA TYR D 56 12.40 -30.96 -13.68
C TYR D 56 12.43 -29.63 -14.42
N THR D 57 11.51 -29.47 -15.40
CA THR D 57 11.52 -28.31 -16.30
C THR D 57 10.11 -28.04 -16.83
N ASP D 58 9.99 -26.95 -17.62
CA ASP D 58 8.76 -26.56 -18.34
C ASP D 58 7.65 -26.44 -17.31
N THR D 59 7.94 -25.70 -16.23
CA THR D 59 7.07 -25.59 -15.08
C THR D 59 5.95 -24.59 -15.38
N LYS D 60 4.69 -24.96 -15.11
CA LYS D 60 3.50 -24.12 -15.40
C LYS D 60 2.52 -24.20 -14.21
N VAL D 61 1.76 -23.12 -13.94
CA VAL D 61 0.77 -23.10 -12.83
C VAL D 61 -0.55 -23.69 -13.35
N ILE D 62 -1.15 -24.61 -12.62
CA ILE D 62 -2.38 -25.22 -13.06
C ILE D 62 -3.44 -25.21 -11.95
N GLY D 63 -3.11 -24.74 -10.75
CA GLY D 63 -4.10 -24.78 -9.68
C GLY D 63 -3.68 -23.94 -8.50
N ASN D 64 -4.68 -23.56 -7.67
CA ASN D 64 -4.42 -22.92 -6.39
C ASN D 64 -5.62 -23.20 -5.47
N GLY D 65 -5.42 -22.90 -4.19
CA GLY D 65 -6.38 -23.13 -3.13
C GLY D 65 -5.89 -22.49 -1.85
N SER D 66 -6.52 -22.82 -0.72
CA SER D 66 -6.12 -22.31 0.58
C SER D 66 -4.70 -22.76 0.92
N PHE D 67 -4.38 -24.00 0.53
CA PHE D 67 -3.12 -24.68 0.82
C PHE D 67 -1.90 -23.99 0.18
N GLY D 68 -2.05 -23.52 -1.06
CA GLY D 68 -0.91 -22.99 -1.82
C GLY D 68 -1.20 -23.07 -3.30
N VAL D 69 -0.23 -23.48 -4.11
CA VAL D 69 -0.38 -23.43 -5.57
C VAL D 69 0.05 -24.78 -6.14
N VAL D 70 -0.47 -25.15 -7.31
CA VAL D 70 -0.18 -26.43 -7.94
C VAL D 70 0.44 -26.18 -9.31
N TYR D 71 1.48 -26.96 -9.65
CA TYR D 71 2.21 -26.77 -10.89
C TYR D 71 2.19 -28.07 -11.70
N GLN D 72 2.46 -27.93 -12.99
CA GLN D 72 2.69 -29.04 -13.86
C GLN D 72 4.14 -28.93 -14.33
N ALA D 73 4.86 -30.06 -14.38
CA ALA D 73 6.26 -30.01 -14.75
C ALA D 73 6.66 -31.33 -15.39
N LYS D 74 7.78 -31.30 -16.12
CA LYS D 74 8.35 -32.47 -16.77
C LYS D 74 9.62 -32.89 -16.03
N LEU D 75 9.70 -34.16 -15.63
CA LEU D 75 10.90 -34.70 -15.00
C LEU D 75 11.97 -34.85 -16.09
N CYS D 76 13.19 -34.39 -15.82
CA CYS D 76 14.24 -34.42 -16.83
C CYS D 76 14.67 -35.88 -17.12
N ASP D 77 14.63 -36.76 -16.11
CA ASP D 77 15.11 -38.17 -16.24
C ASP D 77 14.28 -38.96 -17.27
N SER D 78 12.94 -38.90 -17.19
CA SER D 78 12.10 -39.79 -18.01
C SER D 78 11.35 -39.03 -19.10
N GLY D 79 11.17 -37.72 -18.91
CA GLY D 79 10.30 -36.92 -19.74
C GLY D 79 8.85 -37.01 -19.25
N GLU D 80 8.65 -37.73 -18.15
CA GLU D 80 7.34 -37.92 -17.56
C GLU D 80 6.80 -36.61 -16.95
N LEU D 81 5.49 -36.40 -17.07
CA LEU D 81 4.85 -35.20 -16.56
C LEU D 81 4.39 -35.45 -15.12
N VAL D 82 4.52 -34.43 -14.27
CA VAL D 82 4.10 -34.56 -12.86
C VAL D 82 3.37 -33.29 -12.45
N ALA D 83 2.56 -33.41 -11.40
CA ALA D 83 2.01 -32.25 -10.73
C ALA D 83 2.84 -31.98 -9.46
N ILE D 84 3.08 -30.70 -9.13
CA ILE D 84 3.75 -30.37 -7.89
C ILE D 84 2.80 -29.50 -7.08
N LYS D 85 2.41 -29.97 -5.89
CA LYS D 85 1.56 -29.25 -4.98
C LYS D 85 2.44 -28.63 -3.88
N LYS D 86 2.42 -27.31 -3.78
CA LYS D 86 3.21 -26.53 -2.83
C LYS D 86 2.29 -26.07 -1.68
N VAL D 87 2.67 -26.34 -0.43
CA VAL D 87 1.82 -26.06 0.78
C VAL D 87 2.67 -25.42 1.89
N LEU D 88 2.04 -25.31 3.08
CA LEU D 88 2.38 -24.51 4.33
C LEU D 88 3.65 -24.94 5.09
N GLN D 89 3.80 -26.22 5.45
CA GLN D 89 5.02 -26.75 6.08
C GLN D 89 4.82 -28.25 6.33
N ASN D 95 2.74 -32.31 9.00
CA ASN D 95 1.85 -32.32 7.80
C ASN D 95 1.12 -33.67 7.69
N ARG D 96 -0.20 -33.65 7.93
CA ARG D 96 -1.09 -34.83 7.92
C ARG D 96 -1.15 -35.44 6.53
N GLU D 97 -1.14 -34.57 5.51
CA GLU D 97 -1.26 -34.95 4.09
C GLU D 97 -0.06 -35.80 3.65
N LEU D 98 1.16 -35.38 3.98
CA LEU D 98 2.37 -36.13 3.64
C LEU D 98 2.40 -37.47 4.40
N GLN D 99 2.09 -37.47 5.70
CA GLN D 99 2.11 -38.74 6.48
C GLN D 99 1.15 -39.76 5.84
N ILE D 100 -0.07 -39.32 5.53
CA ILE D 100 -1.07 -40.20 4.90
C ILE D 100 -0.60 -40.66 3.52
N MET D 101 -0.16 -39.71 2.68
CA MET D 101 0.20 -40.00 1.29
C MET D 101 1.39 -40.97 1.23
N ARG D 102 2.31 -40.83 2.18
CA ARG D 102 3.53 -41.63 2.24
C ARG D 102 3.17 -43.11 2.43
N LYS D 103 2.10 -43.39 3.19
CA LYS D 103 1.65 -44.75 3.54
C LYS D 103 0.80 -45.43 2.46
N LEU D 104 0.50 -44.75 1.33
CA LEU D 104 -0.50 -45.28 0.36
C LEU D 104 0.17 -45.66 -0.96
N ASP D 105 0.02 -46.91 -1.36
CA ASP D 105 0.42 -47.34 -2.69
C ASP D 105 -0.76 -48.13 -3.27
N HIS D 106 -1.45 -47.56 -4.27
CA HIS D 106 -2.63 -48.18 -4.88
C HIS D 106 -2.81 -47.69 -6.31
N CYS D 107 -3.25 -48.60 -7.19
CA CYS D 107 -3.46 -48.36 -8.62
C CYS D 107 -4.58 -47.34 -8.82
N ASN D 108 -5.48 -47.21 -7.84
CA ASN D 108 -6.62 -46.29 -7.90
C ASN D 108 -6.42 -45.03 -7.04
N ILE D 109 -5.18 -44.80 -6.58
CA ILE D 109 -4.82 -43.62 -5.83
C ILE D 109 -3.58 -43.03 -6.48
N VAL D 110 -3.57 -41.70 -6.67
CA VAL D 110 -2.45 -40.99 -7.29
C VAL D 110 -1.25 -41.17 -6.37
N ARG D 111 -0.08 -41.41 -6.95
CA ARG D 111 1.09 -41.78 -6.16
C ARG D 111 1.97 -40.55 -5.97
N LEU D 112 2.47 -40.41 -4.75
CA LEU D 112 3.47 -39.45 -4.39
C LEU D 112 4.84 -40.00 -4.83
N ARG D 113 5.38 -39.49 -5.95
CA ARG D 113 6.69 -39.87 -6.41
C ARG D 113 7.78 -39.39 -5.42
N TYR D 114 7.74 -38.10 -5.02
CA TYR D 114 8.74 -37.48 -4.16
C TYR D 114 8.10 -36.36 -3.36
N PHE D 115 8.83 -35.84 -2.35
CA PHE D 115 8.50 -34.59 -1.67
C PHE D 115 9.80 -33.82 -1.36
N PHE D 116 9.74 -32.48 -1.39
CA PHE D 116 10.89 -31.65 -1.09
C PHE D 116 10.45 -30.30 -0.49
N TYR D 117 11.42 -29.55 0.03
CA TYR D 117 11.19 -28.28 0.71
C TYR D 117 11.83 -27.16 -0.10
N SER D 118 11.34 -25.91 0.07
CA SER D 118 11.86 -24.76 -0.71
C SER D 118 11.52 -23.45 0.00
N VAL D 126 9.20 -22.26 5.10
CA VAL D 126 9.51 -23.54 4.43
C VAL D 126 8.22 -24.08 3.80
N TYR D 127 8.28 -24.35 2.49
CA TYR D 127 7.14 -24.87 1.73
C TYR D 127 7.35 -26.36 1.43
N LEU D 128 6.32 -27.16 1.68
CA LEU D 128 6.39 -28.58 1.38
C LEU D 128 5.90 -28.80 -0.06
N ASN D 129 6.72 -29.36 -0.96
CA ASN D 129 6.33 -29.61 -2.32
C ASN D 129 6.03 -31.09 -2.51
N LEU D 130 4.81 -31.44 -2.92
CA LEU D 130 4.48 -32.83 -3.17
C LEU D 130 4.52 -33.06 -4.67
N VAL D 131 5.36 -34.01 -5.10
CA VAL D 131 5.48 -34.38 -6.51
C VAL D 131 4.64 -35.63 -6.77
N LEU D 132 3.69 -35.53 -7.71
CA LEU D 132 2.70 -36.58 -7.93
C LEU D 132 2.56 -36.85 -9.42
N ASP D 133 1.98 -38.00 -9.76
CA ASP D 133 1.71 -38.33 -11.17
C ASP D 133 0.72 -37.32 -11.74
N TYR D 134 0.95 -36.87 -12.98
CA TYR D 134 0.07 -35.87 -13.56
C TYR D 134 -0.95 -36.59 -14.41
N VAL D 135 -2.23 -36.45 -14.05
CA VAL D 135 -3.30 -36.99 -14.83
C VAL D 135 -4.15 -35.83 -15.35
N PRO D 136 -4.35 -35.74 -16.68
CA PRO D 136 -5.01 -34.59 -17.30
C PRO D 136 -6.54 -34.44 -17.07
N GLU D 137 -7.27 -35.55 -17.10
CA GLU D 137 -8.73 -35.46 -17.08
C GLU D 137 -9.27 -35.78 -15.69
N THR D 138 -10.51 -35.32 -15.44
CA THR D 138 -11.25 -35.64 -14.22
C THR D 138 -12.67 -36.10 -14.59
N VAL D 139 -13.32 -36.80 -13.65
CA VAL D 139 -14.70 -37.24 -13.81
C VAL D 139 -15.54 -35.99 -14.08
N TYR D 140 -15.23 -34.91 -13.38
CA TYR D 140 -15.95 -33.67 -13.48
C TYR D 140 -15.97 -33.12 -14.91
N ARG D 141 -14.80 -32.99 -15.51
CA ARG D 141 -14.66 -32.43 -16.85
C ARG D 141 -15.33 -33.38 -17.86
N VAL D 142 -15.17 -34.70 -17.66
CA VAL D 142 -15.71 -35.67 -18.61
C VAL D 142 -17.25 -35.70 -18.51
N ALA D 143 -17.79 -35.73 -17.29
CA ALA D 143 -19.20 -35.69 -17.10
C ALA D 143 -19.78 -34.40 -17.71
N ARG D 144 -19.04 -33.30 -17.53
CA ARG D 144 -19.43 -31.99 -18.02
C ARG D 144 -19.56 -31.99 -19.55
N HIS D 145 -18.73 -32.76 -20.25
CA HIS D 145 -18.73 -32.79 -21.72
C HIS D 145 -20.10 -33.26 -22.21
N TYR D 146 -20.68 -34.26 -21.55
CA TYR D 146 -22.03 -34.74 -21.85
C TYR D 146 -23.09 -33.76 -21.36
N SER D 147 -22.94 -33.32 -20.11
CA SER D 147 -23.94 -32.52 -19.43
C SER D 147 -24.20 -31.21 -20.17
N ARG D 148 -23.15 -30.59 -20.72
CA ARG D 148 -23.28 -29.34 -21.46
C ARG D 148 -24.14 -29.59 -22.72
N ALA D 149 -24.15 -30.83 -23.23
CA ALA D 149 -24.85 -31.20 -24.46
C ALA D 149 -26.21 -31.85 -24.13
N LYS D 150 -26.69 -31.62 -22.91
CA LYS D 150 -27.96 -32.18 -22.42
C LYS D 150 -27.93 -33.72 -22.48
N GLN D 151 -26.76 -34.34 -22.33
CA GLN D 151 -26.62 -35.82 -22.26
C GLN D 151 -26.01 -36.22 -20.91
N THR D 152 -25.83 -37.54 -20.71
CA THR D 152 -25.22 -38.07 -19.49
C THR D 152 -24.14 -39.08 -19.87
N LEU D 153 -23.18 -39.28 -18.98
CA LEU D 153 -22.09 -40.19 -19.19
C LEU D 153 -22.64 -41.58 -19.53
N PRO D 154 -22.21 -42.23 -20.62
CA PRO D 154 -22.63 -43.58 -20.93
C PRO D 154 -22.44 -44.49 -19.73
N VAL D 155 -23.30 -45.49 -19.60
CA VAL D 155 -23.40 -46.35 -18.45
C VAL D 155 -22.13 -47.16 -18.20
N ILE D 156 -21.41 -47.60 -19.25
CA ILE D 156 -20.22 -48.47 -19.02
C ILE D 156 -19.18 -47.66 -18.22
N TYR D 157 -19.06 -46.36 -18.52
CA TYR D 157 -18.11 -45.49 -17.83
C TYR D 157 -18.57 -45.24 -16.37
N VAL D 158 -19.87 -45.01 -16.18
CA VAL D 158 -20.38 -44.84 -14.86
C VAL D 158 -19.95 -46.07 -14.05
N LYS D 159 -20.15 -47.26 -14.62
CA LYS D 159 -19.79 -48.51 -13.95
C LYS D 159 -18.30 -48.57 -13.65
N LEU D 160 -17.47 -48.31 -14.65
CA LEU D 160 -16.01 -48.36 -14.53
C LEU D 160 -15.49 -47.35 -13.48
N TYR D 161 -15.89 -46.09 -13.60
CA TYR D 161 -15.40 -45.07 -12.69
C TYR D 161 -15.90 -45.35 -11.27
N MET D 162 -17.18 -45.62 -11.10
CA MET D 162 -17.67 -45.81 -9.77
C MET D 162 -16.95 -47.01 -9.12
N TYR D 163 -16.76 -48.12 -9.84
CA TYR D 163 -16.10 -49.28 -9.22
C TYR D 163 -14.69 -48.90 -8.73
N GLN D 164 -13.93 -48.18 -9.54
CA GLN D 164 -12.60 -47.81 -9.19
C GLN D 164 -12.62 -46.87 -7.96
N LEU D 165 -13.61 -45.98 -7.89
CA LEU D 165 -13.72 -45.11 -6.74
C LEU D 165 -13.94 -45.96 -5.48
N PHE D 166 -14.87 -46.91 -5.54
CA PHE D 166 -15.16 -47.73 -4.38
C PHE D 166 -13.93 -48.56 -3.97
N ARG D 167 -13.12 -48.99 -4.94
CA ARG D 167 -11.92 -49.75 -4.64
C ARG D 167 -10.96 -48.88 -3.82
N SER D 168 -10.75 -47.65 -4.31
CA SER D 168 -9.92 -46.69 -3.63
C SER D 168 -10.43 -46.48 -2.19
N LEU D 169 -11.75 -46.40 -1.99
CA LEU D 169 -12.27 -46.20 -0.65
C LEU D 169 -12.01 -47.42 0.24
N ALA D 170 -12.16 -48.64 -0.28
CA ALA D 170 -11.90 -49.83 0.55
C ALA D 170 -10.41 -49.82 1.01
N TYR D 171 -9.49 -49.51 0.08
CA TYR D 171 -8.08 -49.48 0.43
C TYR D 171 -7.82 -48.43 1.53
N ILE D 172 -8.20 -47.16 1.32
CA ILE D 172 -7.91 -46.14 2.32
C ILE D 172 -8.69 -46.43 3.61
N HIS D 173 -9.91 -46.94 3.52
CA HIS D 173 -10.74 -47.22 4.69
C HIS D 173 -10.13 -48.36 5.54
N SER D 174 -9.40 -49.28 4.91
CA SER D 174 -8.80 -50.42 5.61
C SER D 174 -7.72 -49.90 6.58
N PHE D 175 -7.04 -48.82 6.19
CA PHE D 175 -6.07 -48.17 7.04
C PHE D 175 -6.74 -47.25 8.07
N GLY D 176 -8.08 -47.16 8.07
CA GLY D 176 -8.81 -46.26 8.97
C GLY D 176 -8.83 -44.79 8.50
N ILE D 177 -8.31 -44.51 7.29
CA ILE D 177 -8.25 -43.16 6.70
C ILE D 177 -9.54 -42.84 5.92
N CYS D 178 -10.16 -41.70 6.27
CA CYS D 178 -11.31 -41.15 5.60
C CYS D 178 -10.85 -39.96 4.74
N HIS D 179 -11.21 -39.96 3.44
CA HIS D 179 -10.77 -38.93 2.49
C HIS D 179 -11.37 -37.55 2.84
N ARG D 180 -12.69 -37.54 3.06
CA ARG D 180 -13.48 -36.37 3.52
C ARG D 180 -13.64 -35.29 2.43
N ASP D 181 -13.19 -35.56 1.21
CA ASP D 181 -13.47 -34.64 0.13
C ASP D 181 -13.74 -35.42 -1.19
N ILE D 182 -14.64 -36.39 -1.14
CA ILE D 182 -14.97 -37.14 -2.33
C ILE D 182 -15.84 -36.22 -3.22
N LYS D 183 -15.36 -35.91 -4.42
CA LYS D 183 -16.14 -35.18 -5.40
C LYS D 183 -15.58 -35.43 -6.80
N PRO D 184 -16.34 -35.08 -7.86
CA PRO D 184 -15.93 -35.37 -9.22
C PRO D 184 -14.59 -34.74 -9.60
N GLN D 185 -14.29 -33.54 -9.08
CA GLN D 185 -13.03 -32.87 -9.45
C GLN D 185 -11.81 -33.60 -8.83
N ASN D 186 -12.02 -34.48 -7.83
CA ASN D 186 -10.92 -35.20 -7.18
C ASN D 186 -10.75 -36.60 -7.77
N LEU D 187 -11.46 -36.91 -8.88
CA LEU D 187 -11.32 -38.20 -9.55
C LEU D 187 -10.63 -38.00 -10.89
N LEU D 188 -9.35 -38.35 -10.94
CA LEU D 188 -8.54 -38.11 -12.15
C LEU D 188 -8.71 -39.33 -13.07
N LEU D 189 -8.57 -39.13 -14.38
CA LEU D 189 -8.83 -40.20 -15.34
C LEU D 189 -7.76 -40.16 -16.42
N ASP D 190 -7.21 -41.32 -16.77
CA ASP D 190 -6.50 -41.43 -18.02
C ASP D 190 -7.54 -41.77 -19.08
N PRO D 191 -7.77 -40.91 -20.09
CA PRO D 191 -8.85 -41.15 -21.04
C PRO D 191 -8.62 -42.46 -21.81
N ASP D 192 -7.38 -42.76 -22.18
CA ASP D 192 -7.11 -43.85 -23.10
C ASP D 192 -7.33 -45.20 -22.41
N THR D 193 -7.09 -45.33 -21.10
CA THR D 193 -7.19 -46.63 -20.39
C THR D 193 -8.41 -46.69 -19.44
N ALA D 194 -9.09 -45.57 -19.22
CA ALA D 194 -10.21 -45.48 -18.26
C ALA D 194 -9.74 -45.81 -16.84
N VAL D 195 -8.48 -45.52 -16.51
CA VAL D 195 -8.01 -45.74 -15.16
C VAL D 195 -8.34 -44.49 -14.35
N LEU D 196 -8.90 -44.69 -13.15
CA LEU D 196 -9.34 -43.61 -12.28
C LEU D 196 -8.44 -43.60 -11.02
N LYS D 197 -8.00 -42.42 -10.59
CA LYS D 197 -7.15 -42.27 -9.40
C LYS D 197 -7.73 -41.18 -8.49
N LEU D 198 -8.01 -41.55 -7.24
CA LEU D 198 -8.49 -40.64 -6.24
C LEU D 198 -7.34 -39.71 -5.89
N CYS D 199 -7.61 -38.43 -5.68
CA CYS D 199 -6.55 -37.50 -5.38
C CYS D 199 -7.02 -36.50 -4.34
N ASP D 200 -6.17 -35.53 -4.00
CA ASP D 200 -6.39 -34.47 -3.01
C ASP D 200 -6.64 -35.01 -1.59
N PHE D 201 -5.57 -35.44 -0.93
CA PHE D 201 -5.70 -35.96 0.43
C PHE D 201 -5.58 -34.84 1.47
N GLY D 202 -5.84 -33.60 1.07
CA GLY D 202 -5.71 -32.45 1.93
C GLY D 202 -6.72 -32.40 3.05
N SER D 203 -7.81 -33.16 2.99
CA SER D 203 -8.78 -33.17 4.08
C SER D 203 -8.73 -34.53 4.77
N ALA D 204 -7.85 -35.40 4.30
CA ALA D 204 -7.94 -36.80 4.74
C ALA D 204 -7.46 -36.86 6.20
N LYS D 205 -8.03 -37.77 6.99
CA LYS D 205 -7.61 -37.93 8.37
C LYS D 205 -7.84 -39.38 8.78
N GLN D 206 -6.94 -39.89 9.64
CA GLN D 206 -7.12 -41.15 10.34
C GLN D 206 -8.21 -40.96 11.40
N LEU D 207 -9.41 -41.50 11.20
CA LEU D 207 -10.40 -41.33 12.26
C LEU D 207 -10.00 -42.31 13.37
N VAL D 208 -10.18 -41.89 14.63
CA VAL D 208 -9.98 -42.73 15.81
C VAL D 208 -11.27 -42.66 16.63
N ARG D 209 -11.87 -43.81 16.96
CA ARG D 209 -13.12 -43.83 17.77
C ARG D 209 -12.88 -43.06 19.08
N GLY D 210 -13.84 -42.22 19.46
CA GLY D 210 -13.76 -41.41 20.66
C GLY D 210 -12.96 -40.11 20.49
N GLU D 211 -12.34 -39.89 19.31
CA GLU D 211 -11.68 -38.58 19.07
C GLU D 211 -12.53 -37.74 18.11
N PRO D 212 -13.05 -36.58 18.57
CA PRO D 212 -13.94 -35.73 17.78
C PRO D 212 -13.27 -35.19 16.52
N ASN D 213 -14.06 -34.87 15.47
CA ASN D 213 -13.55 -34.31 14.21
C ASN D 213 -14.47 -33.19 13.74
N VAL D 214 -13.97 -32.34 12.83
CA VAL D 214 -14.71 -31.15 12.34
C VAL D 214 -15.94 -31.65 11.57
N SER D 215 -17.06 -31.00 11.83
CA SER D 215 -18.31 -31.24 11.20
C SER D 215 -18.39 -30.54 9.83
N PTR D 216 -17.83 -29.33 9.69
CA PTR D 216 -17.91 -28.58 8.44
C PTR D 216 -16.81 -29.06 7.56
O PTR D 216 -15.76 -28.43 7.55
CB PTR D 216 -17.75 -27.07 8.66
CG PTR D 216 -18.14 -26.28 7.44
CD1 PTR D 216 -17.15 -25.75 6.60
CD2 PTR D 216 -19.49 -26.10 7.13
CE1 PTR D 216 -17.50 -25.01 5.48
CE2 PTR D 216 -19.84 -25.38 6.01
CZ PTR D 216 -18.84 -24.86 5.19
OH PTR D 216 -19.14 -24.09 4.12
P PTR D 216 -19.68 -24.64 2.72
O1P PTR D 216 -19.67 -23.43 1.83
O2P PTR D 216 -21.08 -25.17 2.96
O3P PTR D 216 -18.64 -25.65 2.40
N ILE D 217 -17.00 -30.18 6.83
CA ILE D 217 -15.82 -30.80 6.24
C ILE D 217 -15.89 -31.10 4.73
N CYS D 218 -16.89 -31.76 4.15
CA CYS D 218 -16.65 -32.10 2.65
C CYS D 218 -17.09 -30.94 1.74
N SER D 219 -16.90 -31.08 0.44
CA SER D 219 -17.61 -30.24 -0.53
C SER D 219 -19.14 -30.33 -0.25
N ARG D 220 -19.82 -29.18 -0.27
CA ARG D 220 -21.20 -29.06 0.19
C ARG D 220 -22.16 -30.03 -0.52
N TYR D 221 -22.10 -30.11 -1.85
CA TYR D 221 -23.05 -30.97 -2.63
C TYR D 221 -22.92 -32.44 -2.22
N TYR D 222 -21.75 -32.83 -1.71
CA TYR D 222 -21.41 -34.22 -1.44
C TYR D 222 -21.32 -34.50 0.06
N ARG D 223 -21.85 -33.60 0.89
CA ARG D 223 -21.67 -33.64 2.32
C ARG D 223 -22.76 -34.49 2.96
N ALA D 224 -22.34 -35.47 3.77
CA ALA D 224 -23.26 -36.39 4.44
C ALA D 224 -24.13 -35.61 5.40
N PRO D 225 -25.39 -36.03 5.63
CA PRO D 225 -26.29 -35.31 6.50
C PRO D 225 -25.85 -35.29 7.97
N GLU D 226 -25.12 -36.30 8.45
CA GLU D 226 -24.67 -36.27 9.84
C GLU D 226 -23.76 -35.05 10.06
N LEU D 227 -22.97 -34.69 9.04
CA LEU D 227 -22.08 -33.55 9.09
C LEU D 227 -22.89 -32.26 9.19
N ILE D 228 -23.97 -32.20 8.42
CA ILE D 228 -24.83 -31.02 8.38
C ILE D 228 -25.50 -30.83 9.75
N PHE D 229 -25.78 -31.94 10.42
CA PHE D 229 -26.32 -31.94 11.79
C PHE D 229 -25.22 -31.65 12.82
N GLY D 230 -23.97 -31.50 12.37
CA GLY D 230 -22.85 -31.08 13.21
C GLY D 230 -22.22 -32.25 13.94
N ALA D 231 -22.38 -33.47 13.44
CA ALA D 231 -21.80 -34.61 14.11
C ALA D 231 -20.27 -34.46 14.16
N THR D 232 -19.68 -34.76 15.31
CA THR D 232 -18.22 -34.72 15.44
C THR D 232 -17.68 -36.14 15.58
N ASP D 233 -18.56 -37.08 15.89
CA ASP D 233 -18.20 -38.49 15.87
C ASP D 233 -18.87 -39.12 14.65
N TYR D 234 -18.09 -39.35 13.61
CA TYR D 234 -18.60 -39.93 12.40
C TYR D 234 -17.54 -40.89 11.87
N THR D 235 -17.92 -41.73 10.92
CA THR D 235 -17.02 -42.77 10.46
C THR D 235 -16.64 -42.49 9.01
N SER D 236 -15.92 -43.43 8.42
CA SER D 236 -15.55 -43.49 7.03
C SER D 236 -16.77 -43.48 6.11
N SER D 237 -17.97 -43.69 6.67
CA SER D 237 -19.18 -43.81 5.87
C SER D 237 -19.66 -42.45 5.31
N ILE D 238 -19.05 -41.33 5.72
CA ILE D 238 -19.32 -40.06 5.09
C ILE D 238 -18.83 -40.12 3.64
N ASP D 239 -17.69 -40.78 3.39
CA ASP D 239 -17.14 -40.90 2.06
C ASP D 239 -18.11 -41.71 1.17
N VAL D 240 -18.83 -42.66 1.76
CA VAL D 240 -19.74 -43.50 0.99
C VAL D 240 -20.93 -42.66 0.55
N TRP D 241 -21.44 -41.81 1.44
CA TRP D 241 -22.50 -40.88 1.09
C TRP D 241 -22.02 -40.02 -0.09
N SER D 242 -20.77 -39.56 -0.03
CA SER D 242 -20.25 -38.71 -1.08
C SER D 242 -20.22 -39.45 -2.41
N ALA D 243 -19.78 -40.72 -2.37
CA ALA D 243 -19.70 -41.58 -3.56
C ALA D 243 -21.09 -41.77 -4.16
N GLY D 244 -22.11 -41.88 -3.32
CA GLY D 244 -23.49 -41.91 -3.71
C GLY D 244 -23.90 -40.65 -4.45
N CYS D 245 -23.49 -39.48 -3.94
CA CYS D 245 -23.83 -38.20 -4.59
C CYS D 245 -23.14 -38.12 -5.94
N VAL D 246 -21.92 -38.67 -6.05
CA VAL D 246 -21.22 -38.69 -7.33
C VAL D 246 -21.98 -39.59 -8.33
N LEU D 247 -22.39 -40.78 -7.88
CA LEU D 247 -23.03 -41.73 -8.77
C LEU D 247 -24.35 -41.14 -9.29
N ALA D 248 -25.14 -40.57 -8.39
CA ALA D 248 -26.42 -39.96 -8.76
C ALA D 248 -26.20 -38.82 -9.78
N GLU D 249 -25.19 -37.97 -9.54
CA GLU D 249 -24.86 -36.91 -10.45
C GLU D 249 -24.56 -37.45 -11.85
N LEU D 250 -23.80 -38.55 -11.92
CA LEU D 250 -23.41 -39.13 -13.18
C LEU D 250 -24.66 -39.66 -13.93
N LEU D 251 -25.67 -40.16 -13.20
CA LEU D 251 -26.88 -40.66 -13.80
C LEU D 251 -27.79 -39.48 -14.17
N LEU D 252 -27.75 -38.39 -13.39
CA LEU D 252 -28.64 -37.25 -13.53
C LEU D 252 -28.15 -36.25 -14.57
N GLY D 253 -26.84 -36.10 -14.74
CA GLY D 253 -26.33 -35.00 -15.56
C GLY D 253 -26.16 -33.70 -14.76
N GLN D 254 -26.51 -33.71 -13.47
CA GLN D 254 -26.26 -32.55 -12.59
C GLN D 254 -26.24 -33.02 -11.13
N PRO D 255 -25.78 -32.18 -10.17
CA PRO D 255 -25.72 -32.60 -8.78
C PRO D 255 -27.12 -32.88 -8.25
N ILE D 256 -27.26 -33.98 -7.51
CA ILE D 256 -28.56 -34.37 -7.03
C ILE D 256 -29.03 -33.46 -5.88
N PHE D 257 -28.10 -32.92 -5.07
CA PHE D 257 -28.47 -32.05 -3.93
C PHE D 257 -27.68 -30.75 -3.98
N PRO D 258 -28.10 -29.76 -4.79
CA PRO D 258 -27.35 -28.50 -4.90
C PRO D 258 -27.76 -27.47 -3.83
N GLY D 259 -27.19 -27.59 -2.63
CA GLY D 259 -27.48 -26.65 -1.55
C GLY D 259 -26.97 -25.24 -1.83
N ASP D 260 -27.80 -24.24 -1.44
CA ASP D 260 -27.50 -22.81 -1.44
C ASP D 260 -26.47 -22.48 -0.34
N SER D 261 -26.52 -23.27 0.73
CA SER D 261 -25.63 -23.11 1.88
C SER D 261 -25.53 -24.46 2.61
N GLY D 262 -24.66 -24.54 3.61
CA GLY D 262 -24.48 -25.77 4.38
C GLY D 262 -25.77 -26.30 4.96
N VAL D 263 -26.66 -25.39 5.37
CA VAL D 263 -27.92 -25.75 5.98
C VAL D 263 -28.99 -25.99 4.91
N ASP D 264 -28.97 -25.20 3.82
CA ASP D 264 -29.91 -25.43 2.71
C ASP D 264 -29.58 -26.74 1.99
N GLN D 265 -28.36 -27.24 2.17
CA GLN D 265 -27.95 -28.54 1.66
C GLN D 265 -28.87 -29.61 2.23
N LEU D 266 -29.24 -29.45 3.50
CA LEU D 266 -30.12 -30.36 4.17
C LEU D 266 -31.51 -30.32 3.54
N VAL D 267 -31.95 -29.13 3.15
CA VAL D 267 -33.29 -28.98 2.60
C VAL D 267 -33.35 -29.75 1.29
N GLU D 268 -32.25 -29.70 0.52
CA GLU D 268 -32.18 -30.40 -0.78
C GLU D 268 -32.26 -31.91 -0.59
N ILE D 269 -31.58 -32.46 0.42
CA ILE D 269 -31.64 -33.90 0.68
C ILE D 269 -33.07 -34.27 1.05
N ILE D 270 -33.72 -33.43 1.85
CA ILE D 270 -35.03 -33.74 2.36
C ILE D 270 -36.03 -33.85 1.19
N LYS D 271 -35.86 -33.04 0.14
CA LYS D 271 -36.77 -33.06 -1.00
C LYS D 271 -36.83 -34.46 -1.63
N VAL D 272 -35.69 -35.18 -1.69
CA VAL D 272 -35.65 -36.54 -2.27
C VAL D 272 -35.92 -37.59 -1.20
N LEU D 273 -35.12 -37.60 -0.13
CA LEU D 273 -35.18 -38.63 0.92
C LEU D 273 -36.40 -38.51 1.84
N GLY D 274 -37.01 -37.32 1.92
CA GLY D 274 -38.05 -37.08 2.91
C GLY D 274 -37.43 -36.73 4.27
N THR D 275 -38.24 -36.29 5.22
CA THR D 275 -37.75 -35.89 6.54
C THR D 275 -37.21 -37.13 7.27
N PRO D 276 -36.07 -37.05 7.96
CA PRO D 276 -35.55 -38.21 8.70
C PRO D 276 -36.37 -38.43 9.98
N THR D 277 -36.48 -39.70 10.38
CA THR D 277 -37.18 -40.10 11.60
C THR D 277 -36.32 -39.75 12.81
N ARG D 278 -36.94 -39.76 14.01
CA ARG D 278 -36.23 -39.55 15.27
C ARG D 278 -35.11 -40.58 15.39
N GLU D 279 -35.42 -41.86 15.10
CA GLU D 279 -34.41 -42.93 15.16
C GLU D 279 -33.25 -42.56 14.23
N GLN D 280 -33.54 -41.98 13.06
CA GLN D 280 -32.52 -41.71 12.03
C GLN D 280 -31.60 -40.58 12.51
N ILE D 281 -32.17 -39.55 13.14
CA ILE D 281 -31.35 -38.45 13.66
C ILE D 281 -30.43 -38.94 14.80
N ARG D 282 -30.92 -39.80 15.71
CA ARG D 282 -30.11 -40.28 16.83
C ARG D 282 -28.85 -40.98 16.28
N GLU D 283 -29.05 -41.77 15.22
CA GLU D 283 -28.00 -42.54 14.59
C GLU D 283 -27.01 -41.60 13.88
N MET D 284 -27.42 -40.36 13.59
CA MET D 284 -26.54 -39.41 12.90
C MET D 284 -25.61 -38.66 13.89
N ASN D 285 -25.77 -38.89 15.20
CA ASN D 285 -24.87 -38.39 16.31
C ASN D 285 -24.78 -36.86 16.28
N PRO D 286 -25.92 -36.15 16.40
CA PRO D 286 -25.97 -34.72 16.13
C PRO D 286 -25.56 -33.80 17.30
N ASN D 287 -24.70 -32.80 17.03
CA ASN D 287 -24.39 -31.75 18.05
C ASN D 287 -25.63 -30.85 18.23
N TYR D 288 -26.33 -30.55 17.12
CA TYR D 288 -27.57 -29.74 17.13
C TYR D 288 -28.60 -30.34 16.16
N THR D 289 -29.90 -30.20 16.43
CA THR D 289 -30.90 -30.73 15.50
C THR D 289 -32.05 -29.73 15.27
N GLU D 290 -31.96 -28.50 15.79
CA GLU D 290 -33.11 -27.56 15.79
C GLU D 290 -33.11 -26.68 14.53
N PHE D 291 -33.46 -27.24 13.34
CA PHE D 291 -33.45 -26.47 12.05
C PHE D 291 -34.83 -25.88 11.75
N PHE D 293 -37.80 -26.97 10.32
CA PHE D 293 -38.00 -27.47 8.95
C PHE D 293 -39.37 -28.15 8.81
N PRO D 294 -40.18 -27.80 7.79
CA PRO D 294 -41.47 -28.46 7.58
C PRO D 294 -41.29 -29.94 7.20
N GLN D 295 -42.20 -30.79 7.70
CA GLN D 295 -42.27 -32.23 7.39
C GLN D 295 -42.41 -32.43 5.88
N ILE D 296 -41.82 -33.52 5.35
CA ILE D 296 -41.88 -33.82 3.92
C ILE D 296 -41.79 -35.33 3.70
N LYS D 297 -42.69 -35.86 2.85
CA LYS D 297 -42.75 -37.29 2.47
C LYS D 297 -41.65 -37.60 1.43
N ALA D 298 -41.12 -38.83 1.48
CA ALA D 298 -40.01 -39.26 0.61
C ALA D 298 -40.49 -39.39 -0.84
N HIS D 299 -39.63 -38.97 -1.78
CA HIS D 299 -39.88 -39.15 -3.21
C HIS D 299 -39.32 -40.51 -3.63
N PRO D 300 -40.06 -41.32 -4.42
CA PRO D 300 -39.55 -42.62 -4.86
C PRO D 300 -38.30 -42.43 -5.73
N TRP D 301 -37.28 -43.28 -5.51
CA TRP D 301 -36.00 -43.17 -6.17
C TRP D 301 -36.16 -43.29 -7.69
N THR D 302 -37.07 -44.16 -8.14
CA THR D 302 -37.16 -44.39 -9.57
C THR D 302 -37.56 -43.09 -10.28
N LYS D 303 -38.48 -42.31 -9.69
CA LYS D 303 -38.97 -41.08 -10.29
C LYS D 303 -37.90 -39.98 -10.32
N VAL D 304 -36.85 -40.10 -9.52
CA VAL D 304 -35.78 -39.12 -9.50
C VAL D 304 -35.06 -39.10 -10.86
N PHE D 305 -34.77 -40.28 -11.40
CA PHE D 305 -33.96 -40.38 -12.59
C PHE D 305 -34.81 -40.49 -13.86
N ARG D 306 -34.15 -40.26 -14.99
CA ARG D 306 -34.75 -40.33 -16.31
C ARG D 306 -35.24 -41.74 -16.64
N PRO D 307 -36.16 -41.88 -17.61
CA PRO D 307 -36.63 -43.20 -18.03
C PRO D 307 -35.45 -43.97 -18.65
N ARG D 308 -35.39 -45.26 -18.32
CA ARG D 308 -34.44 -46.25 -18.78
C ARG D 308 -33.09 -46.07 -18.07
N THR D 309 -33.07 -45.39 -16.91
CA THR D 309 -31.90 -45.41 -16.07
C THR D 309 -31.84 -46.81 -15.47
N PRO D 310 -30.74 -47.55 -15.60
CA PRO D 310 -30.67 -48.94 -15.15
C PRO D 310 -31.10 -49.16 -13.71
N PRO D 311 -32.12 -50.01 -13.45
CA PRO D 311 -32.63 -50.20 -12.08
C PRO D 311 -31.57 -50.66 -11.08
N GLU D 312 -30.57 -51.41 -11.53
CA GLU D 312 -29.46 -51.76 -10.65
C GLU D 312 -28.72 -50.48 -10.20
N ALA D 313 -28.55 -49.50 -11.08
CA ALA D 313 -27.87 -48.23 -10.69
C ALA D 313 -28.68 -47.49 -9.63
N ILE D 314 -30.01 -47.46 -9.78
CA ILE D 314 -30.88 -46.75 -8.83
C ILE D 314 -30.90 -47.50 -7.50
N ALA D 315 -30.85 -48.83 -7.54
CA ALA D 315 -30.84 -49.63 -6.33
C ALA D 315 -29.54 -49.41 -5.53
N LEU D 316 -28.39 -49.41 -6.20
CA LEU D 316 -27.09 -49.18 -5.57
C LEU D 316 -27.08 -47.77 -4.93
N CYS D 317 -27.64 -46.80 -5.66
CA CYS D 317 -27.71 -45.42 -5.28
C CYS D 317 -28.53 -45.25 -3.99
N SER D 318 -29.66 -45.94 -3.91
CA SER D 318 -30.50 -45.88 -2.71
C SER D 318 -29.87 -46.54 -1.49
N ARG D 319 -28.85 -47.39 -1.66
CA ARG D 319 -28.15 -48.08 -0.56
C ARG D 319 -26.90 -47.30 -0.16
N LEU D 320 -26.54 -46.26 -0.90
CA LEU D 320 -25.42 -45.40 -0.56
C LEU D 320 -25.95 -44.17 0.19
N LEU D 321 -27.08 -43.65 -0.30
CA LEU D 321 -27.68 -42.42 0.21
C LEU D 321 -28.71 -42.74 1.28
N GLU D 322 -28.26 -43.32 2.40
CA GLU D 322 -29.11 -43.63 3.53
C GLU D 322 -28.81 -42.63 4.64
N TYR D 323 -29.86 -42.17 5.32
CA TYR D 323 -29.78 -41.29 6.47
C TYR D 323 -28.94 -41.92 7.58
N THR D 324 -29.22 -43.18 7.94
CA THR D 324 -28.49 -43.82 9.00
C THR D 324 -27.13 -44.24 8.46
N PRO D 325 -26.03 -43.70 9.00
CA PRO D 325 -24.70 -43.96 8.44
C PRO D 325 -24.36 -45.45 8.39
N THR D 326 -24.75 -46.18 9.43
CA THR D 326 -24.43 -47.61 9.52
C THR D 326 -25.24 -48.44 8.51
N ALA D 327 -26.34 -47.87 7.99
CA ALA D 327 -27.19 -48.54 6.99
C ALA D 327 -26.54 -48.54 5.59
N ARG D 328 -25.57 -47.66 5.35
CA ARG D 328 -24.99 -47.49 4.04
C ARG D 328 -24.08 -48.69 3.78
N LEU D 329 -23.89 -49.05 2.50
CA LEU D 329 -23.00 -50.10 2.10
C LEU D 329 -21.57 -49.70 2.47
N THR D 330 -20.72 -50.68 2.78
CA THR D 330 -19.30 -50.41 2.79
C THR D 330 -18.80 -50.37 1.36
N PRO D 331 -17.61 -49.78 1.10
CA PRO D 331 -17.07 -49.73 -0.25
C PRO D 331 -16.77 -51.10 -0.92
N LEU D 332 -16.33 -52.07 -0.13
CA LEU D 332 -16.09 -53.40 -0.69
C LEU D 332 -17.43 -53.99 -1.14
N GLU D 333 -18.45 -53.87 -0.29
CA GLU D 333 -19.80 -54.33 -0.57
C GLU D 333 -20.34 -53.66 -1.84
N ALA D 334 -20.15 -52.34 -1.94
CA ALA D 334 -20.62 -51.61 -3.11
C ALA D 334 -19.93 -52.16 -4.36
N CYS D 335 -18.65 -52.48 -4.23
CA CYS D 335 -17.85 -53.05 -5.34
C CYS D 335 -18.50 -54.36 -5.85
N ALA D 336 -19.08 -55.13 -4.91
CA ALA D 336 -19.69 -56.45 -5.13
C ALA D 336 -21.17 -56.34 -5.49
N HIS D 337 -21.71 -55.13 -5.65
CA HIS D 337 -23.14 -54.93 -5.99
C HIS D 337 -23.35 -55.38 -7.44
N SER D 338 -24.60 -55.75 -7.76
CA SER D 338 -24.96 -56.34 -9.06
C SER D 338 -24.69 -55.38 -10.23
N PHE D 339 -24.77 -54.07 -9.98
CA PHE D 339 -24.58 -53.01 -10.97
C PHE D 339 -23.23 -53.14 -11.66
N PHE D 340 -22.23 -53.71 -10.97
CA PHE D 340 -20.87 -53.84 -11.53
C PHE D 340 -20.62 -55.24 -12.14
N ASP D 341 -21.67 -56.06 -12.26
CA ASP D 341 -21.54 -57.45 -12.76
C ASP D 341 -20.96 -57.47 -14.18
N GLU D 342 -21.37 -56.55 -15.05
CA GLU D 342 -20.87 -56.50 -16.43
C GLU D 342 -19.33 -56.44 -16.41
N LEU D 343 -18.75 -55.73 -15.43
CA LEU D 343 -17.29 -55.56 -15.37
C LEU D 343 -16.59 -56.89 -15.05
N ARG D 344 -17.31 -57.80 -14.37
CA ARG D 344 -16.81 -59.09 -13.95
C ARG D 344 -16.87 -60.11 -15.11
N ASP D 345 -17.73 -59.86 -16.11
CA ASP D 345 -17.86 -60.76 -17.27
C ASP D 345 -16.55 -60.76 -18.05
N PRO D 346 -16.11 -61.93 -18.59
CA PRO D 346 -14.79 -62.06 -19.21
C PRO D 346 -14.64 -61.46 -20.63
N ASN D 347 -15.75 -61.10 -21.28
CA ASN D 347 -15.68 -60.54 -22.64
C ASN D 347 -15.67 -59.00 -22.62
N VAL D 348 -15.92 -58.38 -21.45
CA VAL D 348 -16.12 -56.93 -21.39
C VAL D 348 -14.88 -56.22 -21.92
N LYS D 349 -15.11 -55.18 -22.74
CA LYS D 349 -14.07 -54.30 -23.24
C LYS D 349 -14.57 -52.85 -23.12
N LEU D 350 -13.64 -51.90 -23.12
CA LEU D 350 -13.97 -50.49 -23.21
C LEU D 350 -14.56 -50.22 -24.58
N PRO D 351 -15.26 -49.09 -24.81
CA PRO D 351 -15.71 -48.74 -26.15
C PRO D 351 -14.57 -48.63 -27.17
N ASN D 352 -13.31 -48.76 -26.76
CA ASN D 352 -12.25 -48.85 -27.76
C ASN D 352 -11.67 -50.27 -27.80
N ARG D 354 -10.47 -50.22 -25.36
CA ARG D 354 -9.95 -51.55 -25.68
C ARG D 354 -10.16 -52.44 -24.44
N ASP D 355 -9.08 -53.04 -23.91
CA ASP D 355 -9.21 -53.94 -22.75
C ASP D 355 -9.41 -53.09 -21.48
N THR D 356 -10.18 -53.60 -20.51
CA THR D 356 -10.45 -52.85 -19.28
C THR D 356 -9.23 -52.97 -18.36
N PRO D 357 -9.04 -52.06 -17.37
CA PRO D 357 -7.87 -52.10 -16.50
C PRO D 357 -8.01 -53.20 -15.44
N ALA D 358 -6.93 -53.49 -14.70
CA ALA D 358 -7.01 -54.53 -13.69
C ALA D 358 -8.04 -54.10 -12.65
N LEU D 359 -9.16 -54.82 -12.56
CA LEU D 359 -10.22 -54.53 -11.62
C LEU D 359 -10.16 -55.49 -10.44
N PHE D 360 -9.55 -56.66 -10.66
CA PHE D 360 -9.69 -57.79 -9.76
C PHE D 360 -8.37 -58.20 -9.13
N ASN D 361 -7.26 -57.52 -9.43
CA ASN D 361 -5.98 -57.91 -8.84
C ASN D 361 -5.96 -57.40 -7.40
N PHE D 362 -6.79 -58.01 -6.54
CA PHE D 362 -7.00 -57.56 -5.16
C PHE D 362 -5.76 -57.85 -4.30
N THR D 363 -5.74 -57.20 -3.14
CA THR D 363 -4.72 -57.36 -2.12
C THR D 363 -5.43 -57.87 -0.86
N THR D 364 -4.68 -58.52 0.02
CA THR D 364 -5.28 -59.08 1.19
C THR D 364 -5.77 -57.93 2.08
N GLN D 365 -5.06 -56.79 2.08
CA GLN D 365 -5.43 -55.63 2.93
C GLN D 365 -6.80 -55.07 2.52
N GLU D 366 -7.06 -55.01 1.21
CA GLU D 366 -8.31 -54.43 0.65
C GLU D 366 -9.51 -55.26 1.11
N LEU D 367 -9.33 -56.59 1.19
CA LEU D 367 -10.40 -57.51 1.49
C LEU D 367 -10.58 -57.62 3.01
N SER D 368 -9.68 -57.00 3.77
CA SER D 368 -9.61 -57.16 5.22
C SER D 368 -10.94 -56.76 5.89
N SER D 369 -11.72 -55.86 5.28
CA SER D 369 -13.01 -55.42 5.88
C SER D 369 -13.92 -56.64 6.04
N ASN D 370 -13.92 -57.48 5.01
CA ASN D 370 -14.78 -58.67 4.90
C ASN D 370 -14.17 -59.60 3.84
N PRO D 371 -13.30 -60.58 4.20
CA PRO D 371 -12.59 -61.39 3.20
C PRO D 371 -13.40 -62.42 2.39
N PRO D 372 -14.56 -62.91 2.89
CA PRO D 372 -15.43 -63.82 2.13
C PRO D 372 -15.95 -63.19 0.84
N LEU D 373 -16.00 -61.84 0.83
CA LEU D 373 -16.50 -61.07 -0.29
C LEU D 373 -15.68 -61.34 -1.54
N ALA D 374 -14.47 -61.89 -1.35
CA ALA D 374 -13.51 -62.20 -2.40
C ALA D 374 -14.11 -63.13 -3.45
N THR D 375 -15.09 -63.94 -3.04
CA THR D 375 -15.75 -64.90 -3.91
C THR D 375 -16.41 -64.19 -5.09
N ILE D 376 -17.17 -63.13 -4.79
CA ILE D 376 -17.86 -62.34 -5.81
C ILE D 376 -16.87 -61.39 -6.49
N LEU D 377 -16.04 -60.74 -5.68
CA LEU D 377 -15.17 -59.68 -6.19
C LEU D 377 -14.16 -60.25 -7.19
N ILE D 378 -13.55 -61.40 -6.88
CA ILE D 378 -12.63 -62.00 -7.84
C ILE D 378 -13.41 -63.06 -8.60
N PRO D 379 -13.58 -62.93 -9.92
CA PRO D 379 -14.50 -63.77 -10.66
C PRO D 379 -13.89 -65.16 -10.82
N PRO D 380 -14.69 -66.20 -11.12
CA PRO D 380 -14.16 -67.55 -11.23
C PRO D 380 -12.98 -67.61 -12.20
N HIS D 381 -13.01 -66.74 -13.23
CA HIS D 381 -12.03 -66.78 -14.33
C HIS D 381 -10.67 -66.14 -13.93
N ALA D 382 -10.28 -66.24 -12.65
CA ALA D 382 -8.94 -65.82 -12.18
C ALA D 382 -8.66 -66.42 -10.81
OAB MRI E . 17.84 36.75 1.35
CAM MRI E . 16.77 37.57 1.59
CAN MRI E . 16.54 38.65 0.61
OAD MRI E . 17.33 38.73 -0.38
CAI MRI E . 15.38 39.55 0.86
CAO MRI E . 15.12 40.58 -0.01
OAC MRI E . 15.95 40.75 -1.10
CAS MRI E . 14.02 41.43 0.21
CAR MRI E . 13.20 41.24 1.31
OAF MRI E . 12.13 42.07 1.50
CAP MRI E . 13.46 40.20 2.19
CAJ MRI E . 14.54 39.37 1.96
OAA MRI E . 14.77 38.36 2.84
CAK MRI E . 15.80 37.44 2.71
CAL MRI E . 15.91 36.43 3.81
CAT MRI E . 15.31 36.84 5.04
CAV MRI E . 15.41 36.04 6.19
CAW MRI E . 16.08 34.84 6.11
OAG MRI E . 16.15 34.10 7.21
CAU MRI E . 16.65 34.40 4.90
CAQ MRI E . 16.57 35.21 3.75
OAE MRI E . 17.16 34.74 2.62
C1 GOL F . 30.59 27.73 -10.41
O1 GOL F . 29.31 27.84 -10.96
C2 GOL F . 30.72 29.05 -9.75
O2 GOL F . 29.63 29.16 -8.85
C3 GOL F . 32.13 29.00 -9.14
O3 GOL F . 32.50 30.38 -9.13
OAB MRI G . 26.29 11.21 3.02
CAM MRI G . 25.95 9.89 2.82
CAN MRI G . 26.43 8.88 3.79
OAD MRI G . 27.13 9.28 4.77
CAI MRI G . 26.07 7.44 3.53
CAO MRI G . 26.50 6.52 4.40
OAC MRI G . 27.24 7.03 5.46
CAS MRI G . 26.20 5.16 4.22
CAR MRI G . 25.47 4.75 3.12
OAF MRI G . 25.14 3.44 2.99
CAP MRI G . 25.00 5.71 2.22
CAJ MRI G . 25.33 7.06 2.44
OAA MRI G . 24.89 8.03 1.57
CAK MRI G . 25.13 9.38 1.68
CAL MRI G . 24.65 10.23 0.55
CAT MRI G . 24.53 9.52 -0.65
CAV MRI G . 24.16 10.14 -1.84
CAW MRI G . 23.93 11.52 -1.84
OAG MRI G . 23.58 12.09 -3.01
CAU MRI G . 24.07 12.26 -0.65
CAQ MRI G . 24.45 11.63 0.56
OAE MRI G . 24.56 12.40 1.68
C1 GOL H . 32.42 25.77 14.03
O1 GOL H . 33.38 24.93 14.77
C2 GOL H . 31.08 24.97 13.68
O2 GOL H . 31.24 23.68 13.06
C3 GOL H . 30.41 24.51 14.90
O3 GOL H . 29.67 25.60 15.38
C1 GOL I . -4.33 -12.08 4.91
O1 GOL I . -3.73 -10.83 4.69
C2 GOL I . -4.51 -12.17 6.38
O2 GOL I . -5.76 -12.76 6.63
C3 GOL I . -3.29 -12.97 6.92
O3 GOL I . -2.98 -12.49 8.22
C1 GOL J . -10.96 -32.38 12.76
O1 GOL J . -10.99 -33.59 12.02
C2 GOL J . -9.64 -31.77 12.43
O2 GOL J . -9.26 -32.32 11.13
C3 GOL J . -8.77 -32.17 13.65
O3 GOL J . -7.48 -32.58 13.21
#